data_5UJW
#
_entry.id   5UJW
#
_cell.length_a   76.724
_cell.length_b   136.965
_cell.length_c   84.602
_cell.angle_alpha   90.000
_cell.angle_beta   89.980
_cell.angle_gamma   90.000
#
_symmetry.space_group_name_H-M   'P 1 2 1'
#
loop_
_entity.id
_entity.type
_entity.pdbx_description
1 polymer 'Triosephosphate isomerase'
2 non-polymer 1,3-DIHYDROXYACETONEPHOSPHATE
3 non-polymer 'ISOPROPYL ALCOHOL'
4 non-polymer 1,2-ETHANEDIOL
5 non-polymer 'CITRIC ACID'
6 water water
#
_entity_poly.entity_id   1
_entity_poly.type   'polypeptide(L)'
_entity_poly.pdbx_seq_one_letter_code
;(MSE)QKLI(MSE)GNWK(MSE)NGNSTSIKELCSGISQVQYDTSRVAIAVFPSSVYVKEVISQLPEKVGVGLQNITFYD
DGAYTGEISAR(MSE)LEDIGCDYLLIGHSERRSLFAESDEDVFKKLNKIIDTTITPVVCIGESLDDRQSGKLKQVLATQ
LSLILENLSVEQLAKVVIAYEPVWAIGTGVVASLEQIQETHQFIRSLLAKVDERLAKNIKIVYGGSLKAENAKDILSLPD
VDGGLIGGASLKAAEFNEIINQANKICTE
;
_entity_poly.pdbx_strand_id   A,B,C,D,E,F
#
# COMPACT_ATOMS: atom_id res chain seq x y z
N GLN A 2 19.89 1.84 -60.10
CA GLN A 2 20.37 2.22 -58.78
C GLN A 2 19.56 3.37 -58.21
N LYS A 3 18.30 3.09 -57.86
CA LYS A 3 17.40 4.11 -57.33
C LYS A 3 17.91 4.57 -55.96
N LEU A 4 18.30 5.84 -55.88
CA LEU A 4 18.99 6.38 -54.71
C LEU A 4 17.97 6.98 -53.75
N ILE A 5 17.72 6.29 -52.64
CA ILE A 5 16.81 6.77 -51.60
C ILE A 5 17.64 6.95 -50.32
N GLY A 7 18.34 9.20 -46.43
CA GLY A 7 17.70 9.91 -45.35
C GLY A 7 18.61 10.85 -44.59
N ASN A 8 18.24 12.11 -44.52
CA ASN A 8 18.94 13.07 -43.68
C ASN A 8 18.40 12.97 -42.26
N TRP A 9 19.23 12.49 -41.34
CA TRP A 9 18.81 12.34 -39.96
C TRP A 9 18.77 13.67 -39.22
N LYS A 10 19.63 14.61 -39.61
CA LYS A 10 19.71 15.93 -39.01
C LYS A 10 20.00 15.85 -37.51
N ASN A 12 18.97 15.21 -34.59
CA ASN A 12 17.85 14.65 -33.88
C ASN A 12 18.25 13.26 -33.41
N GLY A 13 17.95 12.95 -32.16
CA GLY A 13 18.13 11.62 -31.64
C GLY A 13 19.25 11.52 -30.64
N ASN A 14 19.61 10.29 -30.32
CA ASN A 14 20.55 9.97 -29.27
C ASN A 14 21.17 8.61 -29.59
N SER A 15 22.01 8.14 -28.67
CA SER A 15 22.65 6.83 -28.89
C SER A 15 21.62 5.71 -28.88
N THR A 16 20.62 5.78 -28.00
CA THR A 16 19.67 4.68 -27.90
C THR A 16 18.66 4.70 -29.03
N SER A 17 18.12 5.88 -29.39
CA SER A 17 17.15 5.93 -30.47
C SER A 17 17.77 5.59 -31.83
N ILE A 18 19.10 5.65 -31.94
CA ILE A 18 19.76 5.32 -33.20
C ILE A 18 19.98 3.82 -33.31
N LYS A 19 20.46 3.19 -32.25
CA LYS A 19 20.67 1.74 -32.27
C LYS A 19 19.35 0.99 -32.41
N GLU A 20 18.27 1.52 -31.80
CA GLU A 20 16.96 0.91 -32.02
C GLU A 20 16.50 1.06 -33.46
N LEU A 21 16.98 2.10 -34.15
CA LEU A 21 16.60 2.35 -35.54
C LEU A 21 17.43 1.54 -36.51
N CYS A 22 18.76 1.49 -36.32
CA CYS A 22 19.61 0.73 -37.22
C CYS A 22 19.23 -0.74 -37.23
N SER A 23 18.76 -1.28 -36.10
CA SER A 23 18.16 -2.60 -36.11
C SER A 23 16.88 -2.61 -36.92
N GLY A 24 16.06 -1.56 -36.78
CA GLY A 24 14.84 -1.47 -37.57
C GLY A 24 15.13 -1.14 -39.03
N ILE A 25 16.12 -0.29 -39.28
CA ILE A 25 16.52 0.00 -40.66
C ILE A 25 16.95 -1.28 -41.36
N SER A 26 17.72 -2.12 -40.66
CA SER A 26 18.14 -3.42 -41.19
C SER A 26 16.91 -4.32 -41.29
N GLN A 27 16.32 -4.39 -42.48
CA GLN A 27 15.14 -5.20 -42.71
C GLN A 27 15.05 -5.66 -44.15
N THR A 32 14.14 -5.32 -51.31
CA THR A 32 15.53 -4.88 -51.25
C THR A 32 16.31 -5.37 -52.47
N SER A 33 15.86 -4.99 -53.66
CA SER A 33 16.50 -5.42 -54.90
C SER A 33 17.63 -4.43 -55.23
N ARG A 34 18.06 -4.43 -56.49
CA ARG A 34 19.17 -3.58 -56.96
C ARG A 34 18.75 -2.12 -56.86
N VAL A 35 18.74 -1.60 -55.63
CA VAL A 35 18.46 -0.19 -55.38
C VAL A 35 19.59 0.37 -54.52
N ALA A 36 19.42 1.60 -54.06
CA ALA A 36 20.46 2.27 -53.27
C ALA A 36 19.80 2.99 -52.12
N ILE A 37 20.19 2.63 -50.89
CA ILE A 37 19.68 3.26 -49.68
C ILE A 37 20.88 3.86 -48.93
N ALA A 38 20.67 5.03 -48.33
CA ALA A 38 21.74 5.69 -47.61
C ALA A 38 21.17 6.45 -46.42
N VAL A 39 22.07 6.84 -45.52
CA VAL A 39 21.72 7.47 -44.25
C VAL A 39 22.84 8.43 -43.88
N PHE A 40 22.47 9.62 -43.41
CA PHE A 40 23.42 10.66 -42.99
C PHE A 40 23.16 11.04 -41.55
N PRO A 41 23.74 10.32 -40.60
CA PRO A 41 23.57 10.65 -39.18
C PRO A 41 24.46 11.82 -38.78
N SER A 42 24.29 12.26 -37.54
CA SER A 42 25.10 13.33 -37.00
C SER A 42 26.54 12.85 -36.82
N SER A 43 27.45 13.82 -36.63
CA SER A 43 28.88 13.54 -36.63
C SER A 43 29.26 12.59 -35.50
N VAL A 44 28.65 12.75 -34.33
CA VAL A 44 29.06 12.01 -33.15
C VAL A 44 28.66 10.53 -33.18
N TYR A 45 27.77 10.14 -34.10
CA TYR A 45 27.24 8.78 -34.11
C TYR A 45 27.62 7.98 -35.35
N VAL A 46 28.56 8.46 -36.16
CA VAL A 46 28.79 7.83 -37.46
C VAL A 46 29.40 6.45 -37.30
N LYS A 47 30.40 6.30 -36.43
CA LYS A 47 31.07 5.01 -36.26
C LYS A 47 30.13 3.97 -35.65
N GLU A 48 29.17 4.41 -34.82
CA GLU A 48 28.19 3.49 -34.29
C GLU A 48 27.25 3.00 -35.38
N VAL A 49 26.84 3.88 -36.28
CA VAL A 49 25.81 3.55 -37.26
C VAL A 49 26.36 2.59 -38.32
N ILE A 50 27.57 2.85 -38.82
CA ILE A 50 28.18 1.93 -39.78
C ILE A 50 28.40 0.56 -39.15
N SER A 51 28.53 0.50 -37.83
CA SER A 51 28.73 -0.76 -37.15
C SER A 51 27.43 -1.52 -36.92
N GLN A 52 26.28 -0.85 -37.03
CA GLN A 52 24.99 -1.47 -36.81
C GLN A 52 24.19 -1.67 -38.09
N LEU A 53 24.82 -1.49 -39.25
CA LEU A 53 24.20 -1.66 -40.56
C LEU A 53 25.11 -2.47 -41.45
N PRO A 54 24.57 -3.17 -42.44
CA PRO A 54 25.41 -3.80 -43.46
C PRO A 54 26.01 -2.76 -44.39
N GLU A 55 27.14 -3.13 -45.00
CA GLU A 55 27.82 -2.21 -45.91
C GLU A 55 26.99 -1.92 -47.16
N LYS A 56 26.01 -2.76 -47.47
CA LYS A 56 25.11 -2.46 -48.58
C LYS A 56 24.45 -1.10 -48.41
N VAL A 57 24.16 -0.71 -47.18
CA VAL A 57 23.66 0.64 -46.91
C VAL A 57 24.83 1.61 -46.88
N GLY A 58 24.72 2.69 -47.64
CA GLY A 58 25.75 3.72 -47.64
C GLY A 58 25.52 4.71 -46.51
N VAL A 59 26.61 5.07 -45.84
CA VAL A 59 26.58 6.02 -44.73
C VAL A 59 27.52 7.16 -45.03
N GLY A 60 27.10 8.38 -44.70
CA GLY A 60 27.92 9.55 -44.87
C GLY A 60 27.62 10.57 -43.79
N LEU A 61 28.34 11.68 -43.84
CA LEU A 61 28.15 12.78 -42.91
C LEU A 61 27.38 13.91 -43.58
N GLN A 62 26.73 14.73 -42.76
CA GLN A 62 25.93 15.83 -43.28
C GLN A 62 26.75 17.10 -43.54
N ASN A 63 28.02 17.13 -43.14
CA ASN A 63 28.89 18.26 -43.45
C ASN A 63 30.34 17.90 -43.12
N ILE A 64 31.26 18.40 -43.93
CA ILE A 64 32.68 18.41 -43.62
C ILE A 64 33.20 19.81 -43.87
N THR A 65 34.53 19.96 -43.89
CA THR A 65 35.15 21.24 -44.19
C THR A 65 36.28 21.01 -45.19
N PHE A 66 36.36 21.90 -46.19
CA PHE A 66 37.35 21.77 -47.27
C PHE A 66 38.78 22.08 -46.82
N TYR A 67 39.03 22.30 -45.53
CA TYR A 67 40.38 22.54 -45.06
C TYR A 67 41.12 21.23 -44.84
N ASP A 68 42.43 21.26 -45.07
CA ASP A 68 43.27 20.14 -44.68
C ASP A 68 43.41 20.09 -43.17
N ASP A 69 43.74 18.91 -42.65
CA ASP A 69 43.88 18.71 -41.21
C ASP A 69 44.83 19.73 -40.60
N GLY A 70 44.49 20.20 -39.41
CA GLY A 70 45.34 21.13 -38.72
C GLY A 70 44.51 22.07 -37.83
N ALA A 71 44.94 23.32 -37.77
CA ALA A 71 44.35 24.31 -36.89
C ALA A 71 42.95 24.74 -37.36
N TYR A 72 41.96 23.88 -37.17
CA TYR A 72 40.59 24.17 -37.58
C TYR A 72 39.65 23.56 -36.53
N THR A 73 39.20 24.40 -35.59
CA THR A 73 38.45 23.94 -34.45
C THR A 73 37.00 23.60 -34.82
N GLY A 74 36.50 22.49 -34.27
CA GLY A 74 35.12 22.12 -34.45
C GLY A 74 34.74 21.70 -35.85
N GLU A 75 35.70 21.24 -36.65
CA GLU A 75 35.44 20.89 -38.03
C GLU A 75 35.91 19.47 -38.31
N ILE A 76 35.43 18.94 -39.43
CA ILE A 76 35.82 17.63 -39.93
C ILE A 76 36.27 17.78 -41.38
N SER A 77 37.28 17.00 -41.76
CA SER A 77 37.89 17.09 -43.08
C SER A 77 37.56 15.86 -43.91
N ALA A 78 37.87 15.96 -45.21
CA ALA A 78 37.63 14.84 -46.12
C ALA A 78 38.50 13.65 -45.77
N ARG A 79 39.74 13.90 -45.32
CA ARG A 79 40.57 12.81 -44.84
C ARG A 79 40.03 12.23 -43.54
N LEU A 81 36.93 12.34 -43.01
CA LEU A 81 35.68 11.75 -43.47
C LEU A 81 35.89 10.31 -43.93
N GLU A 82 36.97 10.04 -44.65
CA GLU A 82 37.23 8.70 -45.15
C GLU A 82 37.69 7.76 -44.04
N ASP A 83 38.28 8.29 -42.98
CA ASP A 83 38.77 7.44 -41.90
C ASP A 83 37.63 6.80 -41.12
N ILE A 84 36.47 7.47 -41.07
CA ILE A 84 35.30 6.93 -40.38
C ILE A 84 34.61 5.83 -41.19
N GLY A 85 34.87 5.77 -42.49
CA GLY A 85 34.21 4.80 -43.33
C GLY A 85 32.98 5.31 -44.03
N CYS A 86 32.87 6.61 -44.24
CA CYS A 86 31.71 7.19 -44.89
C CYS A 86 31.76 6.93 -46.40
N ASP A 87 30.66 6.40 -46.94
CA ASP A 87 30.59 6.11 -48.37
C ASP A 87 30.20 7.34 -49.16
N TYR A 88 29.27 8.14 -48.64
CA TYR A 88 28.76 9.32 -49.31
C TYR A 88 29.07 10.56 -48.47
N LEU A 89 28.67 11.73 -48.98
CA LEU A 89 28.85 12.98 -48.26
C LEU A 89 27.84 14.00 -48.76
N LEU A 90 27.16 14.65 -47.82
CA LEU A 90 26.18 15.69 -48.13
C LEU A 90 26.88 17.02 -48.31
N ILE A 91 26.53 17.74 -49.37
CA ILE A 91 27.11 19.04 -49.68
C ILE A 91 25.99 20.02 -50.03
N GLY A 92 26.08 21.24 -49.48
CA GLY A 92 25.21 22.31 -49.89
C GLY A 92 23.79 22.26 -49.36
N HIS A 93 23.60 21.74 -48.14
CA HIS A 93 22.26 21.70 -47.57
C HIS A 93 21.76 23.12 -47.30
N SER A 94 20.45 23.31 -47.49
CA SER A 94 19.86 24.64 -47.36
C SER A 94 20.08 25.20 -45.96
N GLU A 95 20.03 24.35 -44.93
CA GLU A 95 20.18 24.85 -43.57
C GLU A 95 21.61 25.29 -43.28
N ARG A 96 22.59 24.58 -43.83
CA ARG A 96 23.96 25.09 -43.78
C ARG A 96 24.11 26.34 -44.64
N ARG A 97 23.29 26.46 -45.69
CA ARG A 97 23.33 27.63 -46.56
C ARG A 97 22.54 28.79 -45.97
N SER A 98 21.46 28.52 -45.25
CA SER A 98 20.61 29.58 -44.72
C SER A 98 21.02 30.00 -43.30
N LEU A 99 21.37 29.04 -42.45
CA LEU A 99 21.72 29.35 -41.07
C LEU A 99 23.22 29.51 -40.84
N PHE A 100 24.04 29.23 -41.86
CA PHE A 100 25.48 29.42 -41.72
C PHE A 100 26.09 30.08 -42.95
N ALA A 101 25.28 30.51 -43.93
CA ALA A 101 25.75 31.24 -45.10
C ALA A 101 26.79 30.44 -45.89
N GLU A 102 26.45 29.19 -46.19
CA GLU A 102 27.28 28.36 -47.05
C GLU A 102 27.09 28.80 -48.49
N SER A 103 28.15 29.28 -49.11
CA SER A 103 28.07 29.84 -50.46
C SER A 103 28.31 28.76 -51.51
N ASP A 104 28.08 29.14 -52.77
CA ASP A 104 28.42 28.24 -53.88
C ASP A 104 29.92 28.01 -53.95
N GLU A 105 30.72 29.00 -53.55
CA GLU A 105 32.16 28.80 -53.48
C GLU A 105 32.53 27.78 -52.41
N ASP A 106 31.80 27.78 -51.28
CA ASP A 106 32.03 26.78 -50.24
C ASP A 106 31.66 25.39 -50.74
N VAL A 107 30.62 25.29 -51.57
CA VAL A 107 30.18 23.99 -52.07
C VAL A 107 31.24 23.38 -52.98
N PHE A 108 31.77 24.17 -53.92
CA PHE A 108 32.73 23.63 -54.87
C PHE A 108 34.05 23.27 -54.18
N LYS A 109 34.46 24.05 -53.18
CA LYS A 109 35.69 23.74 -52.45
C LYS A 109 35.60 22.38 -51.78
N LYS A 110 34.49 22.13 -51.08
CA LYS A 110 34.31 20.84 -50.42
C LYS A 110 34.15 19.71 -51.42
N LEU A 111 33.43 19.99 -52.53
CA LEU A 111 33.22 18.95 -53.54
C LEU A 111 34.54 18.51 -54.17
N ASN A 112 35.44 19.47 -54.42
CA ASN A 112 36.72 19.14 -55.04
C ASN A 112 37.60 18.27 -54.15
N LYS A 113 37.33 18.25 -52.84
CA LYS A 113 38.13 17.42 -51.93
C LYS A 113 37.89 15.94 -52.17
N ILE A 114 36.66 15.57 -52.49
CA ILE A 114 36.27 14.16 -52.62
C ILE A 114 35.79 13.80 -54.01
N ILE A 115 35.87 14.72 -54.97
CA ILE A 115 35.29 14.45 -56.28
C ILE A 115 36.02 13.32 -56.98
N ASP A 116 37.35 13.27 -56.88
CA ASP A 116 38.16 12.24 -57.51
C ASP A 116 38.38 11.04 -56.60
N THR A 117 37.49 10.82 -55.63
CA THR A 117 37.60 9.68 -54.74
C THR A 117 36.50 8.66 -55.02
N ILE A 119 34.04 8.21 -53.02
CA ILE A 119 32.98 8.85 -52.23
C ILE A 119 32.07 9.68 -53.13
N THR A 120 30.83 9.23 -53.29
CA THR A 120 29.88 9.94 -54.15
C THR A 120 29.39 11.20 -53.44
N PRO A 121 29.59 12.38 -54.02
CA PRO A 121 29.11 13.61 -53.39
C PRO A 121 27.60 13.76 -53.57
N VAL A 122 27.01 14.54 -52.66
CA VAL A 122 25.58 14.81 -52.66
C VAL A 122 25.41 16.32 -52.60
N VAL A 123 25.34 16.95 -53.77
CA VAL A 123 25.25 18.41 -53.87
C VAL A 123 23.77 18.79 -53.76
N CYS A 124 23.41 19.45 -52.66
CA CYS A 124 22.05 19.90 -52.44
C CYS A 124 21.87 21.31 -52.99
N ILE A 125 20.75 21.53 -53.67
CA ILE A 125 20.41 22.83 -54.25
C ILE A 125 18.94 23.11 -53.99
N GLY A 126 18.57 24.38 -54.13
CA GLY A 126 17.18 24.77 -53.90
C GLY A 126 16.98 26.27 -53.88
N GLU A 127 15.81 26.72 -54.32
CA GLU A 127 15.48 28.13 -54.39
C GLU A 127 14.59 28.52 -53.23
N SER A 128 14.68 29.78 -52.82
CA SER A 128 13.88 30.29 -51.73
C SER A 128 12.49 30.66 -52.21
N LEU A 129 11.60 30.97 -51.26
CA LEU A 129 10.25 31.39 -51.61
C LEU A 129 10.26 32.76 -52.28
N ASP A 130 11.07 33.68 -51.77
CA ASP A 130 11.20 34.98 -52.41
C ASP A 130 11.79 34.87 -53.80
N ASP A 131 12.65 33.87 -54.01
CA ASP A 131 13.25 33.68 -55.34
C ASP A 131 12.22 33.21 -56.34
N ARG A 132 11.36 32.27 -55.96
CA ARG A 132 10.36 31.75 -56.89
C ARG A 132 9.30 32.80 -57.21
N GLN A 133 8.90 33.59 -56.20
CA GLN A 133 7.88 34.60 -56.43
C GLN A 133 8.43 35.78 -57.22
N SER A 134 9.74 36.01 -57.16
CA SER A 134 10.39 37.10 -57.90
C SER A 134 11.02 36.62 -59.20
N GLY A 135 10.60 35.46 -59.71
CA GLY A 135 11.12 34.98 -60.97
C GLY A 135 12.59 34.62 -60.96
N LYS A 136 13.18 34.42 -59.78
CA LYS A 136 14.59 34.07 -59.66
C LYS A 136 14.82 32.55 -59.65
N LEU A 137 13.81 31.78 -60.02
CA LEU A 137 13.87 30.32 -60.01
C LEU A 137 15.06 29.79 -60.79
N LYS A 138 15.00 29.94 -62.12
CA LYS A 138 16.01 29.38 -63.01
C LYS A 138 17.34 30.12 -62.90
N GLN A 139 17.33 31.38 -62.46
CA GLN A 139 18.57 32.11 -62.29
C GLN A 139 19.42 31.49 -61.18
N VAL A 140 18.80 31.23 -60.02
CA VAL A 140 19.56 30.77 -58.87
C VAL A 140 20.03 29.34 -59.08
N LEU A 141 19.17 28.48 -59.62
CA LEU A 141 19.55 27.09 -59.83
C LEU A 141 20.70 26.96 -60.82
N ALA A 142 20.75 27.83 -61.82
CA ALA A 142 21.92 27.86 -62.69
C ALA A 142 23.14 28.40 -61.95
N THR A 143 22.93 29.34 -61.03
CA THR A 143 24.03 29.88 -60.24
C THR A 143 24.59 28.84 -59.28
N GLN A 144 23.71 28.15 -58.55
CA GLN A 144 24.14 27.08 -57.66
C GLN A 144 24.78 25.92 -58.39
N LEU A 145 24.69 25.88 -59.73
CA LEU A 145 25.35 24.85 -60.52
C LEU A 145 26.53 25.38 -61.32
N SER A 146 26.82 26.68 -61.24
CA SER A 146 27.81 27.29 -62.13
C SER A 146 29.20 26.70 -61.87
N LEU A 147 29.68 26.80 -60.64
CA LEU A 147 31.03 26.33 -60.32
C LEU A 147 31.18 24.83 -60.58
N ILE A 148 30.08 24.08 -60.48
CA ILE A 148 30.16 22.63 -60.67
C ILE A 148 30.29 22.30 -62.15
N LEU A 149 29.39 22.81 -62.97
CA LEU A 149 29.35 22.45 -64.39
C LEU A 149 30.43 23.16 -65.20
N GLU A 150 31.02 24.22 -64.67
CA GLU A 150 32.01 25.00 -65.41
C GLU A 150 33.43 24.50 -65.22
N ASN A 151 33.73 23.80 -64.12
CA ASN A 151 35.09 23.39 -63.81
C ASN A 151 35.29 21.89 -63.71
N LEU A 152 34.25 21.08 -63.96
CA LEU A 152 34.34 19.64 -63.83
C LEU A 152 33.96 18.98 -65.15
N SER A 153 34.27 17.68 -65.24
CA SER A 153 34.09 16.92 -66.47
C SER A 153 32.99 15.89 -66.31
N VAL A 154 32.56 15.34 -67.46
CA VAL A 154 31.59 14.27 -67.47
C VAL A 154 32.01 13.12 -66.56
N GLU A 155 33.32 12.81 -66.50
CA GLU A 155 33.79 11.74 -65.63
C GLU A 155 33.59 12.09 -64.16
N GLN A 156 33.78 13.36 -63.79
CA GLN A 156 33.53 13.78 -62.42
C GLN A 156 32.06 14.14 -62.18
N LEU A 157 31.38 14.64 -63.21
CA LEU A 157 29.96 14.96 -63.09
C LEU A 157 29.13 13.73 -62.79
N ALA A 158 29.50 12.58 -63.39
CA ALA A 158 28.72 11.37 -63.23
C ALA A 158 28.71 10.89 -61.78
N LYS A 159 29.81 11.11 -61.05
CA LYS A 159 29.86 10.71 -59.66
C LYS A 159 29.10 11.67 -58.75
N VAL A 160 28.86 12.91 -59.19
CA VAL A 160 28.10 13.85 -58.40
C VAL A 160 26.62 13.48 -58.45
N VAL A 161 25.97 13.54 -57.28
CA VAL A 161 24.54 13.25 -57.16
C VAL A 161 23.86 14.52 -56.67
N ILE A 162 22.94 15.05 -57.48
CA ILE A 162 22.24 16.27 -57.13
C ILE A 162 21.05 15.93 -56.24
N ALA A 163 20.91 16.67 -55.14
CA ALA A 163 19.84 16.48 -54.18
C ALA A 163 19.02 17.76 -54.11
N TYR A 164 18.09 17.90 -55.06
CA TYR A 164 17.26 19.10 -55.10
C TYR A 164 16.29 19.12 -53.94
N GLU A 165 16.31 20.21 -53.17
CA GLU A 165 15.38 20.42 -52.08
C GLU A 165 14.74 21.80 -52.24
N PRO A 166 13.44 21.86 -52.57
CA PRO A 166 12.79 23.17 -52.79
C PRO A 166 12.49 23.85 -51.47
N VAL A 167 13.25 24.92 -51.17
CA VAL A 167 13.07 25.61 -49.91
C VAL A 167 11.80 26.46 -49.93
N TRP A 168 11.32 26.82 -51.12
CA TRP A 168 10.08 27.59 -51.20
C TRP A 168 8.88 26.83 -50.66
N ALA A 169 9.00 25.51 -50.52
CA ALA A 169 7.94 24.71 -49.92
C ALA A 169 8.29 24.20 -48.51
N ILE A 170 9.56 24.18 -48.15
CA ILE A 170 9.98 23.71 -46.83
C ILE A 170 9.87 24.86 -45.84
N GLY A 171 9.17 24.61 -44.74
CA GLY A 171 9.02 25.60 -43.69
C GLY A 171 7.99 26.67 -44.01
N THR A 172 7.88 27.04 -45.28
CA THR A 172 6.92 28.05 -45.69
C THR A 172 5.49 27.56 -45.66
N GLY A 173 5.27 26.25 -45.55
CA GLY A 173 3.93 25.69 -45.58
C GLY A 173 3.25 25.71 -46.92
N VAL A 174 3.87 26.32 -47.93
CA VAL A 174 3.27 26.36 -49.26
C VAL A 174 3.40 24.98 -49.91
N VAL A 175 2.27 24.40 -50.30
CA VAL A 175 2.28 23.07 -50.88
C VAL A 175 2.99 23.09 -52.24
N ALA A 176 3.49 21.93 -52.64
CA ALA A 176 4.21 21.75 -53.90
C ALA A 176 3.43 20.77 -54.77
N SER A 177 2.80 21.27 -55.81
CA SER A 177 2.12 20.40 -56.76
C SER A 177 3.13 19.55 -57.52
N LEU A 178 2.68 18.39 -57.99
CA LEU A 178 3.58 17.48 -58.68
C LEU A 178 3.99 17.99 -60.06
N GLU A 179 3.34 19.02 -60.58
CA GLU A 179 3.79 19.63 -61.83
C GLU A 179 5.03 20.49 -61.60
N GLN A 180 4.98 21.36 -60.58
CA GLN A 180 6.14 22.21 -60.29
C GLN A 180 7.30 21.40 -59.74
N ILE A 181 7.03 20.25 -59.13
CA ILE A 181 8.11 19.33 -58.76
C ILE A 181 8.76 18.78 -60.02
N GLN A 182 7.95 18.26 -60.95
CA GLN A 182 8.47 17.78 -62.22
C GLN A 182 9.08 18.91 -63.04
N GLU A 183 8.50 20.12 -62.96
CA GLU A 183 9.02 21.25 -63.72
C GLU A 183 10.46 21.56 -63.33
N THR A 184 10.72 21.63 -62.01
CA THR A 184 12.06 21.99 -61.55
C THR A 184 13.06 20.86 -61.82
N HIS A 185 12.66 19.62 -61.53
CA HIS A 185 13.54 18.49 -61.84
C HIS A 185 13.82 18.41 -63.33
N GLN A 186 12.83 18.73 -64.17
CA GLN A 186 13.05 18.78 -65.61
C GLN A 186 14.00 19.91 -65.98
N PHE A 187 13.95 21.03 -65.25
CA PHE A 187 14.83 22.15 -65.56
C PHE A 187 16.26 21.87 -65.09
N ILE A 188 16.41 21.30 -63.88
CA ILE A 188 17.73 20.98 -63.37
C ILE A 188 18.46 20.04 -64.32
N ARG A 189 17.74 19.04 -64.84
CA ARG A 189 18.35 18.13 -65.81
C ARG A 189 18.73 18.85 -67.09
N SER A 190 17.92 19.84 -67.49
CA SER A 190 18.22 20.60 -68.70
C SER A 190 19.50 21.41 -68.55
N LEU A 191 19.80 21.88 -67.34
CA LEU A 191 21.06 22.58 -67.12
C LEU A 191 22.26 21.66 -67.37
N LEU A 192 22.15 20.40 -66.95
CA LEU A 192 23.20 19.43 -67.25
C LEU A 192 23.17 19.02 -68.71
N ALA A 193 21.98 18.96 -69.32
CA ALA A 193 21.87 18.60 -70.73
C ALA A 193 22.62 19.61 -71.61
N LYS A 194 22.78 20.84 -71.14
CA LYS A 194 23.58 21.83 -71.86
C LYS A 194 25.07 21.48 -71.88
N VAL A 195 25.48 20.45 -71.15
CA VAL A 195 26.86 20.00 -71.13
C VAL A 195 27.00 18.62 -71.76
N ASP A 196 26.16 17.67 -71.34
CA ASP A 196 26.13 16.33 -71.93
C ASP A 196 24.80 15.70 -71.55
N GLU A 197 24.06 15.23 -72.55
CA GLU A 197 22.73 14.70 -72.30
C GLU A 197 22.74 13.23 -71.91
N ARG A 198 23.73 12.48 -72.38
CA ARG A 198 23.80 11.07 -72.01
C ARG A 198 24.04 10.91 -70.51
N LEU A 199 24.83 11.81 -69.92
CA LEU A 199 24.99 11.81 -68.47
C LEU A 199 23.82 12.50 -67.78
N ALA A 200 23.31 13.59 -68.37
CA ALA A 200 22.19 14.30 -67.79
C ALA A 200 20.97 13.39 -67.64
N LYS A 201 20.79 12.45 -68.57
CA LYS A 201 19.66 11.53 -68.51
C LYS A 201 19.92 10.35 -67.60
N ASN A 202 21.16 10.13 -67.18
CA ASN A 202 21.49 9.06 -66.25
C ASN A 202 22.32 9.60 -65.09
N ILE A 203 21.92 10.76 -64.57
CA ILE A 203 22.44 11.30 -63.32
C ILE A 203 21.30 11.33 -62.33
N LYS A 204 21.60 11.01 -61.07
CA LYS A 204 20.56 10.88 -60.05
C LYS A 204 20.25 12.25 -59.46
N ILE A 205 19.07 12.76 -59.76
CA ILE A 205 18.57 14.01 -59.20
C ILE A 205 17.45 13.63 -58.24
N VAL A 206 17.76 13.60 -56.94
CA VAL A 206 16.80 13.17 -55.93
C VAL A 206 16.11 14.39 -55.34
N TYR A 207 14.81 14.25 -55.08
CA TYR A 207 13.99 15.34 -54.56
C TYR A 207 14.09 15.38 -53.05
N GLY A 208 14.44 16.54 -52.50
CA GLY A 208 14.70 16.65 -51.07
C GLY A 208 13.69 17.47 -50.30
N GLY A 209 12.50 17.66 -50.86
CA GLY A 209 11.43 18.36 -50.16
C GLY A 209 10.81 17.49 -49.09
N SER A 210 9.56 17.82 -48.75
CA SER A 210 8.82 17.07 -47.74
C SER A 210 8.33 15.77 -48.36
N LEU A 211 8.90 14.64 -47.91
CA LEU A 211 8.49 13.32 -48.34
C LEU A 211 8.04 12.52 -47.13
N LYS A 212 6.86 11.90 -47.24
CA LYS A 212 6.32 11.04 -46.21
C LYS A 212 5.91 9.71 -46.84
N ALA A 213 5.63 8.73 -45.97
CA ALA A 213 5.13 7.45 -46.47
C ALA A 213 3.77 7.60 -47.14
N GLU A 214 2.99 8.60 -46.73
CA GLU A 214 1.69 8.83 -47.34
C GLU A 214 1.84 9.33 -48.78
N ASN A 215 2.66 10.35 -49.00
CA ASN A 215 2.87 10.91 -50.32
C ASN A 215 4.08 10.30 -51.04
N ALA A 216 4.47 9.07 -50.65
CA ALA A 216 5.66 8.45 -51.23
C ALA A 216 5.54 8.34 -52.74
N LYS A 217 4.53 7.62 -53.22
CA LYS A 217 4.31 7.49 -54.65
C LYS A 217 3.77 8.80 -55.22
N ASP A 218 3.59 8.82 -56.54
CA ASP A 218 3.17 10.00 -57.31
C ASP A 218 4.25 11.09 -57.29
N ILE A 219 5.30 10.89 -56.52
CA ILE A 219 6.48 11.76 -56.54
C ILE A 219 7.69 11.03 -57.10
N LEU A 220 8.01 9.86 -56.56
CA LEU A 220 9.03 9.01 -57.15
C LEU A 220 8.59 8.48 -58.51
N SER A 221 7.29 8.40 -58.76
CA SER A 221 6.77 7.94 -60.04
C SER A 221 6.91 8.99 -61.14
N LEU A 222 7.36 10.19 -60.80
CA LEU A 222 7.52 11.23 -61.80
C LEU A 222 8.73 10.96 -62.67
N PRO A 223 8.67 11.31 -63.96
CA PRO A 223 9.72 10.86 -64.90
C PRO A 223 11.10 11.44 -64.63
N ASP A 224 11.22 12.52 -63.86
CA ASP A 224 12.49 13.19 -63.65
C ASP A 224 12.93 13.13 -62.18
N VAL A 225 12.51 12.11 -61.46
CA VAL A 225 12.89 11.89 -60.07
C VAL A 225 13.65 10.57 -59.96
N ASP A 226 14.83 10.63 -59.36
CA ASP A 226 15.70 9.47 -59.21
C ASP A 226 15.88 9.08 -57.73
N GLY A 227 14.88 9.38 -56.90
CA GLY A 227 14.92 9.07 -55.48
C GLY A 227 14.59 10.29 -54.66
N GLY A 228 14.84 10.18 -53.35
CA GLY A 228 14.48 11.25 -52.43
C GLY A 228 15.51 11.41 -51.34
N LEU A 229 15.69 12.66 -50.92
CA LEU A 229 16.52 13.00 -49.77
C LEU A 229 15.58 13.21 -48.58
N ILE A 230 15.15 12.09 -48.01
CA ILE A 230 14.08 12.12 -47.00
C ILE A 230 14.61 12.69 -45.70
N GLY A 231 13.85 13.61 -45.11
CA GLY A 231 14.25 14.25 -43.86
C GLY A 231 13.63 13.62 -42.63
N GLY A 232 12.57 14.23 -42.11
CA GLY A 232 11.98 13.77 -40.87
C GLY A 232 11.39 12.37 -40.96
N ALA A 233 10.89 11.99 -42.15
CA ALA A 233 10.32 10.66 -42.31
C ALA A 233 11.38 9.57 -42.26
N SER A 234 12.65 9.91 -42.48
CA SER A 234 13.72 8.93 -42.45
C SER A 234 14.13 8.55 -41.04
N LEU A 235 13.62 9.25 -40.02
CA LEU A 235 14.00 8.99 -38.64
C LEU A 235 13.33 7.74 -38.07
N LYS A 236 12.31 7.21 -38.73
CA LYS A 236 11.59 6.03 -38.26
C LYS A 236 11.72 4.90 -39.27
N ALA A 237 11.97 3.69 -38.75
CA ALA A 237 12.22 2.55 -39.63
C ALA A 237 10.95 2.09 -40.33
N ALA A 238 9.88 1.87 -39.56
CA ALA A 238 8.62 1.44 -40.15
C ALA A 238 8.14 2.42 -41.21
N GLU A 239 8.56 3.68 -41.13
CA GLU A 239 8.27 4.66 -42.15
C GLU A 239 9.31 4.64 -43.27
N PHE A 240 10.59 4.78 -42.91
CA PHE A 240 11.64 4.82 -43.91
C PHE A 240 11.66 3.55 -44.75
N ASN A 241 11.53 2.38 -44.11
CA ASN A 241 11.49 1.13 -44.86
C ASN A 241 10.23 1.02 -45.71
N GLU A 242 9.14 1.68 -45.31
CA GLU A 242 7.96 1.74 -46.16
C GLU A 242 8.24 2.58 -47.40
N ILE A 243 8.94 3.70 -47.23
CA ILE A 243 9.39 4.48 -48.38
C ILE A 243 10.39 3.69 -49.19
N ILE A 244 11.17 2.83 -48.54
CA ILE A 244 12.09 1.94 -49.25
C ILE A 244 11.31 1.02 -50.19
N ASN A 245 10.31 0.32 -49.63
CA ASN A 245 9.59 -0.69 -50.41
C ASN A 245 8.79 -0.07 -51.55
N GLN A 246 8.33 1.18 -51.38
CA GLN A 246 7.60 1.84 -52.46
C GLN A 246 8.48 2.03 -53.68
N ALA A 247 9.66 2.61 -53.50
CA ALA A 247 10.58 2.82 -54.62
C ALA A 247 11.06 1.50 -55.19
N ASN A 248 11.08 0.43 -54.38
CA ASN A 248 11.53 -0.87 -54.86
C ASN A 248 10.52 -1.45 -55.85
N LYS A 249 9.24 -1.37 -55.53
CA LYS A 249 8.22 -1.96 -56.39
C LYS A 249 7.98 -1.13 -57.64
N ILE A 250 7.95 0.20 -57.52
CA ILE A 250 7.65 1.04 -58.68
C ILE A 250 8.80 1.03 -59.67
N CYS A 251 10.03 0.80 -59.19
CA CYS A 251 11.17 0.74 -60.11
C CYS A 251 11.25 -0.60 -60.83
N THR A 252 10.75 -1.67 -60.20
CA THR A 252 10.76 -2.98 -60.85
C THR A 252 9.72 -3.05 -61.96
N GLU A 253 8.46 -2.84 -61.62
CA GLU A 253 7.38 -2.87 -62.60
C GLU A 253 7.03 -1.46 -63.06
N GLN B 2 46.02 23.65 -7.98
CA GLN B 2 45.42 22.67 -8.87
C GLN B 2 45.54 23.17 -10.31
N LYS B 3 45.97 22.29 -11.19
CA LYS B 3 46.17 22.63 -12.60
C LYS B 3 45.17 21.87 -13.46
N LEU B 4 44.58 22.57 -14.42
CA LEU B 4 43.65 21.97 -15.37
C LEU B 4 44.35 22.01 -16.73
N ILE B 5 45.07 20.95 -17.05
CA ILE B 5 45.80 20.83 -18.31
C ILE B 5 44.89 20.14 -19.32
N GLY B 7 43.85 19.29 -23.52
CA GLY B 7 44.34 19.15 -24.87
C GLY B 7 43.27 19.33 -25.92
N ASN B 8 43.46 20.29 -26.81
CA ASN B 8 42.51 20.58 -27.89
C ASN B 8 43.11 20.09 -29.19
N TRP B 9 42.68 18.90 -29.63
CA TRP B 9 43.12 18.34 -30.89
C TRP B 9 42.22 18.90 -31.97
N LYS B 10 42.58 20.09 -32.47
CA LYS B 10 41.75 20.90 -33.34
C LYS B 10 41.14 20.11 -34.49
N ASN B 12 42.87 17.04 -36.28
CA ASN B 12 44.04 16.19 -36.53
C ASN B 12 43.73 14.76 -36.11
N GLY B 13 44.46 13.83 -36.70
CA GLY B 13 44.51 12.46 -36.21
C GLY B 13 43.51 11.54 -36.88
N ASN B 14 43.75 10.24 -36.70
CA ASN B 14 42.86 9.19 -37.17
C ASN B 14 42.69 8.16 -36.07
N SER B 15 41.86 7.15 -36.32
CA SER B 15 41.59 6.14 -35.29
C SER B 15 42.87 5.45 -34.85
N THR B 16 43.73 5.07 -35.80
CA THR B 16 45.00 4.45 -35.44
C THR B 16 45.99 5.44 -34.84
N SER B 17 45.83 6.73 -35.13
CA SER B 17 46.68 7.76 -34.54
C SER B 17 46.12 8.33 -33.25
N ILE B 18 44.88 7.99 -32.90
CA ILE B 18 44.26 8.42 -31.66
C ILE B 18 44.35 7.33 -30.59
N LYS B 19 44.20 6.07 -30.99
CA LYS B 19 44.38 4.96 -30.07
C LYS B 19 45.76 4.99 -29.44
N GLU B 20 46.79 5.24 -30.26
CA GLU B 20 48.14 5.39 -29.72
C GLU B 20 48.26 6.66 -28.89
N LEU B 21 47.44 7.67 -29.17
CA LEU B 21 47.45 8.91 -28.40
C LEU B 21 46.76 8.72 -27.06
N CYS B 22 45.57 8.12 -27.06
CA CYS B 22 44.82 7.86 -25.84
C CYS B 22 45.62 6.93 -24.91
N SER B 23 45.77 5.67 -25.32
CA SER B 23 46.65 4.76 -24.60
C SER B 23 48.09 5.19 -24.86
N GLY B 24 48.63 6.00 -23.96
CA GLY B 24 49.89 6.69 -24.17
C GLY B 24 49.80 8.03 -23.49
N ILE B 25 48.58 8.38 -23.10
CA ILE B 25 48.29 9.55 -22.28
C ILE B 25 48.01 9.06 -20.87
N SER B 26 47.44 7.85 -20.77
CA SER B 26 46.99 7.18 -19.56
C SER B 26 48.08 7.00 -18.48
N GLN B 27 49.29 7.53 -18.63
CA GLN B 27 50.31 7.43 -17.58
C GLN B 27 50.68 8.80 -17.03
N THR B 32 49.72 11.13 -12.07
CA THR B 32 48.88 12.30 -11.85
C THR B 32 48.23 12.26 -10.47
N SER B 33 47.89 13.43 -9.94
CA SER B 33 47.27 13.53 -8.63
C SER B 33 45.90 14.20 -8.74
N ARG B 34 45.42 14.79 -7.65
CA ARG B 34 44.18 15.57 -7.71
C ARG B 34 44.43 16.81 -8.56
N VAL B 35 44.64 16.61 -9.86
CA VAL B 35 44.94 17.65 -10.81
C VAL B 35 44.28 17.26 -12.13
N ALA B 36 43.33 18.07 -12.57
CA ALA B 36 42.40 17.64 -13.63
C ALA B 36 43.05 17.72 -15.01
N ILE B 37 42.72 16.76 -15.86
CA ILE B 37 43.17 16.70 -17.24
C ILE B 37 41.94 16.57 -18.14
N ALA B 38 41.99 17.21 -19.31
CA ALA B 38 40.88 17.15 -20.25
C ALA B 38 41.43 16.98 -21.66
N VAL B 39 40.56 16.52 -22.55
CA VAL B 39 40.92 16.21 -23.94
C VAL B 39 39.79 16.66 -24.84
N PHE B 40 40.13 17.32 -25.95
CA PHE B 40 39.14 17.82 -26.91
C PHE B 40 39.39 17.15 -28.26
N PRO B 41 38.81 15.98 -28.50
CA PRO B 41 38.96 15.33 -29.81
C PRO B 41 37.88 15.80 -30.79
N SER B 42 37.84 15.19 -31.97
CA SER B 42 36.80 15.51 -32.93
C SER B 42 35.54 14.71 -32.63
N SER B 43 34.40 15.24 -33.11
CA SER B 43 33.12 14.61 -32.83
C SER B 43 33.03 13.21 -33.43
N VAL B 44 33.73 12.97 -34.55
CA VAL B 44 33.76 11.64 -35.14
C VAL B 44 34.67 10.69 -34.37
N TYR B 45 35.31 11.16 -33.29
CA TYR B 45 36.23 10.34 -32.52
C TYR B 45 35.97 10.43 -31.03
N VAL B 46 34.80 10.91 -30.62
CA VAL B 46 34.55 11.15 -29.20
C VAL B 46 34.42 9.84 -28.43
N LYS B 47 33.57 8.93 -28.89
CA LYS B 47 33.35 7.70 -28.15
C LYS B 47 34.56 6.77 -28.23
N GLU B 48 35.36 6.87 -29.29
CA GLU B 48 36.62 6.15 -29.33
C GLU B 48 37.55 6.62 -28.21
N VAL B 49 37.52 7.92 -27.90
CA VAL B 49 38.32 8.44 -26.81
C VAL B 49 37.73 8.03 -25.46
N ILE B 50 36.39 8.04 -25.35
CA ILE B 50 35.75 7.55 -24.14
C ILE B 50 36.10 6.08 -23.91
N SER B 51 36.24 5.32 -24.99
CA SER B 51 36.55 3.89 -24.89
C SER B 51 38.00 3.60 -24.55
N GLN B 52 38.89 4.59 -24.69
CA GLN B 52 40.32 4.36 -24.48
C GLN B 52 40.94 5.25 -23.41
N LEU B 53 40.25 6.29 -22.94
CA LEU B 53 40.81 7.17 -21.94
C LEU B 53 40.23 6.88 -20.56
N PRO B 54 40.98 7.12 -19.50
CA PRO B 54 40.44 6.91 -18.14
C PRO B 54 39.27 7.84 -17.84
N GLU B 55 38.64 7.59 -16.69
CA GLU B 55 37.46 8.34 -16.30
C GLU B 55 37.82 9.73 -15.79
N LYS B 56 38.93 9.85 -15.05
CA LYS B 56 39.31 11.13 -14.45
C LYS B 56 39.76 12.16 -15.47
N VAL B 57 40.07 11.74 -16.69
CA VAL B 57 40.47 12.68 -17.74
C VAL B 57 39.22 13.15 -18.49
N GLY B 58 39.05 14.46 -18.57
CA GLY B 58 37.89 15.00 -19.25
C GLY B 58 37.99 14.82 -20.76
N VAL B 59 36.82 14.62 -21.38
CA VAL B 59 36.71 14.55 -22.83
C VAL B 59 35.57 15.46 -23.24
N GLY B 60 35.89 16.55 -23.94
CA GLY B 60 34.90 17.51 -24.38
C GLY B 60 34.81 17.54 -25.90
N LEU B 61 33.83 18.31 -26.39
CA LEU B 61 33.63 18.49 -27.81
C LEU B 61 34.11 19.87 -28.22
N GLN B 62 34.54 19.99 -29.48
CA GLN B 62 35.14 21.23 -29.96
C GLN B 62 34.10 22.29 -30.26
N ASN B 63 32.92 21.91 -30.73
CA ASN B 63 31.92 22.88 -31.15
C ASN B 63 30.54 22.26 -31.12
N ILE B 64 29.59 22.99 -30.55
CA ILE B 64 28.17 22.62 -30.62
C ILE B 64 27.41 23.82 -31.14
N THR B 65 26.09 23.74 -31.12
CA THR B 65 25.20 24.83 -31.47
C THR B 65 24.43 25.26 -30.24
N PHE B 66 23.54 26.24 -30.42
CA PHE B 66 22.60 26.64 -29.38
C PHE B 66 21.17 26.25 -29.70
N TYR B 67 20.88 25.87 -30.94
CA TYR B 67 19.54 25.42 -31.30
C TYR B 67 19.25 24.07 -30.66
N ASP B 68 17.98 23.84 -30.34
CA ASP B 68 17.55 22.53 -29.87
C ASP B 68 17.55 21.53 -31.01
N ASP B 69 17.37 20.26 -30.66
CA ASP B 69 17.37 19.20 -31.66
C ASP B 69 16.25 19.43 -32.66
N GLY B 70 16.56 19.25 -33.94
CA GLY B 70 15.59 19.49 -34.99
C GLY B 70 16.27 19.55 -36.35
N ALA B 71 15.69 20.35 -37.24
CA ALA B 71 16.18 20.47 -38.61
C ALA B 71 17.43 21.34 -38.64
N TYR B 72 18.57 20.70 -38.35
CA TYR B 72 19.85 21.40 -38.33
C TYR B 72 20.93 20.38 -38.73
N THR B 73 21.31 20.38 -40.01
CA THR B 73 22.40 19.51 -40.41
C THR B 73 23.75 20.08 -40.01
N GLY B 74 24.75 19.19 -39.97
CA GLY B 74 26.13 19.58 -39.79
C GLY B 74 26.48 20.17 -38.44
N GLU B 75 25.59 20.09 -37.46
CA GLU B 75 25.83 20.65 -36.14
C GLU B 75 25.75 19.54 -35.08
N ILE B 76 26.08 19.92 -33.85
CA ILE B 76 25.99 19.02 -32.70
C ILE B 76 25.31 19.79 -31.58
N SER B 77 24.46 19.10 -30.80
CA SER B 77 23.66 19.71 -29.76
C SER B 77 24.33 19.58 -28.39
N ALA B 78 23.69 20.24 -27.41
CA ALA B 78 24.09 20.06 -26.02
C ALA B 78 23.61 18.71 -25.49
N ARG B 79 22.49 18.20 -26.00
CA ARG B 79 22.05 16.86 -25.63
C ARG B 79 23.01 15.81 -26.19
N LEU B 81 25.94 16.36 -26.88
CA LEU B 81 27.12 16.56 -26.05
C LEU B 81 27.02 15.75 -24.76
N GLU B 82 25.84 15.73 -24.15
CA GLU B 82 25.64 14.99 -22.91
C GLU B 82 25.43 13.50 -23.16
N ASP B 83 24.62 13.16 -24.17
CA ASP B 83 24.34 11.76 -24.46
C ASP B 83 25.60 11.00 -24.86
N ILE B 84 26.54 11.68 -25.53
CA ILE B 84 27.76 11.02 -25.97
C ILE B 84 28.72 10.80 -24.81
N GLY B 85 28.52 11.48 -23.69
CA GLY B 85 29.37 11.34 -22.54
C GLY B 85 30.48 12.37 -22.41
N CYS B 86 30.31 13.55 -22.98
CA CYS B 86 31.33 14.58 -22.89
C CYS B 86 31.25 15.30 -21.55
N ASP B 87 32.38 15.37 -20.85
CA ASP B 87 32.43 16.04 -19.57
C ASP B 87 32.75 17.53 -19.68
N TYR B 88 33.29 17.97 -20.82
CA TYR B 88 33.64 19.35 -21.06
C TYR B 88 33.04 19.81 -22.37
N LEU B 89 33.23 21.09 -22.70
CA LEU B 89 32.90 21.61 -24.02
C LEU B 89 33.68 22.89 -24.26
N LEU B 90 34.38 22.95 -25.39
CA LEU B 90 35.12 24.14 -25.77
C LEU B 90 34.19 25.15 -26.42
N ILE B 91 34.21 26.38 -25.92
CA ILE B 91 33.35 27.45 -26.42
C ILE B 91 34.21 28.65 -26.79
N GLY B 92 33.88 29.28 -27.92
CA GLY B 92 34.49 30.53 -28.30
C GLY B 92 35.96 30.45 -28.69
N HIS B 93 36.38 29.35 -29.30
CA HIS B 93 37.77 29.25 -29.75
C HIS B 93 38.02 30.25 -30.87
N SER B 94 39.23 30.81 -30.90
CA SER B 94 39.54 31.89 -31.82
C SER B 94 39.38 31.47 -33.28
N GLU B 95 39.69 30.21 -33.60
CA GLU B 95 39.57 29.76 -34.98
C GLU B 95 38.11 29.76 -35.44
N ARG B 96 37.20 29.29 -34.59
CA ARG B 96 35.79 29.33 -34.95
C ARG B 96 35.26 30.75 -34.97
N ARG B 97 35.85 31.66 -34.17
CA ARG B 97 35.47 33.05 -34.22
C ARG B 97 36.04 33.76 -35.44
N SER B 98 37.19 33.31 -35.93
CA SER B 98 37.83 33.94 -37.08
C SER B 98 37.30 33.38 -38.40
N LEU B 99 37.36 32.05 -38.55
CA LEU B 99 37.04 31.44 -39.84
C LEU B 99 35.55 31.18 -40.04
N PHE B 100 34.77 31.09 -38.96
CA PHE B 100 33.37 30.68 -39.08
C PHE B 100 32.41 31.65 -38.40
N ALA B 101 32.87 32.88 -38.13
CA ALA B 101 32.01 33.98 -37.70
C ALA B 101 31.20 33.61 -36.45
N GLU B 102 31.89 33.08 -35.45
CA GLU B 102 31.26 32.82 -34.16
C GLU B 102 31.28 34.10 -33.34
N SER B 103 30.11 34.55 -32.91
CA SER B 103 29.96 35.81 -32.19
C SER B 103 29.86 35.57 -30.70
N ASP B 104 30.05 36.64 -29.94
CA ASP B 104 29.82 36.59 -28.50
C ASP B 104 28.38 36.24 -28.19
N GLU B 105 27.44 36.67 -29.06
CA GLU B 105 26.04 36.30 -28.89
C GLU B 105 25.83 34.82 -29.12
N ASP B 106 26.67 34.20 -29.96
CA ASP B 106 26.64 32.76 -30.10
C ASP B 106 27.27 32.09 -28.88
N VAL B 107 28.42 32.59 -28.45
CA VAL B 107 29.09 32.06 -27.26
C VAL B 107 28.13 31.97 -26.09
N PHE B 108 27.30 33.00 -25.89
CA PHE B 108 26.45 33.05 -24.70
C PHE B 108 25.29 32.06 -24.78
N LYS B 109 24.64 31.98 -25.94
CA LYS B 109 23.51 31.05 -26.10
C LYS B 109 23.96 29.59 -26.00
N LYS B 110 25.18 29.29 -26.43
CA LYS B 110 25.70 27.93 -26.24
C LYS B 110 26.14 27.69 -24.80
N LEU B 111 26.76 28.69 -24.18
CA LEU B 111 27.16 28.55 -22.78
C LEU B 111 25.96 28.42 -21.86
N ASN B 112 24.96 29.29 -22.03
CA ASN B 112 23.76 29.25 -21.21
C ASN B 112 23.01 27.93 -21.34
N LYS B 113 23.28 27.17 -22.41
CA LYS B 113 22.59 25.90 -22.60
C LYS B 113 23.11 24.83 -21.65
N ILE B 114 24.41 24.86 -21.34
CA ILE B 114 25.06 23.78 -20.62
C ILE B 114 25.52 24.16 -19.23
N ILE B 115 25.27 25.41 -18.80
CA ILE B 115 25.77 25.82 -17.48
C ILE B 115 25.02 25.13 -16.37
N ASP B 116 23.75 24.77 -16.59
CA ASP B 116 22.95 24.05 -15.61
C ASP B 116 23.20 22.55 -15.63
N THR B 117 24.29 22.11 -16.24
CA THR B 117 24.64 20.70 -16.33
C THR B 117 25.91 20.43 -15.53
N THR B 118 26.27 19.15 -15.47
CA THR B 118 27.54 18.75 -14.86
C THR B 118 28.72 18.99 -15.79
N ILE B 119 28.49 19.50 -16.99
CA ILE B 119 29.56 19.76 -17.94
C ILE B 119 30.21 21.08 -17.61
N THR B 120 31.54 21.10 -17.55
CA THR B 120 32.28 22.32 -17.28
C THR B 120 32.53 23.05 -18.60
N PRO B 121 31.94 24.22 -18.83
CA PRO B 121 32.17 24.93 -20.08
C PRO B 121 33.56 25.55 -20.11
N VAL B 122 34.17 25.53 -21.28
CA VAL B 122 35.48 26.14 -21.50
C VAL B 122 35.28 27.25 -22.54
N VAL B 123 34.97 28.45 -22.05
CA VAL B 123 34.77 29.61 -22.92
C VAL B 123 36.13 30.23 -23.20
N CYS B 124 36.47 30.36 -24.48
CA CYS B 124 37.74 30.90 -24.91
C CYS B 124 37.58 32.36 -25.34
N ILE B 125 38.55 33.18 -24.97
CA ILE B 125 38.59 34.59 -25.35
C ILE B 125 40.02 34.94 -25.73
N GLY B 126 40.18 36.11 -26.36
CA GLY B 126 41.49 36.55 -26.78
C GLY B 126 41.46 37.57 -27.90
N GLU B 127 42.44 38.48 -27.90
CA GLU B 127 42.54 39.52 -28.90
C GLU B 127 43.72 39.26 -29.83
N SER B 128 43.70 39.94 -30.98
CA SER B 128 44.68 39.70 -32.02
C SER B 128 45.85 40.68 -31.90
N LEU B 129 46.72 40.68 -32.91
CA LEU B 129 47.87 41.58 -32.90
C LEU B 129 47.43 43.03 -33.02
N ASP B 130 46.37 43.29 -33.78
CA ASP B 130 45.84 44.64 -33.91
C ASP B 130 45.39 45.19 -32.57
N ASP B 131 44.71 44.36 -31.77
CA ASP B 131 43.94 44.88 -30.64
C ASP B 131 44.86 45.28 -29.48
N ARG B 132 45.79 44.41 -29.11
CA ARG B 132 46.62 44.68 -27.93
C ARG B 132 47.63 45.78 -28.19
N GLN B 133 48.36 45.70 -29.32
CA GLN B 133 49.35 46.71 -29.64
C GLN B 133 48.74 48.10 -29.84
N SER B 134 47.43 48.17 -30.03
CA SER B 134 46.71 49.43 -30.12
C SER B 134 45.96 49.76 -28.83
N GLY B 135 46.23 49.03 -27.75
CA GLY B 135 45.58 49.27 -26.47
C GLY B 135 44.14 48.80 -26.38
N LYS B 136 43.54 48.38 -27.49
CA LYS B 136 42.15 47.91 -27.48
C LYS B 136 41.97 46.61 -26.71
N LEU B 137 43.06 46.00 -26.23
CA LEU B 137 42.98 44.69 -25.60
C LEU B 137 41.96 44.65 -24.46
N LYS B 138 41.95 45.69 -23.62
CA LYS B 138 41.00 45.72 -22.51
C LYS B 138 39.56 45.82 -23.01
N GLN B 139 39.35 46.45 -24.17
CA GLN B 139 38.00 46.57 -24.71
C GLN B 139 37.55 45.27 -25.34
N VAL B 140 38.35 44.71 -26.25
CA VAL B 140 37.95 43.54 -27.02
C VAL B 140 38.00 42.28 -26.15
N LEU B 141 38.39 42.42 -24.89
CA LEU B 141 38.33 41.32 -23.94
C LEU B 141 37.16 41.43 -22.99
N ALA B 142 36.88 42.64 -22.48
CA ALA B 142 35.68 42.83 -21.68
C ALA B 142 34.42 42.68 -22.50
N THR B 143 34.52 42.91 -23.82
CA THR B 143 33.35 42.71 -24.68
C THR B 143 32.93 41.24 -24.70
N GLN B 144 33.90 40.32 -24.75
CA GLN B 144 33.59 38.92 -24.99
C GLN B 144 33.04 38.24 -23.75
N LEU B 145 33.36 38.75 -22.56
CA LEU B 145 32.77 38.29 -21.32
C LEU B 145 31.58 39.14 -20.89
N SER B 146 31.26 40.19 -21.64
CA SER B 146 30.18 41.10 -21.25
C SER B 146 28.86 40.37 -21.14
N LEU B 147 28.45 39.68 -22.21
CA LEU B 147 27.22 38.91 -22.17
C LEU B 147 27.26 37.86 -21.07
N ILE B 148 28.40 37.20 -20.90
CA ILE B 148 28.51 36.10 -19.95
C ILE B 148 28.37 36.61 -18.52
N LEU B 149 29.18 37.60 -18.14
CA LEU B 149 29.12 38.15 -16.79
C LEU B 149 27.84 38.93 -16.52
N GLU B 150 27.04 39.21 -17.54
CA GLU B 150 25.81 39.98 -17.34
C GLU B 150 24.71 39.11 -16.75
N ASN B 151 24.25 38.10 -17.49
CA ASN B 151 23.09 37.32 -17.11
C ASN B 151 23.40 36.13 -16.20
N LEU B 152 24.67 35.81 -15.98
CA LEU B 152 25.03 34.64 -15.21
C LEU B 152 25.29 35.02 -13.75
N SER B 153 24.74 34.22 -12.83
CA SER B 153 24.91 34.52 -11.42
C SER B 153 26.35 34.25 -11.00
N VAL B 154 26.67 34.62 -9.75
CA VAL B 154 27.97 34.27 -9.20
C VAL B 154 28.09 32.76 -9.06
N GLU B 155 26.98 32.07 -8.78
CA GLU B 155 26.99 30.61 -8.74
C GLU B 155 27.07 30.02 -10.14
N GLN B 156 26.36 30.63 -11.10
CA GLN B 156 26.46 30.20 -12.49
C GLN B 156 27.86 30.46 -13.04
N LEU B 157 28.44 31.61 -12.72
CA LEU B 157 29.78 31.93 -13.20
C LEU B 157 30.84 31.01 -12.60
N ALA B 158 30.52 30.31 -11.52
CA ALA B 158 31.39 29.24 -11.05
C ALA B 158 31.41 28.11 -12.09
N LYS B 159 32.35 27.19 -11.90
CA LYS B 159 32.64 26.09 -12.82
C LYS B 159 32.65 26.54 -14.28
N VAL B 160 33.01 27.81 -14.51
CA VAL B 160 33.21 28.36 -15.84
C VAL B 160 34.69 28.65 -16.00
N VAL B 161 35.28 28.13 -17.08
CA VAL B 161 36.71 28.24 -17.32
C VAL B 161 36.95 29.28 -18.40
N ILE B 162 37.88 30.20 -18.14
CA ILE B 162 38.27 31.23 -19.09
C ILE B 162 39.58 30.80 -19.73
N ALA B 163 39.53 30.49 -21.03
CA ALA B 163 40.72 30.16 -21.80
C ALA B 163 41.12 31.39 -22.61
N TYR B 164 42.23 32.03 -22.23
CA TYR B 164 42.69 33.22 -22.92
C TYR B 164 43.71 32.80 -23.98
N GLU B 165 43.33 32.92 -25.24
CA GLU B 165 44.25 32.64 -26.34
C GLU B 165 44.92 33.93 -26.78
N PRO B 166 46.23 34.07 -26.59
CA PRO B 166 46.91 35.27 -27.10
C PRO B 166 47.04 35.23 -28.62
N VAL B 167 45.95 35.59 -29.31
CA VAL B 167 45.95 35.55 -30.77
C VAL B 167 46.96 36.54 -31.34
N TRP B 168 47.41 37.51 -30.54
CA TRP B 168 48.43 38.45 -31.00
C TRP B 168 49.78 37.82 -31.21
N ALA B 169 49.99 36.57 -30.79
CA ALA B 169 51.26 35.89 -30.97
C ALA B 169 51.05 34.40 -31.20
N THR B 172 54.30 31.72 -35.81
CA THR B 172 54.73 32.82 -36.67
C THR B 172 56.21 33.12 -36.47
N GLY B 173 56.74 32.72 -35.31
CA GLY B 173 58.11 33.01 -34.93
C GLY B 173 58.23 33.95 -33.75
N VAL B 174 57.22 34.76 -33.48
CA VAL B 174 57.18 35.63 -32.31
C VAL B 174 56.32 34.96 -31.25
N VAL B 175 56.76 35.06 -29.99
CA VAL B 175 56.15 34.33 -28.90
C VAL B 175 55.79 35.30 -27.78
N ALA B 176 54.59 35.12 -27.21
CA ALA B 176 54.15 35.95 -26.11
C ALA B 176 55.13 35.85 -24.94
N SER B 177 55.55 37.00 -24.43
CA SER B 177 56.47 37.03 -23.31
C SER B 177 55.82 36.45 -22.06
N LEU B 178 56.66 35.90 -21.18
CA LEU B 178 56.19 35.20 -19.98
C LEU B 178 55.38 36.12 -19.07
N GLU B 179 56.04 37.13 -18.49
CA GLU B 179 55.35 38.08 -17.61
C GLU B 179 54.31 38.90 -18.36
N GLN B 180 54.38 38.95 -19.69
CA GLN B 180 53.34 39.59 -20.48
C GLN B 180 52.03 38.80 -20.46
N ILE B 181 52.01 37.64 -19.83
CA ILE B 181 50.81 36.84 -19.69
C ILE B 181 50.21 36.97 -18.30
N GLN B 182 51.05 37.10 -17.27
CA GLN B 182 50.57 37.15 -15.90
C GLN B 182 49.70 38.39 -15.68
N GLU B 183 50.18 39.56 -16.11
CA GLU B 183 49.39 40.77 -15.99
C GLU B 183 48.14 40.74 -16.85
N THR B 184 48.13 39.94 -17.92
CA THR B 184 46.91 39.75 -18.69
C THR B 184 45.92 38.88 -17.91
N HIS B 185 46.39 37.78 -17.34
CA HIS B 185 45.52 36.94 -16.54
C HIS B 185 45.10 37.65 -15.25
N GLN B 186 45.93 38.57 -14.76
CA GLN B 186 45.54 39.39 -13.62
C GLN B 186 44.40 40.34 -14.00
N PHE B 187 44.42 40.86 -15.22
CA PHE B 187 43.41 41.83 -15.65
C PHE B 187 42.03 41.19 -15.75
N ILE B 188 41.95 40.02 -16.39
CA ILE B 188 40.64 39.42 -16.63
C ILE B 188 40.01 38.95 -15.33
N ARG B 189 40.81 38.61 -14.32
CA ARG B 189 40.25 38.25 -13.03
C ARG B 189 39.82 39.50 -12.25
N SER B 190 40.49 40.63 -12.46
CA SER B 190 40.03 41.88 -11.90
C SER B 190 38.69 42.31 -12.49
N LEU B 191 38.32 41.77 -13.65
CA LEU B 191 36.99 42.02 -14.19
C LEU B 191 35.93 41.30 -13.37
N LEU B 192 36.12 40.00 -13.12
CA LEU B 192 35.22 39.26 -12.25
C LEU B 192 35.34 39.69 -10.79
N ALA B 193 36.45 40.35 -10.42
CA ALA B 193 36.55 40.93 -9.09
C ALA B 193 35.51 42.02 -8.88
N LYS B 194 35.11 42.70 -9.97
CA LYS B 194 34.00 43.64 -9.88
C LYS B 194 32.68 42.91 -9.63
N VAL B 195 32.59 41.65 -10.08
CA VAL B 195 31.40 40.85 -9.82
C VAL B 195 31.45 40.26 -8.42
N ASP B 196 32.52 39.53 -8.11
CA ASP B 196 32.73 38.96 -6.78
C ASP B 196 34.19 38.61 -6.63
N GLU B 197 34.82 39.11 -5.56
CA GLU B 197 36.24 38.84 -5.33
C GLU B 197 36.48 37.35 -5.14
N ARG B 198 35.63 36.69 -4.36
CA ARG B 198 35.76 35.26 -4.12
C ARG B 198 35.56 34.47 -5.42
N LEU B 199 34.53 34.82 -6.19
CA LEU B 199 34.31 34.18 -7.48
C LEU B 199 35.51 34.40 -8.40
N ALA B 200 36.06 35.62 -8.42
CA ALA B 200 37.28 35.89 -9.15
C ALA B 200 38.52 35.29 -8.48
N LYS B 201 38.38 34.70 -7.30
CA LYS B 201 39.49 34.06 -6.62
C LYS B 201 39.58 32.55 -6.89
N ASN B 202 38.47 31.92 -7.27
CA ASN B 202 38.46 30.49 -7.53
C ASN B 202 38.35 30.12 -9.01
N ILE B 203 37.96 31.06 -9.87
CA ILE B 203 37.71 30.73 -11.27
C ILE B 203 39.01 30.32 -11.95
N LYS B 204 38.97 29.16 -12.62
CA LYS B 204 40.15 28.62 -13.29
C LYS B 204 40.31 29.30 -14.65
N ILE B 205 41.41 30.03 -14.82
CA ILE B 205 41.74 30.68 -16.08
C ILE B 205 42.98 30.02 -16.65
N VAL B 206 42.83 29.36 -17.79
CA VAL B 206 43.94 28.70 -18.45
C VAL B 206 44.46 29.59 -19.56
N TYR B 207 45.61 29.22 -20.12
CA TYR B 207 46.30 30.01 -21.13
C TYR B 207 46.28 29.25 -22.45
N GLY B 208 45.70 29.85 -23.48
CA GLY B 208 45.55 29.19 -24.75
C GLY B 208 46.61 29.57 -25.78
N GLY B 209 47.86 29.24 -25.49
CA GLY B 209 48.94 29.53 -26.42
C GLY B 209 49.77 28.30 -26.73
N SER B 210 50.97 28.52 -27.29
CA SER B 210 51.88 27.42 -27.61
C SER B 210 52.48 26.88 -26.32
N LEU B 211 51.72 26.01 -25.66
CA LEU B 211 52.13 25.39 -24.39
C LEU B 211 53.01 24.19 -24.68
N LYS B 212 54.22 24.47 -25.16
CA LYS B 212 55.15 23.39 -25.50
C LYS B 212 55.89 22.93 -24.25
N ALA B 213 56.67 21.86 -24.41
CA ALA B 213 57.24 21.17 -23.27
C ALA B 213 58.34 22.00 -22.59
N GLU B 214 59.19 22.65 -23.39
CA GLU B 214 60.33 23.40 -22.84
C GLU B 214 59.93 24.65 -22.07
N ASN B 215 58.63 24.88 -21.84
CA ASN B 215 58.17 26.02 -21.06
C ASN B 215 57.03 25.60 -20.13
N ALA B 216 57.07 24.38 -19.62
CA ALA B 216 55.96 23.83 -18.86
C ALA B 216 55.79 24.57 -17.53
N LYS B 217 56.83 24.57 -16.69
CA LYS B 217 56.69 25.12 -15.36
C LYS B 217 56.55 26.64 -15.38
N ASP B 218 57.37 27.32 -16.19
CA ASP B 218 57.45 28.78 -16.13
C ASP B 218 56.09 29.44 -16.37
N ILE B 219 55.41 29.06 -17.46
CA ILE B 219 54.12 29.66 -17.75
C ILE B 219 53.08 29.23 -16.71
N LEU B 220 53.14 27.98 -16.27
CA LEU B 220 52.23 27.51 -15.24
C LEU B 220 52.62 27.94 -13.84
N SER B 221 53.84 28.45 -13.65
CA SER B 221 54.25 29.01 -12.37
C SER B 221 53.90 30.48 -12.23
N LEU B 222 53.40 31.12 -13.28
CA LEU B 222 52.97 32.50 -13.16
C LEU B 222 51.78 32.58 -12.21
N PRO B 223 51.69 33.62 -11.37
CA PRO B 223 50.74 33.61 -10.26
C PRO B 223 49.28 33.41 -10.67
N ASP B 224 48.86 33.95 -11.81
CA ASP B 224 47.45 33.93 -12.19
C ASP B 224 47.16 32.97 -13.34
N VAL B 225 47.96 31.91 -13.47
CA VAL B 225 47.73 30.87 -14.46
C VAL B 225 47.21 29.64 -13.73
N ASP B 226 45.97 29.27 -13.99
CA ASP B 226 45.29 28.20 -13.27
C ASP B 226 45.29 26.87 -14.02
N GLY B 227 45.82 26.84 -15.24
CA GLY B 227 45.82 25.61 -16.01
C GLY B 227 46.36 25.87 -17.41
N GLY B 228 46.04 24.94 -18.31
CA GLY B 228 46.53 25.06 -19.68
C GLY B 228 45.66 24.39 -20.73
N LEU B 229 45.57 25.01 -21.90
CA LEU B 229 44.89 24.45 -23.06
C LEU B 229 45.88 24.41 -24.21
N ILE B 230 46.41 23.22 -24.48
CA ILE B 230 47.51 23.04 -25.44
C ILE B 230 46.94 22.60 -26.78
N GLY B 231 47.58 23.06 -27.86
CA GLY B 231 47.25 22.68 -29.22
C GLY B 231 48.16 21.59 -29.70
N GLY B 232 49.31 21.94 -30.29
CA GLY B 232 50.11 20.96 -31.01
C GLY B 232 50.73 19.89 -30.14
N ALA B 233 51.13 20.24 -28.91
CA ALA B 233 51.77 19.26 -28.04
C ALA B 233 50.78 18.29 -27.41
N SER B 234 49.48 18.58 -27.47
CA SER B 234 48.48 17.62 -27.01
C SER B 234 48.40 16.40 -27.93
N LEU B 235 48.82 16.55 -29.18
CA LEU B 235 48.79 15.45 -30.13
C LEU B 235 49.93 14.48 -29.91
N LYS B 236 51.06 14.96 -29.41
CA LYS B 236 52.21 14.12 -29.07
C LYS B 236 52.16 13.87 -27.57
N ALA B 237 51.73 12.66 -27.19
CA ALA B 237 51.46 12.35 -25.79
C ALA B 237 52.72 12.43 -24.93
N ALA B 238 53.88 12.16 -25.52
CA ALA B 238 55.13 12.25 -24.77
C ALA B 238 55.35 13.67 -24.25
N GLU B 239 55.21 14.66 -25.13
CA GLU B 239 55.28 16.05 -24.70
C GLU B 239 54.01 16.47 -23.97
N PHE B 240 52.90 15.79 -24.18
CA PHE B 240 51.66 16.10 -23.47
C PHE B 240 51.74 15.60 -22.02
N ASN B 241 52.16 14.35 -21.84
CA ASN B 241 52.26 13.79 -20.49
C ASN B 241 53.25 14.57 -19.63
N GLU B 242 54.39 14.94 -20.21
CA GLU B 242 55.42 15.63 -19.43
C GLU B 242 54.91 16.96 -18.88
N ILE B 243 54.12 17.68 -19.67
CA ILE B 243 53.60 18.96 -19.21
C ILE B 243 52.63 18.76 -18.06
N ILE B 244 51.78 17.72 -18.12
CA ILE B 244 50.97 17.39 -16.97
C ILE B 244 51.84 16.84 -15.85
N ASN B 245 52.92 16.14 -16.20
CA ASN B 245 53.83 15.62 -15.18
C ASN B 245 54.69 16.74 -14.59
N GLN B 246 55.14 17.66 -15.44
CA GLN B 246 55.86 18.84 -14.95
C GLN B 246 54.91 19.88 -14.36
N ALA B 247 53.61 19.61 -14.35
CA ALA B 247 52.64 20.45 -13.65
C ALA B 247 51.82 19.61 -12.67
N ASN B 248 52.41 18.52 -12.16
CA ASN B 248 51.74 17.77 -11.10
C ASN B 248 51.78 18.54 -9.80
N LYS B 249 52.94 19.10 -9.45
CA LYS B 249 53.10 20.18 -8.46
C LYS B 249 54.58 20.51 -8.30
N GLN C 2 5.21 11.09 -20.61
CA GLN C 2 5.32 11.68 -19.28
C GLN C 2 5.84 10.66 -18.28
N LYS C 3 6.67 11.13 -17.35
CA LYS C 3 7.26 10.29 -16.31
C LYS C 3 6.68 10.66 -14.95
N LEU C 4 7.08 9.89 -13.93
CA LEU C 4 6.55 10.04 -12.58
C LEU C 4 7.70 9.83 -11.60
N ILE C 5 8.19 10.91 -11.01
CA ILE C 5 9.32 10.86 -10.08
C ILE C 5 8.80 11.05 -8.67
N GLY C 7 9.57 10.47 -4.28
CA GLY C 7 10.58 10.38 -3.24
C GLY C 7 10.08 9.52 -2.07
N ASN C 8 10.86 8.51 -1.73
CA ASN C 8 10.56 7.59 -0.63
C ASN C 8 11.69 7.69 0.38
N TRP C 9 11.61 8.70 1.26
CA TRP C 9 12.61 8.87 2.29
C TRP C 9 12.49 7.83 3.41
N LYS C 10 11.60 6.85 3.23
CA LYS C 10 11.38 5.73 4.15
C LYS C 10 11.57 6.13 5.61
N ASN C 12 14.16 8.19 7.04
CA ASN C 12 15.28 9.13 7.03
C ASN C 12 14.75 10.55 7.15
N GLY C 13 15.46 11.37 7.93
CA GLY C 13 15.14 12.78 8.02
C GLY C 13 14.71 13.26 9.40
N ASN C 14 14.85 14.56 9.64
CA ASN C 14 14.35 15.20 10.85
C ASN C 14 13.78 16.55 10.47
N SER C 15 13.17 17.22 11.46
CA SER C 15 12.49 18.49 11.20
C SER C 15 13.41 19.48 10.49
N THR C 16 14.69 19.48 10.83
CA THR C 16 15.64 20.36 10.17
C THR C 16 16.08 19.81 8.81
N SER C 17 16.18 18.48 8.68
CA SER C 17 16.60 17.91 7.41
C SER C 17 15.51 18.04 6.35
N ILE C 18 14.25 17.86 6.75
CA ILE C 18 13.15 17.93 5.79
C ILE C 18 13.03 19.34 5.23
N LYS C 19 13.40 20.36 6.02
CA LYS C 19 13.26 21.74 5.57
C LYS C 19 14.10 22.01 4.33
N GLU C 20 15.42 21.77 4.42
CA GLU C 20 16.29 22.00 3.27
C GLU C 20 15.94 21.07 2.12
N LEU C 21 15.41 19.89 2.42
CA LEU C 21 14.95 18.98 1.38
C LEU C 21 13.72 19.54 0.68
N CYS C 22 12.75 20.04 1.44
CA CYS C 22 11.61 20.73 0.85
C CYS C 22 12.01 22.04 0.18
N SER C 23 13.18 22.58 0.52
CA SER C 23 13.64 23.81 -0.12
C SER C 23 14.04 23.56 -1.57
N GLY C 24 15.01 22.66 -1.78
CA GLY C 24 15.44 22.34 -3.13
C GLY C 24 14.39 21.65 -3.97
N ILE C 25 13.36 21.08 -3.33
CA ILE C 25 12.27 20.46 -4.09
C ILE C 25 11.38 21.53 -4.71
N SER C 26 11.20 22.65 -4.02
CA SER C 26 10.30 23.72 -4.45
C SER C 26 10.91 24.51 -5.62
N GLN C 27 11.20 23.81 -6.70
CA GLN C 27 11.75 24.42 -7.91
C GLN C 27 11.05 23.90 -9.16
N THR C 32 9.68 21.93 -14.40
CA THR C 32 8.77 20.81 -14.24
C THR C 32 7.44 21.10 -14.91
N SER C 33 7.19 20.45 -16.04
CA SER C 33 5.94 20.64 -16.79
C SER C 33 5.11 19.37 -16.85
N ARG C 34 5.61 18.31 -17.48
CA ARG C 34 4.87 17.07 -17.67
C ARG C 34 5.38 15.95 -16.78
N VAL C 35 5.83 16.28 -15.58
CA VAL C 35 6.29 15.30 -14.59
C VAL C 35 5.40 15.40 -13.36
N ALA C 36 4.86 14.26 -12.93
CA ALA C 36 4.10 14.20 -11.69
C ALA C 36 5.07 13.90 -10.56
N ILE C 37 5.14 14.81 -9.59
CA ILE C 37 6.07 14.70 -8.48
C ILE C 37 5.29 14.34 -7.22
N ALA C 38 5.71 13.25 -6.57
CA ALA C 38 5.16 12.84 -5.30
C ALA C 38 6.29 12.66 -4.30
N VAL C 39 5.94 12.54 -3.03
CA VAL C 39 6.92 12.35 -1.97
C VAL C 39 6.26 11.56 -0.85
N PHE C 40 7.02 10.64 -0.25
CA PHE C 40 6.53 9.77 0.80
C PHE C 40 7.40 9.94 2.03
N PRO C 41 7.05 10.87 2.92
CA PRO C 41 7.81 11.07 4.15
C PRO C 41 7.27 10.22 5.29
N SER C 42 8.03 10.21 6.38
CA SER C 42 7.59 9.50 7.58
C SER C 42 6.31 10.13 8.11
N SER C 43 5.51 9.31 8.80
CA SER C 43 4.15 9.72 9.15
C SER C 43 4.11 10.98 10.01
N VAL C 44 5.17 11.23 10.77
CA VAL C 44 5.15 12.36 11.70
C VAL C 44 5.43 13.69 11.01
N TYR C 45 6.01 13.68 9.81
CA TYR C 45 6.39 14.91 9.12
C TYR C 45 5.45 15.28 7.98
N VAL C 46 4.42 14.46 7.71
CA VAL C 46 3.63 14.68 6.50
C VAL C 46 2.92 16.02 6.54
N LYS C 47 2.36 16.39 7.70
CA LYS C 47 1.77 17.72 7.83
C LYS C 47 2.82 18.80 7.60
N GLU C 48 4.01 18.61 8.18
CA GLU C 48 5.11 19.55 7.93
C GLU C 48 5.50 19.55 6.46
N VAL C 49 5.51 18.37 5.83
CA VAL C 49 5.95 18.27 4.44
C VAL C 49 4.97 18.98 3.52
N ILE C 50 3.68 18.71 3.66
CA ILE C 50 2.67 19.36 2.81
C ILE C 50 2.74 20.87 2.94
N SER C 51 3.04 21.36 4.14
CA SER C 51 3.07 22.79 4.42
C SER C 51 4.36 23.46 3.94
N GLN C 52 5.23 22.75 3.24
CA GLN C 52 6.51 23.30 2.79
C GLN C 52 6.68 23.25 1.29
N LEU C 53 6.48 22.09 0.67
CA LEU C 53 6.65 21.94 -0.77
C LEU C 53 5.53 22.65 -1.53
N PRO C 54 5.68 22.80 -2.85
CA PRO C 54 4.58 23.40 -3.64
C PRO C 54 3.32 22.56 -3.64
N GLU C 55 2.30 23.01 -4.37
CA GLU C 55 1.00 22.36 -4.33
C GLU C 55 0.94 21.17 -5.28
N LYS C 56 1.30 21.38 -6.55
CA LYS C 56 1.18 20.34 -7.57
C LYS C 56 2.09 19.14 -7.32
N VAL C 57 2.95 19.18 -6.31
CA VAL C 57 3.71 18.00 -5.94
C VAL C 57 2.88 17.15 -4.99
N GLY C 58 3.22 15.87 -4.90
CA GLY C 58 2.46 14.91 -4.12
C GLY C 58 3.12 14.57 -2.80
N VAL C 59 2.28 14.30 -1.80
CA VAL C 59 2.72 13.85 -0.48
C VAL C 59 1.84 12.67 -0.10
N GLY C 60 2.44 11.49 -0.05
CA GLY C 60 1.69 10.29 0.32
C GLY C 60 2.29 9.57 1.49
N LEU C 61 1.47 8.79 2.21
CA LEU C 61 1.97 7.99 3.31
C LEU C 61 2.65 6.73 2.77
N GLN C 62 3.40 6.06 3.65
CA GLN C 62 4.14 4.87 3.28
C GLN C 62 3.51 3.58 3.81
N ASN C 63 2.66 3.67 4.83
CA ASN C 63 1.98 2.48 5.33
C ASN C 63 0.79 2.91 6.19
N ILE C 64 -0.35 2.26 5.96
CA ILE C 64 -1.51 2.36 6.83
C ILE C 64 -1.96 0.93 7.10
N THR C 65 -3.16 0.78 7.66
CA THR C 65 -3.81 -0.52 7.78
C THR C 65 -5.11 -0.50 6.99
N PHE C 66 -5.74 -1.66 6.90
CA PHE C 66 -7.06 -1.77 6.30
C PHE C 66 -8.18 -1.55 7.30
N TYR C 67 -7.86 -1.35 8.57
CA TYR C 67 -8.86 -1.06 9.58
C TYR C 67 -9.30 0.40 9.49
N ASP C 68 -10.48 0.66 10.02
CA ASP C 68 -10.97 2.03 10.16
C ASP C 68 -10.49 2.59 11.50
N ASP C 69 -10.94 3.78 11.85
CA ASP C 69 -10.57 4.40 13.11
C ASP C 69 -11.08 3.57 14.29
N GLY C 70 -10.18 2.89 14.99
CA GLY C 70 -10.58 2.04 16.08
C GLY C 70 -9.42 1.70 17.00
N ALA C 71 -9.57 0.58 17.72
CA ALA C 71 -8.59 0.12 18.68
C ALA C 71 -7.46 -0.59 17.94
N TYR C 72 -6.52 0.22 17.41
CA TYR C 72 -5.35 -0.27 16.69
C TYR C 72 -4.20 0.67 17.03
N THR C 73 -3.55 0.40 18.15
CA THR C 73 -2.59 1.31 18.74
C THR C 73 -1.28 1.31 17.94
N GLY C 74 -0.86 2.50 17.49
CA GLY C 74 0.39 2.65 16.78
C GLY C 74 0.29 2.66 15.28
N GLU C 75 -0.91 2.55 14.72
CA GLU C 75 -1.10 2.49 13.28
C GLU C 75 -1.90 3.69 12.81
N ILE C 76 -1.91 3.88 11.49
CA ILE C 76 -2.58 5.00 10.85
C ILE C 76 -3.64 4.45 9.90
N SER C 77 -4.73 5.19 9.75
CA SER C 77 -5.85 4.81 8.90
C SER C 77 -5.83 5.58 7.60
N ALA C 78 -6.75 5.24 6.71
CA ALA C 78 -6.95 5.97 5.47
C ALA C 78 -7.86 7.18 5.65
N ARG C 79 -8.75 7.15 6.64
CA ARG C 79 -9.56 8.31 6.96
C ARG C 79 -8.68 9.50 7.35
N LEU C 81 -5.48 9.65 6.40
CA LEU C 81 -4.65 9.88 5.22
C LEU C 81 -5.17 11.03 4.36
N GLU C 82 -6.49 11.11 4.19
CA GLU C 82 -7.07 12.26 3.50
C GLU C 82 -7.25 13.45 4.43
N ASP C 83 -7.49 13.20 5.72
CA ASP C 83 -7.65 14.30 6.68
C ASP C 83 -6.38 15.13 6.77
N ILE C 84 -5.21 14.50 6.65
CA ILE C 84 -3.95 15.25 6.59
C ILE C 84 -3.92 16.15 5.37
N GLY C 85 -4.53 15.71 4.28
CA GLY C 85 -4.41 16.39 3.00
C GLY C 85 -3.49 15.69 2.03
N CYS C 86 -3.31 14.38 2.13
CA CYS C 86 -2.42 13.63 1.28
C CYS C 86 -3.13 13.20 -0.01
N ASP C 87 -2.33 12.75 -0.98
CA ASP C 87 -2.87 12.31 -2.26
C ASP C 87 -2.24 11.02 -2.79
N TYR C 88 -1.20 10.49 -2.15
CA TYR C 88 -0.56 9.25 -2.57
C TYR C 88 -0.53 8.28 -1.40
N LEU C 89 -0.01 7.07 -1.66
CA LEU C 89 0.13 6.05 -0.62
C LEU C 89 0.97 4.91 -1.17
N LEU C 90 1.86 4.38 -0.34
CA LEU C 90 2.65 3.20 -0.68
C LEU C 90 1.99 1.97 -0.08
N ILE C 91 1.86 0.92 -0.89
CA ILE C 91 1.35 -0.37 -0.44
C ILE C 91 2.17 -1.48 -1.08
N GLY C 92 2.57 -2.46 -0.28
CA GLY C 92 3.27 -3.61 -0.80
C GLY C 92 4.76 -3.45 -0.99
N HIS C 93 5.40 -2.53 -0.26
CA HIS C 93 6.83 -2.34 -0.43
C HIS C 93 7.61 -3.55 0.08
N SER C 94 8.84 -3.68 -0.40
CA SER C 94 9.67 -4.83 -0.07
C SER C 94 9.84 -4.99 1.44
N GLU C 95 10.07 -3.88 2.15
CA GLU C 95 10.30 -3.97 3.59
C GLU C 95 9.03 -4.25 4.39
N ARG C 96 7.86 -4.27 3.75
CA ARG C 96 6.63 -4.66 4.42
C ARG C 96 6.35 -6.14 4.23
N ARG C 97 6.47 -6.64 2.99
CA ARG C 97 6.28 -8.05 2.73
C ARG C 97 7.42 -8.90 3.29
N SER C 98 8.55 -8.28 3.61
CA SER C 98 9.72 -9.03 4.07
C SER C 98 9.85 -9.03 5.59
N LEU C 99 9.47 -7.96 6.26
CA LEU C 99 9.68 -7.81 7.69
C LEU C 99 8.38 -7.89 8.49
N PHE C 100 7.38 -7.09 8.13
CA PHE C 100 6.15 -6.97 8.89
C PHE C 100 5.02 -7.80 8.29
N ALA C 101 5.36 -8.77 7.44
CA ALA C 101 4.42 -9.80 7.00
C ALA C 101 3.19 -9.21 6.32
N GLU C 102 3.38 -8.14 5.55
CA GLU C 102 2.29 -7.61 4.74
C GLU C 102 1.99 -8.59 3.62
N SER C 103 0.90 -9.32 3.74
CA SER C 103 0.55 -10.33 2.75
C SER C 103 -0.04 -9.68 1.50
N ASP C 104 -0.16 -10.48 0.44
CA ASP C 104 -0.89 -10.03 -0.73
C ASP C 104 -2.35 -9.77 -0.40
N GLU C 105 -2.89 -10.50 0.58
CA GLU C 105 -4.23 -10.20 1.06
C GLU C 105 -4.30 -8.86 1.78
N ASP C 106 -3.20 -8.46 2.43
CA ASP C 106 -3.14 -7.16 3.08
C ASP C 106 -2.98 -6.03 2.07
N VAL C 107 -2.32 -6.31 0.94
CA VAL C 107 -2.16 -5.29 -0.10
C VAL C 107 -3.51 -4.95 -0.73
N PHE C 108 -4.35 -5.97 -0.93
CA PHE C 108 -5.63 -5.74 -1.60
C PHE C 108 -6.60 -5.00 -0.68
N LYS C 109 -6.59 -5.32 0.62
CA LYS C 109 -7.51 -4.67 1.55
C LYS C 109 -7.25 -3.18 1.64
N LYS C 110 -5.97 -2.77 1.67
CA LYS C 110 -5.63 -1.37 1.78
C LYS C 110 -5.82 -0.63 0.45
N LEU C 111 -5.62 -1.33 -0.66
CA LEU C 111 -5.85 -0.71 -1.97
C LEU C 111 -7.30 -0.29 -2.16
N ASN C 112 -8.23 -1.05 -1.58
CA ASN C 112 -9.66 -0.73 -1.73
C ASN C 112 -10.08 0.46 -0.88
N LYS C 113 -9.38 0.70 0.23
CA LYS C 113 -9.73 1.82 1.10
C LYS C 113 -9.50 3.18 0.45
N ILE C 114 -8.75 3.23 -0.66
CA ILE C 114 -8.50 4.47 -1.37
C ILE C 114 -8.79 4.37 -2.86
N ILE C 115 -9.25 3.22 -3.35
CA ILE C 115 -9.36 3.04 -4.79
C ILE C 115 -10.53 3.83 -5.36
N ASP C 116 -11.54 4.12 -4.56
CA ASP C 116 -12.63 4.99 -4.96
C ASP C 116 -12.42 6.44 -4.56
N THR C 117 -11.51 6.70 -3.63
CA THR C 117 -11.09 8.06 -3.35
C THR C 117 -10.15 8.56 -4.45
N THR C 118 -9.86 9.86 -4.41
CA THR C 118 -8.96 10.46 -5.37
C THR C 118 -7.49 10.26 -5.01
N ILE C 119 -7.20 9.60 -3.88
CA ILE C 119 -5.83 9.37 -3.47
C ILE C 119 -5.18 8.38 -4.42
N THR C 120 -4.06 8.77 -5.01
CA THR C 120 -3.41 7.94 -6.02
C THR C 120 -2.70 6.76 -5.37
N PRO C 121 -3.11 5.52 -5.66
CA PRO C 121 -2.44 4.35 -5.07
C PRO C 121 -1.17 4.00 -5.83
N VAL C 122 -0.09 3.78 -5.09
CA VAL C 122 1.16 3.29 -5.66
C VAL C 122 1.38 1.91 -5.04
N VAL C 123 1.08 0.86 -5.81
CA VAL C 123 1.21 -0.51 -5.35
C VAL C 123 2.59 -1.01 -5.73
N CYS C 124 3.32 -1.56 -4.76
CA CYS C 124 4.67 -2.04 -4.97
C CYS C 124 4.69 -3.55 -5.09
N ILE C 125 5.46 -4.05 -6.06
CA ILE C 125 5.63 -5.48 -6.28
C ILE C 125 7.11 -5.75 -6.54
N GLY C 126 7.46 -7.03 -6.55
CA GLY C 126 8.83 -7.43 -6.79
C GLY C 126 9.19 -8.76 -6.18
N GLU C 127 10.10 -9.49 -6.83
CA GLU C 127 10.55 -10.79 -6.38
C GLU C 127 11.98 -10.71 -5.88
N SER C 128 12.35 -11.66 -5.03
CA SER C 128 13.66 -11.65 -4.38
C SER C 128 14.71 -12.25 -5.33
N LEU C 129 15.87 -12.61 -4.78
CA LEU C 129 16.90 -13.27 -5.56
C LEU C 129 16.60 -14.75 -5.76
N ASP C 130 16.14 -15.42 -4.69
CA ASP C 130 15.96 -16.87 -4.75
C ASP C 130 14.88 -17.26 -5.75
N ASP C 131 13.72 -16.62 -5.69
CA ASP C 131 12.64 -16.98 -6.60
C ASP C 131 12.99 -16.65 -8.05
N ARG C 132 13.86 -15.67 -8.27
CA ARG C 132 14.38 -15.42 -9.61
C ARG C 132 15.41 -16.46 -10.01
N GLN C 133 16.18 -16.98 -9.05
CA GLN C 133 17.11 -18.07 -9.34
C GLN C 133 16.35 -19.37 -9.56
N SER C 134 15.26 -19.57 -8.83
CA SER C 134 14.46 -20.80 -8.93
C SER C 134 13.56 -20.82 -10.16
N GLY C 135 13.69 -19.86 -11.06
CA GLY C 135 12.85 -19.84 -12.24
C GLY C 135 11.39 -19.54 -11.97
N LYS C 136 11.10 -18.81 -10.90
CA LYS C 136 9.74 -18.41 -10.57
C LYS C 136 9.56 -16.89 -10.68
N LEU C 137 10.31 -16.28 -11.59
CA LEU C 137 10.22 -14.84 -11.80
C LEU C 137 8.79 -14.43 -12.14
N LYS C 138 8.21 -15.05 -13.16
CA LYS C 138 6.91 -14.61 -13.68
C LYS C 138 5.81 -14.82 -12.64
N GLN C 139 5.71 -16.03 -12.07
CA GLN C 139 4.55 -16.37 -11.26
C GLN C 139 4.58 -15.69 -9.90
N VAL C 140 5.77 -15.41 -9.36
CA VAL C 140 5.85 -14.66 -8.10
C VAL C 140 5.27 -13.26 -8.30
N LEU C 141 5.64 -12.61 -9.40
CA LEU C 141 5.06 -11.31 -9.73
C LEU C 141 3.58 -11.45 -10.09
N ALA C 142 3.24 -12.49 -10.86
CA ALA C 142 1.84 -12.70 -11.24
C ALA C 142 0.96 -13.01 -10.03
N THR C 143 1.53 -13.63 -8.99
CA THR C 143 0.76 -13.92 -7.78
C THR C 143 0.53 -12.65 -6.98
N GLN C 144 1.53 -11.77 -6.91
CA GLN C 144 1.39 -10.52 -6.18
C GLN C 144 0.33 -9.60 -6.77
N LEU C 145 -0.14 -9.89 -7.99
CA LEU C 145 -1.28 -9.19 -8.57
C LEU C 145 -2.44 -10.15 -8.87
N SER C 146 -2.35 -11.40 -8.43
CA SER C 146 -3.36 -12.42 -8.73
C SER C 146 -4.69 -12.16 -8.06
N LEU C 147 -4.83 -11.10 -7.27
CA LEU C 147 -6.11 -10.70 -6.69
C LEU C 147 -6.56 -9.32 -7.14
N ILE C 148 -5.63 -8.43 -7.48
CA ILE C 148 -6.00 -7.10 -7.96
C ILE C 148 -6.53 -7.18 -9.38
N LEU C 149 -5.93 -8.02 -10.21
CA LEU C 149 -6.29 -8.14 -11.62
C LEU C 149 -7.57 -8.92 -11.85
N GLU C 150 -8.31 -9.27 -10.79
CA GLU C 150 -9.51 -10.08 -10.92
C GLU C 150 -10.69 -9.55 -10.12
N ASN C 151 -10.54 -8.43 -9.41
CA ASN C 151 -11.62 -7.85 -8.62
C ASN C 151 -11.93 -6.41 -9.00
N LEU C 152 -10.92 -5.59 -9.21
CA LEU C 152 -11.16 -4.18 -9.51
C LEU C 152 -11.67 -4.00 -10.93
N SER C 153 -12.49 -2.97 -11.11
CA SER C 153 -12.92 -2.59 -12.45
C SER C 153 -11.78 -1.93 -13.21
N VAL C 154 -11.94 -1.86 -14.53
CA VAL C 154 -10.90 -1.28 -15.38
C VAL C 154 -10.67 0.18 -15.03
N GLU C 155 -11.74 0.90 -14.71
CA GLU C 155 -11.63 2.33 -14.38
C GLU C 155 -10.72 2.54 -13.18
N GLN C 156 -10.83 1.67 -12.17
CA GLN C 156 -9.99 1.81 -10.99
C GLN C 156 -8.54 1.49 -11.28
N LEU C 157 -8.29 0.51 -12.14
CA LEU C 157 -6.92 0.11 -12.45
C LEU C 157 -6.16 1.22 -13.17
N ALA C 158 -6.86 2.06 -13.93
CA ALA C 158 -6.22 3.20 -14.57
C ALA C 158 -5.79 4.27 -13.57
N LYS C 159 -6.20 4.15 -12.31
CA LYS C 159 -5.78 5.07 -11.26
C LYS C 159 -4.54 4.61 -10.53
N VAL C 160 -4.14 3.36 -10.71
CA VAL C 160 -3.11 2.73 -9.89
C VAL C 160 -1.74 2.95 -10.52
N VAL C 161 -0.73 3.07 -9.66
CA VAL C 161 0.68 3.09 -10.06
C VAL C 161 1.31 1.78 -9.58
N ILE C 162 2.10 1.16 -10.45
CA ILE C 162 2.76 -0.11 -10.14
C ILE C 162 4.25 0.13 -10.06
N ALA C 163 4.86 -0.29 -8.95
CA ALA C 163 6.28 -0.12 -8.70
C ALA C 163 6.92 -1.49 -8.56
N TYR C 164 7.66 -1.92 -9.58
CA TYR C 164 8.38 -3.18 -9.52
C TYR C 164 9.68 -2.97 -8.76
N GLU C 165 9.87 -3.75 -7.70
CA GLU C 165 11.06 -3.66 -6.88
C GLU C 165 12.00 -4.81 -7.19
N PRO C 166 13.10 -4.59 -7.90
CA PRO C 166 14.06 -5.68 -8.10
C PRO C 166 14.77 -6.05 -6.81
N VAL C 167 14.03 -6.70 -5.89
CA VAL C 167 14.62 -7.13 -4.63
C VAL C 167 15.80 -8.05 -4.86
N TRP C 168 15.79 -8.77 -5.98
CA TRP C 168 16.93 -9.60 -6.36
C TRP C 168 18.21 -8.78 -6.55
N ALA C 169 18.08 -7.47 -6.80
CA ALA C 169 19.23 -6.60 -7.00
C ALA C 169 19.38 -5.55 -5.91
N ILE C 170 18.51 -5.55 -4.90
CA ILE C 170 18.57 -4.57 -3.82
C ILE C 170 19.47 -5.15 -2.73
N GLY C 171 20.72 -4.68 -2.68
CA GLY C 171 21.67 -5.10 -1.68
C GLY C 171 22.05 -6.57 -1.70
N THR C 172 21.77 -7.27 -2.79
CA THR C 172 22.05 -8.69 -2.87
C THR C 172 23.40 -9.02 -3.48
N GLY C 173 23.95 -8.12 -4.30
CA GLY C 173 25.22 -8.33 -4.96
C GLY C 173 25.16 -8.26 -6.48
N VAL C 174 23.98 -8.41 -7.06
CA VAL C 174 23.81 -8.32 -8.51
C VAL C 174 23.19 -6.97 -8.84
N VAL C 175 23.41 -6.53 -10.07
CA VAL C 175 22.91 -5.24 -10.56
C VAL C 175 21.97 -5.50 -11.73
N ALA C 176 20.85 -4.79 -11.74
CA ALA C 176 19.89 -4.93 -12.83
C ALA C 176 20.44 -4.27 -14.10
N SER C 177 20.06 -4.83 -15.25
CA SER C 177 20.48 -4.33 -16.54
C SER C 177 19.32 -3.59 -17.21
N LEU C 178 19.65 -2.88 -18.30
CA LEU C 178 18.64 -2.13 -19.03
C LEU C 178 17.58 -3.05 -19.63
N GLU C 179 18.03 -4.14 -20.27
CA GLU C 179 17.09 -5.09 -20.85
C GLU C 179 16.37 -5.90 -19.77
N GLN C 180 17.04 -6.16 -18.64
CA GLN C 180 16.39 -6.88 -17.55
C GLN C 180 15.20 -6.10 -17.01
N ILE C 181 15.40 -4.80 -16.77
CA ILE C 181 14.30 -3.96 -16.30
C ILE C 181 13.18 -3.94 -17.33
N GLN C 182 13.55 -3.75 -18.60
CA GLN C 182 12.55 -3.68 -19.67
C GLN C 182 11.81 -5.00 -19.82
N GLU C 183 12.55 -6.12 -19.80
CA GLU C 183 11.92 -7.42 -19.98
C GLU C 183 10.96 -7.72 -18.84
N THR C 184 11.33 -7.38 -17.61
CA THR C 184 10.45 -7.62 -16.47
C THR C 184 9.30 -6.62 -16.44
N HIS C 185 9.56 -5.37 -16.85
CA HIS C 185 8.51 -4.36 -16.81
C HIS C 185 7.42 -4.63 -17.85
N GLN C 186 7.81 -5.00 -19.06
CA GLN C 186 6.83 -5.34 -20.09
C GLN C 186 5.97 -6.52 -19.65
N PHE C 187 6.60 -7.59 -19.14
CA PHE C 187 5.83 -8.74 -18.66
C PHE C 187 4.77 -8.31 -17.67
N ILE C 188 5.07 -7.29 -16.84
CA ILE C 188 4.06 -6.76 -15.94
C ILE C 188 3.01 -6.00 -16.73
N ARG C 189 3.43 -5.21 -17.72
CA ARG C 189 2.45 -4.51 -18.56
C ARG C 189 1.61 -5.50 -19.35
N SER C 190 2.24 -6.55 -19.89
CA SER C 190 1.50 -7.60 -20.58
C SER C 190 0.53 -8.32 -19.65
N LEU C 191 0.78 -8.28 -18.34
CA LEU C 191 -0.11 -8.96 -17.39
C LEU C 191 -1.44 -8.23 -17.28
N LEU C 192 -1.41 -6.90 -17.25
CA LEU C 192 -2.64 -6.12 -17.19
C LEU C 192 -3.35 -6.01 -18.54
N ALA C 193 -2.68 -6.39 -19.64
CA ALA C 193 -3.32 -6.36 -20.95
C ALA C 193 -4.37 -7.45 -21.07
N LYS C 194 -4.20 -8.58 -20.37
CA LYS C 194 -5.18 -9.65 -20.42
C LYS C 194 -6.48 -9.25 -19.73
N VAL C 195 -6.41 -8.43 -18.69
CA VAL C 195 -7.62 -7.84 -18.12
C VAL C 195 -8.29 -6.94 -19.13
N ASP C 196 -7.52 -6.01 -19.69
CA ASP C 196 -8.00 -5.08 -20.71
C ASP C 196 -6.82 -4.40 -21.37
N GLU C 197 -6.59 -4.68 -22.65
CA GLU C 197 -5.64 -3.87 -23.39
C GLU C 197 -6.16 -2.44 -23.47
N ARG C 198 -5.23 -1.50 -23.75
CA ARG C 198 -5.48 -0.06 -23.73
C ARG C 198 -5.56 0.44 -22.28
N LEU C 199 -5.88 -0.46 -21.34
CA LEU C 199 -5.74 -0.14 -19.92
C LEU C 199 -4.31 -0.36 -19.43
N ALA C 200 -3.67 -1.44 -19.88
CA ALA C 200 -2.26 -1.64 -19.56
C ALA C 200 -1.34 -0.69 -20.32
N LYS C 201 -1.82 -0.14 -21.44
CA LYS C 201 -0.98 0.76 -22.23
C LYS C 201 -0.81 2.12 -21.54
N ASN C 202 -1.79 2.55 -20.74
CA ASN C 202 -1.76 3.86 -20.14
C ASN C 202 -1.46 3.86 -18.64
N ILE C 203 -1.61 2.72 -17.95
CA ILE C 203 -1.32 2.69 -16.53
C ILE C 203 0.17 2.92 -16.30
N LYS C 204 0.49 3.70 -15.27
CA LYS C 204 1.87 4.04 -14.99
C LYS C 204 2.57 2.90 -14.27
N ILE C 205 3.72 2.48 -14.81
CA ILE C 205 4.53 1.43 -14.23
C ILE C 205 5.90 2.02 -13.95
N VAL C 206 6.19 2.27 -12.67
CA VAL C 206 7.41 2.94 -12.27
C VAL C 206 8.45 1.92 -11.84
N TYR C 207 9.71 2.35 -11.82
CA TYR C 207 10.82 1.52 -11.39
C TYR C 207 11.05 1.72 -9.90
N GLY C 208 11.08 0.63 -9.15
CA GLY C 208 11.31 0.66 -7.72
C GLY C 208 12.69 0.26 -7.27
N GLY C 209 13.66 0.17 -8.19
CA GLY C 209 15.00 -0.22 -7.86
C GLY C 209 15.93 0.97 -7.64
N SER C 210 17.21 0.66 -7.53
CA SER C 210 18.23 1.67 -7.24
C SER C 210 18.40 2.57 -8.45
N LEU C 211 17.80 3.75 -8.40
CA LEU C 211 17.97 4.78 -9.43
C LEU C 211 18.89 5.87 -8.92
N LYS C 212 19.74 6.38 -9.80
CA LYS C 212 20.67 7.45 -9.45
C LYS C 212 20.58 8.56 -10.51
N ALA C 213 21.38 9.61 -10.32
CA ALA C 213 21.41 10.70 -11.28
C ALA C 213 21.88 10.24 -12.66
N GLU C 214 22.59 9.13 -12.74
CA GLU C 214 23.04 8.56 -14.00
C GLU C 214 22.07 7.52 -14.54
N ASN C 215 21.44 6.74 -13.66
CA ASN C 215 20.55 5.68 -14.10
C ASN C 215 19.26 6.23 -14.70
N ALA C 216 18.85 7.43 -14.28
CA ALA C 216 17.55 7.96 -14.69
C ALA C 216 17.46 8.14 -16.20
N LYS C 217 18.50 8.72 -16.81
CA LYS C 217 18.46 9.00 -18.24
C LYS C 217 18.36 7.73 -19.09
N ASP C 218 18.77 6.58 -18.54
CA ASP C 218 18.72 5.33 -19.28
C ASP C 218 17.68 4.35 -18.79
N ILE C 219 17.20 4.48 -17.55
CA ILE C 219 16.11 3.64 -17.06
C ILE C 219 14.76 4.23 -17.42
N LEU C 220 14.58 5.53 -17.21
CA LEU C 220 13.33 6.18 -17.60
C LEU C 220 13.15 6.21 -19.11
N SER C 221 14.25 6.24 -19.87
CA SER C 221 14.16 6.24 -21.33
C SER C 221 13.56 4.95 -21.86
N LEU C 222 13.56 3.88 -21.08
CA LEU C 222 13.00 2.62 -21.50
C LEU C 222 11.50 2.77 -21.75
N PRO C 223 10.94 2.09 -22.75
CA PRO C 223 9.53 2.33 -23.10
C PRO C 223 8.54 1.97 -22.01
N ASP C 224 8.74 0.85 -21.32
CA ASP C 224 7.81 0.36 -20.31
C ASP C 224 8.15 0.83 -18.90
N VAL C 225 9.08 1.77 -18.76
CA VAL C 225 9.35 2.45 -17.49
C VAL C 225 8.73 3.83 -17.58
N ASP C 226 7.67 4.04 -16.80
CA ASP C 226 6.92 5.29 -16.83
C ASP C 226 7.24 6.20 -15.66
N GLY C 227 8.25 5.87 -14.86
CA GLY C 227 8.60 6.70 -13.73
C GLY C 227 9.61 6.00 -12.84
N GLY C 228 9.65 6.41 -11.57
CA GLY C 228 10.60 5.86 -10.65
C GLY C 228 10.18 6.07 -9.21
N LEU C 229 10.59 5.14 -8.35
CA LEU C 229 10.44 5.25 -6.90
C LEU C 229 11.81 5.03 -6.28
N ILE C 230 12.41 6.11 -5.79
CA ILE C 230 13.78 6.09 -5.29
C ILE C 230 13.77 6.31 -3.79
N GLY C 231 14.60 5.56 -3.07
CA GLY C 231 14.73 5.72 -1.65
C GLY C 231 15.99 6.49 -1.25
N GLY C 232 17.13 6.07 -1.77
CA GLY C 232 18.41 6.67 -1.41
C GLY C 232 18.59 8.09 -1.91
N ALA C 233 18.51 8.27 -3.24
CA ALA C 233 18.76 9.58 -3.84
C ALA C 233 17.68 10.62 -3.51
N SER C 234 16.54 10.19 -2.97
CA SER C 234 15.50 11.15 -2.61
C SER C 234 15.82 11.92 -1.34
N LEU C 235 16.90 11.58 -0.64
CA LEU C 235 17.26 12.28 0.59
C LEU C 235 18.03 13.57 0.30
N LYS C 236 18.79 13.60 -0.80
CA LYS C 236 19.55 14.78 -1.19
C LYS C 236 18.76 15.54 -2.25
N ALA C 237 18.54 16.83 -2.02
CA ALA C 237 17.77 17.64 -2.96
C ALA C 237 18.49 17.78 -4.30
N ALA C 238 19.82 17.65 -4.31
CA ALA C 238 20.57 17.79 -5.55
C ALA C 238 20.31 16.63 -6.50
N GLU C 239 20.56 15.39 -6.03
CA GLU C 239 20.38 14.23 -6.90
C GLU C 239 18.91 14.00 -7.23
N PHE C 240 18.00 14.28 -6.29
CA PHE C 240 16.58 14.15 -6.57
C PHE C 240 16.16 15.09 -7.69
N ASN C 241 16.52 16.37 -7.58
CA ASN C 241 16.19 17.33 -8.62
C ASN C 241 16.83 16.94 -9.95
N GLU C 242 18.06 16.43 -9.90
CA GLU C 242 18.72 16.00 -11.14
C GLU C 242 18.02 14.80 -11.75
N ILE C 243 17.47 13.91 -10.92
CA ILE C 243 16.64 12.83 -11.45
C ILE C 243 15.39 13.40 -12.10
N ILE C 244 14.79 14.41 -11.46
CA ILE C 244 13.65 15.10 -12.07
C ILE C 244 14.12 15.94 -13.26
N ASN C 245 15.34 16.50 -13.18
CA ASN C 245 15.87 17.28 -14.29
C ASN C 245 15.96 16.44 -15.56
N GLN C 246 16.61 15.27 -15.46
CA GLN C 246 16.70 14.37 -16.60
C GLN C 246 15.35 13.77 -16.95
N ALA C 247 14.38 13.79 -16.01
CA ALA C 247 13.07 13.22 -16.30
C ALA C 247 12.28 14.10 -17.27
N ASN C 248 12.32 15.41 -17.06
CA ASN C 248 11.62 16.31 -17.96
C ASN C 248 12.19 16.22 -19.37
N LYS C 249 13.52 16.18 -19.48
CA LYS C 249 14.16 16.06 -20.79
C LYS C 249 13.73 14.80 -21.52
N ILE C 250 13.31 13.77 -20.78
CA ILE C 250 12.80 12.56 -21.42
C ILE C 250 11.44 12.84 -22.06
N CYS C 251 10.53 13.46 -21.30
CA CYS C 251 9.17 13.70 -21.76
C CYS C 251 9.03 14.99 -22.54
N THR C 252 9.95 15.95 -22.38
CA THR C 252 9.93 17.21 -23.13
C THR C 252 10.86 17.07 -24.32
N GLU C 253 10.28 16.90 -25.50
CA GLU C 253 11.05 16.76 -26.72
C GLU C 253 10.20 17.10 -27.95
N GLN D 2 2.63 10.35 44.24
CA GLN D 2 2.61 10.45 42.78
C GLN D 2 1.53 9.56 42.18
N LYS D 3 1.18 9.88 40.94
CA LYS D 3 0.20 9.13 40.16
C LYS D 3 0.35 9.55 38.70
N LEU D 4 0.23 8.59 37.80
CA LEU D 4 0.41 8.85 36.37
C LEU D 4 -0.83 8.41 35.62
N ILE D 5 -1.56 9.38 35.07
CA ILE D 5 -2.75 9.15 34.26
C ILE D 5 -2.39 9.47 32.82
N GLY D 7 -3.56 9.01 28.49
CA GLY D 7 -4.61 8.73 27.54
C GLY D 7 -4.08 8.37 26.16
N ASN D 8 -4.46 7.22 25.65
CA ASN D 8 -4.09 6.78 24.30
C ASN D 8 -5.30 6.92 23.39
N TRP D 9 -5.10 7.55 22.24
CA TRP D 9 -6.14 7.73 21.25
C TRP D 9 -6.03 6.68 20.14
N LYS D 10 -5.56 5.48 20.49
CA LYS D 10 -5.32 4.33 19.62
C LYS D 10 -5.27 4.68 18.14
N ASN D 12 -8.09 7.03 16.92
CA ASN D 12 -9.29 7.86 16.87
C ASN D 12 -8.90 9.33 16.87
N GLY D 13 -9.73 10.13 16.21
CA GLY D 13 -9.54 11.56 16.16
C GLY D 13 -8.94 12.02 14.84
N ASN D 14 -9.17 13.30 14.53
CA ASN D 14 -8.59 13.94 13.37
C ASN D 14 -8.10 15.33 13.77
N SER D 15 -7.57 16.07 12.80
CA SER D 15 -7.00 17.38 13.08
C SER D 15 -8.01 18.31 13.73
N THR D 16 -9.29 18.19 13.36
CA THR D 16 -10.31 19.04 13.97
C THR D 16 -10.77 18.47 15.31
N SER D 17 -11.02 17.16 15.36
CA SER D 17 -11.40 16.53 16.63
C SER D 17 -10.33 16.76 17.69
N ILE D 18 -9.06 16.62 17.32
CA ILE D 18 -7.98 16.85 18.27
C ILE D 18 -7.83 18.34 18.58
N LYS D 19 -8.12 19.20 17.61
CA LYS D 19 -8.13 20.64 17.89
C LYS D 19 -9.20 20.98 18.92
N GLU D 20 -10.33 20.27 18.88
CA GLU D 20 -11.41 20.55 19.81
C GLU D 20 -11.03 20.23 21.25
N LEU D 21 -10.13 19.28 21.45
CA LEU D 21 -9.70 18.89 22.79
C LEU D 21 -8.38 19.52 23.20
N CYS D 22 -7.85 20.45 22.39
CA CYS D 22 -6.60 21.11 22.72
C CYS D 22 -6.76 21.98 23.97
N SER D 23 -7.67 22.95 23.92
CA SER D 23 -7.87 23.83 25.05
C SER D 23 -8.48 23.10 26.23
N GLY D 24 -9.41 22.17 25.96
CA GLY D 24 -10.09 21.47 27.05
C GLY D 24 -9.13 20.69 27.93
N ILE D 25 -8.12 20.06 27.32
CA ILE D 25 -7.11 19.35 28.11
C ILE D 25 -6.14 20.34 28.75
N SER D 26 -5.78 21.40 28.03
CA SER D 26 -4.91 22.43 28.58
C SER D 26 -5.63 23.32 29.58
N GLN D 27 -6.95 23.20 29.71
CA GLN D 27 -7.70 24.03 30.65
C GLN D 27 -7.72 23.46 32.06
N VAL D 28 -7.48 22.16 32.22
CA VAL D 28 -7.63 21.51 33.53
C VAL D 28 -6.27 21.64 34.22
N GLN D 29 -6.08 22.81 34.85
CA GLN D 29 -4.85 23.08 35.61
C GLN D 29 -5.03 22.57 37.04
N TYR D 30 -5.11 21.25 37.15
CA TYR D 30 -5.34 20.61 38.44
C TYR D 30 -4.22 19.62 38.77
N SER D 33 -2.25 19.30 41.36
CA SER D 33 -0.97 19.31 42.07
C SER D 33 0.00 18.33 41.44
N ARG D 34 0.68 17.55 42.28
CA ARG D 34 1.75 16.66 41.84
C ARG D 34 1.17 15.35 41.31
N VAL D 35 0.59 15.44 40.12
CA VAL D 35 0.18 14.30 39.33
C VAL D 35 0.83 14.41 37.97
N ALA D 36 0.95 13.28 37.28
CA ALA D 36 1.61 13.23 35.99
C ALA D 36 0.58 12.95 34.89
N ILE D 37 0.74 13.64 33.76
CA ILE D 37 -0.23 13.59 32.67
C ILE D 37 0.52 13.47 31.35
N ALA D 38 0.08 12.55 30.50
CA ALA D 38 0.64 12.38 29.17
C ALA D 38 -0.42 11.86 28.23
N VAL D 39 -0.24 12.15 26.94
CA VAL D 39 -1.14 11.67 25.90
C VAL D 39 -0.31 11.03 24.79
N PHE D 40 -0.91 10.04 24.12
CA PHE D 40 -0.24 9.28 23.06
C PHE D 40 -1.02 9.47 21.77
N PRO D 41 -0.80 10.57 21.05
CA PRO D 41 -1.51 10.78 19.78
C PRO D 41 -1.01 9.84 18.68
N SER D 42 -1.66 9.88 17.52
CA SER D 42 -1.14 9.15 16.38
C SER D 42 0.09 9.87 15.82
N SER D 43 0.93 9.10 15.13
CA SER D 43 2.18 9.66 14.60
C SER D 43 1.93 10.87 13.71
N VAL D 44 0.77 10.92 13.05
CA VAL D 44 0.48 12.01 12.13
C VAL D 44 0.33 13.33 12.88
N TYR D 45 -0.43 13.32 13.98
CA TYR D 45 -0.84 14.54 14.67
C TYR D 45 0.04 14.90 15.86
N VAL D 46 0.92 14.01 16.32
CA VAL D 46 1.72 14.30 17.50
C VAL D 46 2.57 15.54 17.29
N LYS D 47 2.99 15.80 16.04
CA LYS D 47 3.79 16.98 15.76
C LYS D 47 3.01 18.26 16.01
N GLU D 48 1.69 18.24 15.80
CA GLU D 48 0.85 19.40 16.02
C GLU D 48 0.18 19.41 17.40
N VAL D 49 0.20 18.28 18.11
CA VAL D 49 -0.39 18.23 19.44
C VAL D 49 0.54 18.84 20.48
N ILE D 50 1.85 18.69 20.29
CA ILE D 50 2.81 19.28 21.22
C ILE D 50 2.65 20.80 21.26
N SER D 51 2.34 21.41 20.11
CA SER D 51 2.18 22.86 20.07
C SER D 51 0.91 23.31 20.79
N GLN D 52 -0.09 22.43 20.91
CA GLN D 52 -1.37 22.80 21.47
C GLN D 52 -1.51 22.50 22.96
N LEU D 53 -0.55 21.77 23.55
CA LEU D 53 -0.58 21.43 24.97
C LEU D 53 0.74 21.80 25.64
N PRO D 54 0.98 23.08 25.88
CA PRO D 54 2.20 23.47 26.60
C PRO D 54 1.95 23.65 28.10
N GLU D 55 2.87 23.17 28.93
CA GLU D 55 4.05 22.43 28.50
C GLU D 55 4.31 21.30 29.47
N LYS D 56 3.37 21.12 30.42
CA LYS D 56 3.49 20.09 31.43
C LYS D 56 3.01 18.73 30.94
N VAL D 57 2.00 18.72 30.07
CA VAL D 57 1.45 17.46 29.57
C VAL D 57 2.49 16.76 28.71
N GLY D 58 2.86 15.55 29.10
CA GLY D 58 3.78 14.77 28.30
C GLY D 58 3.13 14.30 27.01
N VAL D 59 3.96 14.13 25.99
CA VAL D 59 3.50 13.61 24.71
C VAL D 59 4.39 12.43 24.34
N GLY D 60 3.83 11.50 23.57
CA GLY D 60 4.57 10.33 23.15
C GLY D 60 3.86 9.62 22.02
N LEU D 61 4.61 8.74 21.36
CA LEU D 61 4.04 7.91 20.31
C LEU D 61 3.55 6.59 20.89
N GLN D 62 2.81 5.84 20.06
CA GLN D 62 2.23 4.58 20.49
C GLN D 62 2.97 3.36 19.96
N ASN D 63 3.83 3.53 18.96
CA ASN D 63 4.64 2.43 18.45
C ASN D 63 5.77 2.99 17.60
N ILE D 64 6.99 2.52 17.89
CA ILE D 64 8.13 2.74 17.02
C ILE D 64 8.75 1.38 16.75
N THR D 65 9.99 1.36 16.27
CA THR D 65 10.72 0.12 16.09
C THR D 65 12.15 0.30 16.58
N PHE D 66 12.75 -0.81 16.99
CA PHE D 66 14.14 -0.82 17.44
C PHE D 66 15.12 -0.40 16.35
N TYR D 67 14.68 -0.34 15.10
CA TYR D 67 15.57 0.07 14.02
C TYR D 67 15.97 1.53 14.17
N ASP D 68 17.15 1.86 13.67
CA ASP D 68 17.58 3.24 13.53
C ASP D 68 17.34 3.70 12.10
N ASP D 69 17.57 4.99 11.86
CA ASP D 69 17.20 5.61 10.60
C ASP D 69 17.84 4.90 9.43
N GLY D 70 17.02 4.45 8.48
CA GLY D 70 17.50 3.74 7.30
C GLY D 70 16.38 3.36 6.36
N ALA D 71 16.43 2.13 5.84
CA ALA D 71 15.44 1.66 4.86
C ALA D 71 14.48 0.69 5.55
N TYR D 72 13.54 1.27 6.29
CA TYR D 72 12.47 0.53 6.97
C TYR D 72 11.18 1.32 6.78
N THR D 73 10.48 1.01 5.69
CA THR D 73 9.39 1.86 5.20
C THR D 73 8.15 1.74 6.07
N GLY D 74 7.48 2.88 6.26
CA GLY D 74 6.13 2.89 6.82
C GLY D 74 6.02 2.98 8.32
N GLU D 75 7.03 3.53 9.00
CA GLU D 75 7.00 3.62 10.46
C GLU D 75 8.00 4.67 10.91
N ILE D 76 8.18 4.78 12.23
CA ILE D 76 8.97 5.82 12.86
C ILE D 76 10.08 5.16 13.67
N SER D 77 11.24 5.79 13.69
CA SER D 77 12.38 5.30 14.45
C SER D 77 12.38 5.90 15.85
N ALA D 78 13.41 5.57 16.64
CA ALA D 78 13.50 6.08 17.99
C ALA D 78 14.12 7.47 18.03
N ARG D 79 15.20 7.69 17.27
CA ARG D 79 15.78 9.02 17.20
C ARG D 79 14.80 10.02 16.60
N LEU D 81 11.67 10.05 17.14
CA LEU D 81 10.78 10.42 18.25
C LEU D 81 11.38 11.52 19.10
N GLU D 82 12.72 11.52 19.26
CA GLU D 82 13.38 12.57 20.04
C GLU D 82 13.21 13.92 19.36
N ASP D 83 13.40 13.97 18.04
CA ASP D 83 13.23 15.22 17.30
C ASP D 83 11.79 15.70 17.29
N ILE D 84 10.82 14.81 17.52
CA ILE D 84 9.43 15.22 17.53
C ILE D 84 9.11 16.04 18.76
N GLY D 85 9.81 15.78 19.87
CA GLY D 85 9.57 16.48 21.11
C GLY D 85 8.83 15.69 22.16
N CYS D 86 8.63 14.39 21.94
CA CYS D 86 7.92 13.57 22.90
C CYS D 86 8.81 13.22 24.08
N ASP D 87 8.18 13.00 25.22
CA ASP D 87 8.88 12.58 26.43
C ASP D 87 8.35 11.26 26.99
N TYR D 88 7.34 10.67 26.36
CA TYR D 88 6.80 9.38 26.75
C TYR D 88 6.77 8.47 25.52
N LEU D 89 6.42 7.21 25.75
CA LEU D 89 6.37 6.25 24.66
C LEU D 89 5.60 5.01 25.10
N LEU D 90 4.68 4.56 24.25
CA LEU D 90 3.98 3.29 24.45
C LEU D 90 4.82 2.15 23.88
N ILE D 91 4.92 1.06 24.62
CA ILE D 91 5.67 -0.12 24.21
C ILE D 91 4.85 -1.34 24.56
N GLY D 92 4.37 -2.05 23.54
CA GLY D 92 3.74 -3.34 23.75
C GLY D 92 2.26 -3.33 24.02
N HIS D 93 1.51 -2.39 23.46
CA HIS D 93 0.07 -2.37 23.68
C HIS D 93 -0.57 -3.64 23.13
N SER D 94 -1.73 -3.97 23.68
CA SER D 94 -2.41 -5.21 23.29
C SER D 94 -2.65 -5.27 21.79
N GLU D 95 -2.98 -4.14 21.18
CA GLU D 95 -3.21 -4.09 19.74
C GLU D 95 -1.93 -4.23 18.93
N ARG D 96 -0.76 -4.11 19.58
CA ARG D 96 0.52 -4.24 18.87
C ARG D 96 1.06 -5.66 18.95
N ARG D 97 0.94 -6.32 20.11
CA ARG D 97 1.48 -7.66 20.26
C ARG D 97 0.52 -8.74 19.78
N SER D 98 -0.78 -8.52 19.88
CA SER D 98 -1.75 -9.51 19.43
C SER D 98 -2.09 -9.36 17.96
N LEU D 99 -2.29 -8.12 17.49
CA LEU D 99 -2.70 -7.89 16.12
C LEU D 99 -1.54 -7.74 15.15
N PHE D 100 -0.35 -7.39 15.62
CA PHE D 100 0.78 -7.15 14.75
C PHE D 100 2.03 -7.93 15.14
N ALA D 101 1.89 -8.94 16.01
CA ALA D 101 2.95 -9.90 16.32
C ALA D 101 4.21 -9.20 16.81
N GLU D 102 4.08 -8.55 17.96
CA GLU D 102 5.22 -7.95 18.66
C GLU D 102 5.55 -8.84 19.86
N SER D 103 6.61 -9.63 19.73
CA SER D 103 6.99 -10.56 20.78
C SER D 103 7.69 -9.83 21.92
N ASP D 104 7.91 -10.56 23.02
CA ASP D 104 8.69 -10.02 24.12
C ASP D 104 10.09 -9.66 23.68
N GLU D 105 10.62 -10.36 22.67
CA GLU D 105 11.89 -9.96 22.08
C GLU D 105 11.79 -8.61 21.39
N ASP D 106 10.62 -8.29 20.84
CA ASP D 106 10.45 -7.00 20.18
C ASP D 106 10.21 -5.88 21.18
N VAL D 107 9.45 -6.14 22.25
CA VAL D 107 9.15 -5.08 23.21
C VAL D 107 10.41 -4.67 23.97
N PHE D 108 11.37 -5.57 24.12
CA PHE D 108 12.57 -5.24 24.88
C PHE D 108 13.56 -4.44 24.04
N LYS D 109 13.67 -4.76 22.75
CA LYS D 109 14.63 -4.04 21.91
C LYS D 109 14.23 -2.59 21.72
N LYS D 110 12.93 -2.27 21.87
CA LYS D 110 12.51 -0.87 21.88
C LYS D 110 12.65 -0.24 23.25
N LEU D 111 12.58 -1.06 24.31
CA LEU D 111 12.89 -0.55 25.64
C LEU D 111 14.38 -0.28 25.78
N ASN D 112 15.22 -1.22 25.31
CA ASN D 112 16.66 -1.05 25.32
C ASN D 112 17.14 0.08 24.43
N LYS D 113 16.25 0.68 23.63
CA LYS D 113 16.63 1.72 22.70
C LYS D 113 16.58 3.11 23.32
N ILE D 114 15.72 3.32 24.33
CA ILE D 114 15.55 4.65 24.93
C ILE D 114 15.78 4.57 26.43
N ILE D 115 16.28 3.45 26.92
CA ILE D 115 16.45 3.25 28.36
C ILE D 115 17.49 4.18 28.96
N ASP D 116 18.29 4.86 28.14
CA ASP D 116 19.26 5.84 28.61
C ASP D 116 18.91 7.25 28.16
N THR D 117 17.63 7.50 27.91
CA THR D 117 17.16 8.77 27.34
C THR D 117 16.10 9.38 28.26
N THR D 118 15.93 10.69 28.15
CA THR D 118 14.89 11.41 28.88
C THR D 118 13.53 11.22 28.24
N ILE D 119 13.18 9.97 27.94
CA ILE D 119 11.87 9.61 27.40
C ILE D 119 11.29 8.50 28.27
N THR D 120 10.03 8.65 28.67
CA THR D 120 9.41 7.71 29.59
C THR D 120 8.82 6.54 28.84
N PRO D 121 9.26 5.31 29.10
CA PRO D 121 8.68 4.16 28.40
C PRO D 121 7.52 3.54 29.18
N VAL D 122 6.36 3.44 28.55
CA VAL D 122 5.17 2.84 29.17
C VAL D 122 5.07 1.44 28.58
N VAL D 123 5.78 0.49 29.19
CA VAL D 123 5.72 -0.89 28.72
C VAL D 123 4.38 -1.49 29.09
N CYS D 124 3.75 -2.15 28.12
CA CYS D 124 2.43 -2.73 28.30
C CYS D 124 2.53 -4.25 28.36
N ILE D 125 1.75 -4.85 29.25
CA ILE D 125 1.73 -6.29 29.43
C ILE D 125 0.29 -6.75 29.56
N GLY D 126 -0.02 -7.88 28.93
CA GLY D 126 -1.37 -8.39 28.97
C GLY D 126 -1.48 -9.86 28.62
N GLU D 127 -2.09 -10.64 29.51
CA GLU D 127 -2.36 -12.04 29.24
C GLU D 127 -3.60 -12.14 28.36
N SER D 128 -4.13 -13.35 28.20
CA SER D 128 -5.31 -13.58 27.38
C SER D 128 -6.31 -14.42 28.16
N LEU D 129 -7.47 -14.67 27.54
CA LEU D 129 -8.45 -15.55 28.14
C LEU D 129 -7.91 -16.97 28.24
N ASP D 130 -7.27 -17.46 27.18
CA ASP D 130 -6.75 -18.82 27.18
C ASP D 130 -5.65 -19.00 28.21
N ASP D 131 -4.82 -17.96 28.42
CA ASP D 131 -3.77 -18.05 29.42
C ASP D 131 -4.33 -18.34 30.80
N ARG D 132 -5.53 -17.83 31.10
CA ARG D 132 -6.21 -18.23 32.33
C ARG D 132 -7.01 -19.50 32.13
N GLN D 133 -7.55 -19.72 30.93
CA GLN D 133 -8.20 -20.98 30.58
C GLN D 133 -7.21 -22.11 30.31
N SER D 134 -5.91 -21.87 30.55
CA SER D 134 -4.91 -22.91 30.43
C SER D 134 -3.88 -22.86 31.56
N GLY D 135 -3.99 -21.93 32.49
CA GLY D 135 -3.04 -21.80 33.58
C GLY D 135 -1.84 -20.95 33.29
N LYS D 136 -1.68 -20.48 32.06
CA LYS D 136 -0.53 -19.66 31.66
C LYS D 136 -0.67 -18.20 32.06
N LEU D 137 -1.64 -17.86 32.92
CA LEU D 137 -1.81 -16.48 33.35
C LEU D 137 -0.55 -15.97 34.06
N LYS D 138 -0.12 -16.65 35.12
CA LYS D 138 1.08 -16.24 35.83
C LYS D 138 2.34 -16.52 35.02
N GLN D 139 2.28 -17.51 34.13
CA GLN D 139 3.44 -17.83 33.29
C GLN D 139 3.68 -16.73 32.27
N VAL D 140 2.61 -16.19 31.68
CA VAL D 140 2.77 -15.17 30.65
C VAL D 140 3.35 -13.89 31.23
N LEU D 141 2.89 -13.48 32.42
CA LEU D 141 3.42 -12.27 33.04
C LEU D 141 4.91 -12.38 33.30
N ALA D 142 5.40 -13.58 33.63
CA ALA D 142 6.83 -13.75 33.89
C ALA D 142 7.63 -13.66 32.59
N THR D 143 7.14 -14.28 31.52
CA THR D 143 7.87 -14.28 30.26
C THR D 143 7.87 -12.90 29.61
N GLN D 144 6.75 -12.18 29.71
CA GLN D 144 6.67 -10.85 29.12
C GLN D 144 7.67 -9.89 29.76
N LEU D 145 8.02 -10.12 31.02
CA LEU D 145 8.97 -9.29 31.73
C LEU D 145 10.33 -9.95 31.93
N SER D 146 10.48 -11.22 31.55
CA SER D 146 11.73 -11.94 31.79
C SER D 146 12.91 -11.25 31.12
N LEU D 147 12.71 -10.73 29.90
CA LEU D 147 13.80 -10.07 29.20
C LEU D 147 14.16 -8.74 29.84
N ILE D 148 13.21 -8.09 30.50
CA ILE D 148 13.45 -6.76 31.06
C ILE D 148 14.23 -6.85 32.35
N LEU D 149 13.97 -7.88 33.16
CA LEU D 149 14.62 -7.98 34.47
C LEU D 149 16.11 -8.26 34.33
N GLU D 150 16.47 -9.31 33.58
CA GLU D 150 17.84 -9.80 33.57
C GLU D 150 18.81 -8.90 32.80
N ASN D 151 18.32 -7.89 32.08
CA ASN D 151 19.17 -7.15 31.16
C ASN D 151 19.21 -5.65 31.42
N LEU D 152 18.46 -5.14 32.39
CA LEU D 152 18.47 -3.72 32.71
C LEU D 152 18.86 -3.52 34.17
N SER D 153 19.50 -2.38 34.43
CA SER D 153 19.89 -2.04 35.79
C SER D 153 18.69 -1.55 36.59
N VAL D 154 18.84 -1.57 37.92
CA VAL D 154 17.75 -1.10 38.78
C VAL D 154 17.51 0.38 38.58
N GLU D 155 18.59 1.17 38.43
CA GLU D 155 18.42 2.59 38.13
C GLU D 155 17.73 2.80 36.80
N GLN D 156 17.95 1.90 35.83
CA GLN D 156 17.26 2.02 34.55
C GLN D 156 15.81 1.59 34.67
N LEU D 157 15.53 0.49 35.36
CA LEU D 157 14.15 0.04 35.49
C LEU D 157 13.33 0.98 36.36
N ALA D 158 13.97 1.69 37.29
CA ALA D 158 13.26 2.68 38.10
C ALA D 158 12.73 3.83 37.27
N LYS D 159 13.10 3.93 35.99
CA LYS D 159 12.63 4.97 35.10
C LYS D 159 11.61 4.44 34.09
N VAL D 160 10.96 3.33 34.40
CA VAL D 160 10.04 2.66 33.48
C VAL D 160 8.64 2.67 34.09
N VAL D 161 7.64 2.89 33.26
CA VAL D 161 6.24 2.80 33.65
C VAL D 161 5.65 1.55 33.03
N ILE D 162 4.95 0.76 33.84
CA ILE D 162 4.40 -0.52 33.41
C ILE D 162 2.87 -0.42 33.38
N ALA D 163 2.27 -0.77 32.25
CA ALA D 163 0.83 -0.73 32.07
C ALA D 163 0.31 -2.16 31.90
N TYR D 164 -0.41 -2.66 32.91
CA TYR D 164 -0.99 -3.99 32.83
C TYR D 164 -2.32 -3.93 32.10
N GLU D 165 -2.50 -4.81 31.12
CA GLU D 165 -3.68 -4.79 30.25
C GLU D 165 -4.50 -6.06 30.43
N PRO D 166 -5.64 -6.01 31.12
CA PRO D 166 -6.53 -7.18 31.17
C PRO D 166 -7.17 -7.47 29.82
N VAL D 167 -6.44 -8.13 28.92
CA VAL D 167 -7.01 -8.50 27.63
C VAL D 167 -7.96 -9.69 27.74
N TRP D 168 -7.87 -10.45 28.83
CA TRP D 168 -8.80 -11.55 29.04
C TRP D 168 -10.22 -11.08 29.33
N ALA D 169 -10.38 -9.84 29.80
CA ALA D 169 -11.69 -9.37 30.23
C ALA D 169 -12.57 -8.93 29.06
N ILE D 170 -11.97 -8.45 27.97
CA ILE D 170 -12.77 -7.93 26.84
C ILE D 170 -12.91 -9.09 25.86
N GLY D 171 -13.85 -9.97 26.14
CA GLY D 171 -14.19 -11.06 25.25
C GLY D 171 -15.66 -11.02 24.87
N THR D 172 -16.51 -10.73 25.85
CA THR D 172 -17.92 -10.53 25.58
C THR D 172 -18.55 -9.52 26.54
N GLY D 173 -17.75 -8.80 27.31
CA GLY D 173 -18.26 -7.94 28.37
C GLY D 173 -18.05 -8.48 29.76
N VAL D 174 -17.10 -9.39 29.96
CA VAL D 174 -16.88 -10.00 31.26
C VAL D 174 -15.87 -9.12 32.00
N VAL D 175 -16.39 -8.21 32.82
CA VAL D 175 -15.57 -7.23 33.51
C VAL D 175 -14.87 -7.87 34.69
N ALA D 176 -13.61 -7.52 34.89
CA ALA D 176 -12.84 -8.04 36.00
C ALA D 176 -13.15 -7.27 37.28
N SER D 177 -12.84 -7.89 38.41
CA SER D 177 -13.11 -7.31 39.71
C SER D 177 -11.93 -6.47 40.19
N LEU D 178 -12.22 -5.64 41.20
CA LEU D 178 -11.18 -4.84 41.83
C LEU D 178 -10.24 -5.69 42.65
N GLU D 179 -10.69 -6.87 43.10
CA GLU D 179 -9.80 -7.80 43.76
C GLU D 179 -8.72 -8.29 42.79
N GLN D 180 -9.13 -8.71 41.59
CA GLN D 180 -8.17 -9.21 40.61
C GLN D 180 -7.22 -8.12 40.17
N ILE D 181 -7.69 -6.88 40.08
CA ILE D 181 -6.83 -5.77 39.67
C ILE D 181 -5.74 -5.55 40.71
N GLN D 182 -6.07 -5.70 41.99
CA GLN D 182 -5.09 -5.47 43.05
C GLN D 182 -4.13 -6.65 43.18
N GLU D 183 -4.64 -7.87 43.16
CA GLU D 183 -3.78 -9.04 43.35
C GLU D 183 -2.89 -9.32 42.15
N THR D 184 -3.26 -8.85 40.96
CA THR D 184 -2.40 -9.04 39.79
C THR D 184 -1.35 -7.93 39.71
N HIS D 185 -1.73 -6.71 40.07
CA HIS D 185 -0.75 -5.62 40.09
C HIS D 185 0.34 -5.88 41.12
N GLN D 186 -0.04 -6.36 42.31
CA GLN D 186 0.95 -6.75 43.30
C GLN D 186 1.73 -7.97 42.85
N PHE D 187 1.12 -8.81 42.01
CA PHE D 187 1.85 -9.93 41.43
C PHE D 187 2.95 -9.45 40.49
N ILE D 188 2.68 -8.36 39.76
CA ILE D 188 3.72 -7.76 38.93
C ILE D 188 4.77 -7.07 39.80
N ARG D 189 4.32 -6.39 40.86
CA ARG D 189 5.26 -5.74 41.77
C ARG D 189 6.16 -6.76 42.46
N SER D 190 5.63 -7.95 42.75
CA SER D 190 6.47 -9.01 43.32
C SER D 190 7.52 -9.46 42.33
N LEU D 191 7.16 -9.57 41.04
CA LEU D 191 8.12 -9.93 40.01
C LEU D 191 9.29 -8.95 39.99
N LEU D 192 9.00 -7.67 40.22
CA LEU D 192 10.06 -6.66 40.32
C LEU D 192 10.66 -6.59 41.71
N ALA D 193 9.95 -7.09 42.74
CA ALA D 193 10.51 -7.09 44.08
C ALA D 193 11.68 -8.04 44.20
N LYS D 194 11.67 -9.14 43.44
CA LYS D 194 12.82 -10.05 43.44
C LYS D 194 13.99 -9.53 42.62
N VAL D 195 13.93 -8.27 42.18
CA VAL D 195 15.03 -7.61 41.51
C VAL D 195 15.65 -6.53 42.41
N ASP D 196 14.82 -5.72 43.05
CA ASP D 196 15.27 -4.70 43.99
C ASP D 196 14.11 -4.31 44.88
N GLU D 197 14.43 -3.87 46.10
CA GLU D 197 13.42 -3.57 47.10
C GLU D 197 12.93 -2.12 47.03
N ARG D 198 13.86 -1.17 46.99
CA ARG D 198 13.45 0.22 46.76
C ARG D 198 12.77 0.38 45.41
N LEU D 199 13.16 -0.45 44.43
CA LEU D 199 12.58 -0.35 43.10
C LEU D 199 11.10 -0.72 43.10
N ALA D 200 10.76 -1.85 43.71
CA ALA D 200 9.38 -2.33 43.66
C ALA D 200 8.42 -1.31 44.26
N LYS D 201 8.83 -0.65 45.35
CA LYS D 201 7.96 0.35 45.96
C LYS D 201 7.85 1.60 45.10
N ASN D 202 8.90 1.95 44.36
CA ASN D 202 8.97 3.20 43.63
C ASN D 202 8.64 3.06 42.15
N ILE D 203 8.23 1.88 41.71
CA ILE D 203 7.90 1.67 40.30
C ILE D 203 6.50 2.18 40.01
N LYS D 204 6.25 2.55 38.75
CA LYS D 204 4.96 3.04 38.30
C LYS D 204 4.23 1.91 37.59
N ILE D 205 3.22 1.35 38.24
CA ILE D 205 2.37 0.31 37.66
C ILE D 205 1.00 0.96 37.42
N VAL D 206 0.76 1.38 36.18
CA VAL D 206 -0.49 2.02 35.82
C VAL D 206 -1.45 0.97 35.28
N TYR D 207 -2.73 1.13 35.60
CA TYR D 207 -3.75 0.23 35.09
C TYR D 207 -3.96 0.48 33.59
N GLY D 208 -4.43 -0.55 32.90
CA GLY D 208 -4.61 -0.45 31.47
C GLY D 208 -5.99 -0.86 30.98
N GLY D 209 -6.72 -1.61 31.79
CA GLY D 209 -8.01 -2.11 31.41
C GLY D 209 -9.06 -1.02 31.32
N SER D 210 -10.31 -1.45 31.21
CA SER D 210 -11.43 -0.52 31.08
C SER D 210 -11.49 0.40 32.29
N LEU D 211 -11.40 1.70 32.03
CA LEU D 211 -11.40 2.69 33.12
C LEU D 211 -12.13 3.93 32.61
N LYS D 212 -13.39 4.07 33.01
CA LYS D 212 -14.19 5.23 32.67
C LYS D 212 -14.11 6.24 33.81
N ALA D 213 -14.83 7.37 33.65
CA ALA D 213 -14.84 8.37 34.71
C ALA D 213 -15.55 7.86 35.95
N GLU D 214 -16.45 6.88 35.79
CA GLU D 214 -17.16 6.31 36.93
C GLU D 214 -16.29 5.35 37.73
N ASN D 215 -15.30 4.73 37.08
CA ASN D 215 -14.47 3.72 37.73
C ASN D 215 -13.14 4.27 38.22
N ALA D 216 -12.78 5.51 37.86
CA ALA D 216 -11.51 6.06 38.30
C ALA D 216 -11.42 6.23 39.81
N LYS D 217 -12.56 6.22 40.50
CA LYS D 217 -12.55 6.37 41.94
C LYS D 217 -11.93 5.16 42.62
N ASP D 218 -12.50 3.98 42.39
CA ASP D 218 -12.12 2.78 43.14
C ASP D 218 -10.95 2.02 42.52
N ILE D 219 -10.31 2.58 41.50
CA ILE D 219 -9.21 1.88 40.85
C ILE D 219 -7.89 2.56 41.14
N LEU D 220 -7.77 3.84 40.79
CA LEU D 220 -6.53 4.58 41.03
C LEU D 220 -6.20 4.69 42.51
N SER D 221 -7.20 4.57 43.38
CA SER D 221 -6.95 4.67 44.82
C SER D 221 -6.22 3.44 45.37
N LEU D 222 -6.19 2.34 44.62
CA LEU D 222 -5.54 1.13 45.09
C LEU D 222 -4.04 1.36 45.23
N PRO D 223 -3.40 0.72 46.23
CA PRO D 223 -1.96 0.96 46.43
C PRO D 223 -1.10 0.36 45.32
N ASP D 224 -1.54 -0.72 44.68
CA ASP D 224 -0.80 -1.32 43.60
C ASP D 224 -1.17 -0.76 42.23
N VAL D 225 -2.08 0.21 42.18
CA VAL D 225 -2.47 0.87 40.95
C VAL D 225 -1.92 2.29 40.98
N ASP D 226 -0.92 2.55 40.15
CA ASP D 226 -0.27 3.86 40.10
C ASP D 226 -0.81 4.74 38.99
N GLY D 227 -2.07 4.55 38.62
CA GLY D 227 -2.70 5.35 37.59
C GLY D 227 -3.31 4.47 36.52
N GLY D 228 -3.62 5.07 35.39
CA GLY D 228 -4.26 4.34 34.32
C GLY D 228 -3.90 4.81 32.92
N LEU D 229 -3.55 3.85 32.05
CA LEU D 229 -3.36 4.12 30.62
C LEU D 229 -4.74 4.04 29.98
N ILE D 230 -5.42 5.17 29.92
CA ILE D 230 -6.80 5.21 29.46
C ILE D 230 -6.83 5.25 27.93
N GLY D 231 -7.68 4.43 27.34
CA GLY D 231 -7.78 4.38 25.89
C GLY D 231 -9.20 4.57 25.38
N GLY D 232 -10.18 4.17 26.19
CA GLY D 232 -11.57 4.30 25.81
C GLY D 232 -12.16 5.65 26.15
N ALA D 233 -11.96 6.09 27.39
CA ALA D 233 -12.43 7.39 27.84
C ALA D 233 -11.41 8.49 27.64
N SER D 234 -10.35 8.24 26.86
CA SER D 234 -9.36 9.26 26.55
C SER D 234 -9.77 10.15 25.39
N LEU D 235 -10.73 9.72 24.58
CA LEU D 235 -11.20 10.51 23.45
C LEU D 235 -12.11 11.66 23.87
N LYS D 236 -12.51 11.72 25.13
CA LYS D 236 -13.43 12.74 25.62
C LYS D 236 -12.69 13.66 26.57
N ALA D 237 -12.82 14.97 26.34
CA ALA D 237 -12.10 15.94 27.17
C ALA D 237 -12.64 15.97 28.59
N ALA D 238 -13.96 16.09 28.74
CA ALA D 238 -14.55 16.18 30.07
C ALA D 238 -14.35 14.89 30.86
N GLU D 239 -14.48 13.74 30.21
CA GLU D 239 -14.26 12.47 30.89
C GLU D 239 -12.80 12.32 31.30
N PHE D 240 -11.88 12.75 30.43
CA PHE D 240 -10.45 12.68 30.75
C PHE D 240 -10.08 13.63 31.87
N ASN D 241 -10.76 14.79 31.96
CA ASN D 241 -10.38 15.81 32.93
C ASN D 241 -10.94 15.52 34.32
N GLU D 242 -12.04 14.78 34.41
CA GLU D 242 -12.52 14.38 35.73
C GLU D 242 -11.68 13.26 36.31
N ILE D 243 -11.15 12.39 35.46
CA ILE D 243 -10.29 11.30 35.95
C ILE D 243 -9.04 11.87 36.60
N ILE D 244 -8.41 12.86 35.97
CA ILE D 244 -7.23 13.48 36.56
C ILE D 244 -7.59 14.22 37.83
N ASN D 245 -8.80 14.79 37.89
CA ASN D 245 -9.28 15.37 39.13
C ASN D 245 -9.70 14.30 40.12
N GLN D 246 -10.15 13.14 39.61
CA GLN D 246 -10.42 12.00 40.47
C GLN D 246 -9.14 11.42 41.03
N ALA D 247 -8.13 11.25 40.18
CA ALA D 247 -6.80 10.86 40.67
C ALA D 247 -6.25 11.92 41.61
N ASN D 248 -6.50 13.19 41.32
CA ASN D 248 -6.13 14.26 42.23
C ASN D 248 -7.08 14.36 43.41
N LYS D 249 -8.29 13.78 43.30
CA LYS D 249 -9.15 13.67 44.48
C LYS D 249 -8.63 12.60 45.43
N ILE D 250 -8.07 11.52 44.89
CA ILE D 250 -7.45 10.51 45.72
C ILE D 250 -6.10 11.00 46.25
N CYS D 251 -5.39 11.79 45.44
CA CYS D 251 -4.09 12.33 45.83
C CYS D 251 -4.19 13.69 46.49
N THR D 252 -5.40 14.19 46.75
CA THR D 252 -5.55 15.49 47.40
C THR D 252 -5.02 15.45 48.83
N GLU D 253 -5.67 14.66 49.69
CA GLU D 253 -5.26 14.56 51.08
C GLU D 253 -4.52 13.25 51.34
N GLN E 2 -36.21 -31.07 -6.30
CA GLN E 2 -37.05 -30.63 -5.20
C GLN E 2 -36.21 -29.99 -4.10
N LYS E 3 -36.71 -30.07 -2.86
CA LYS E 3 -36.03 -29.51 -1.71
C LYS E 3 -35.76 -30.60 -0.68
N LEU E 4 -34.84 -30.32 0.23
CA LEU E 4 -34.45 -31.29 1.26
C LEU E 4 -33.99 -30.53 2.50
N ILE E 5 -34.67 -30.78 3.61
CA ILE E 5 -34.39 -30.09 4.87
C ILE E 5 -33.65 -31.04 5.80
N GLY E 7 -31.46 -31.03 9.96
CA GLY E 7 -31.27 -30.32 11.21
C GLY E 7 -30.13 -30.84 12.05
N ASN E 8 -29.20 -29.97 12.41
CA ASN E 8 -27.97 -30.34 13.10
C ASN E 8 -28.04 -29.79 14.53
N TRP E 9 -27.79 -30.65 15.51
CA TRP E 9 -27.82 -30.27 16.92
C TRP E 9 -26.42 -30.08 17.48
N LYS E 10 -25.48 -29.62 16.63
CA LYS E 10 -24.07 -29.39 16.92
C LYS E 10 -23.59 -29.93 18.27
N ASN E 12 -25.69 -29.50 21.75
CA ASN E 12 -26.66 -29.05 22.74
C ASN E 12 -27.63 -30.19 23.03
N GLY E 13 -28.34 -30.07 24.15
CA GLY E 13 -29.37 -31.00 24.51
C GLY E 13 -28.92 -32.07 25.50
N ASN E 14 -29.90 -32.77 26.05
CA ASN E 14 -29.65 -33.86 26.99
C ASN E 14 -30.72 -34.92 26.79
N SER E 15 -30.48 -36.10 27.38
CA SER E 15 -31.40 -37.22 27.16
C SER E 15 -32.78 -36.94 27.73
N THR E 16 -32.87 -36.19 28.83
CA THR E 16 -34.17 -35.89 29.41
C THR E 16 -35.04 -35.11 28.44
N SER E 17 -34.44 -34.18 27.69
CA SER E 17 -35.19 -33.42 26.70
C SER E 17 -35.37 -34.21 25.41
N ILE E 18 -34.27 -34.74 24.86
CA ILE E 18 -34.31 -35.38 23.55
C ILE E 18 -35.25 -36.58 23.53
N LYS E 19 -35.43 -37.25 24.67
CA LYS E 19 -36.29 -38.42 24.70
C LYS E 19 -37.75 -38.03 24.42
N GLU E 20 -38.29 -37.11 25.20
CA GLU E 20 -39.71 -36.78 25.08
C GLU E 20 -40.01 -35.86 23.90
N LEU E 21 -39.04 -35.03 23.49
CA LEU E 21 -39.28 -34.14 22.36
C LEU E 21 -39.22 -34.89 21.04
N CYS E 22 -38.33 -35.88 20.94
CA CYS E 22 -38.07 -36.54 19.67
C CYS E 22 -39.34 -37.05 19.01
N SER E 23 -40.29 -37.56 19.81
CA SER E 23 -41.54 -38.03 19.23
C SER E 23 -42.39 -36.88 18.69
N GLY E 24 -42.19 -35.66 19.18
CA GLY E 24 -43.04 -34.54 18.82
C GLY E 24 -42.66 -33.83 17.53
N ILE E 25 -41.90 -34.49 16.67
CA ILE E 25 -41.57 -33.95 15.35
C ILE E 25 -41.95 -35.00 14.31
N SER E 26 -42.89 -35.88 14.68
CA SER E 26 -43.36 -36.92 13.77
C SER E 26 -44.36 -36.41 12.74
N GLN E 27 -44.89 -35.21 12.92
CA GLN E 27 -45.89 -34.66 12.01
C GLN E 27 -45.24 -33.90 10.86
N THR E 32 -46.96 -33.34 6.00
CA THR E 32 -45.88 -33.99 5.27
C THR E 32 -46.23 -34.15 3.79
N SER E 33 -45.22 -34.44 2.98
CA SER E 33 -45.41 -34.66 1.54
C SER E 33 -44.18 -35.42 1.02
N ARG E 34 -43.95 -35.32 -0.29
CA ARG E 34 -42.78 -35.96 -0.89
C ARG E 34 -41.48 -35.35 -0.40
N VAL E 35 -41.52 -34.12 0.13
CA VAL E 35 -40.31 -33.46 0.60
C VAL E 35 -39.64 -34.30 1.68
N ALA E 36 -38.30 -34.23 1.72
CA ALA E 36 -37.49 -35.05 2.61
C ALA E 36 -36.92 -34.20 3.73
N ILE E 37 -37.01 -34.71 4.95
CA ILE E 37 -36.45 -34.05 6.13
C ILE E 37 -35.53 -35.04 6.84
N ALA E 38 -34.55 -34.50 7.55
CA ALA E 38 -33.60 -35.32 8.30
C ALA E 38 -33.16 -34.54 9.53
N VAL E 39 -32.20 -35.10 10.26
CA VAL E 39 -31.71 -34.48 11.48
C VAL E 39 -30.33 -35.03 11.79
N PHE E 40 -29.47 -34.18 12.37
CA PHE E 40 -28.10 -34.53 12.74
C PHE E 40 -27.94 -34.33 14.24
N PRO E 41 -28.22 -35.35 15.06
CA PRO E 41 -28.04 -35.21 16.50
C PRO E 41 -26.58 -35.32 16.90
N SER E 42 -26.31 -35.31 18.21
CA SER E 42 -24.98 -35.57 18.69
C SER E 42 -24.66 -37.06 18.61
N SER E 43 -23.37 -37.40 18.76
CA SER E 43 -22.92 -38.76 18.55
C SER E 43 -23.48 -39.74 19.58
N VAL E 44 -24.05 -39.26 20.67
CA VAL E 44 -24.61 -40.13 21.69
C VAL E 44 -26.13 -40.20 21.61
N TYR E 45 -26.80 -39.16 21.11
CA TYR E 45 -28.25 -39.10 21.09
C TYR E 45 -28.85 -39.44 19.74
N VAL E 46 -28.06 -40.02 18.83
CA VAL E 46 -28.59 -40.47 17.55
C VAL E 46 -29.44 -41.72 17.73
N LYS E 47 -29.05 -42.61 18.66
CA LYS E 47 -29.88 -43.77 18.96
C LYS E 47 -31.16 -43.35 19.67
N GLU E 48 -31.11 -42.29 20.46
CA GLU E 48 -32.31 -41.70 21.04
C GLU E 48 -33.13 -40.92 20.01
N VAL E 49 -32.80 -41.08 18.72
CA VAL E 49 -33.57 -40.52 17.63
C VAL E 49 -34.21 -41.60 16.78
N ILE E 50 -33.52 -42.73 16.60
CA ILE E 50 -34.05 -43.86 15.86
C ILE E 50 -35.34 -44.36 16.50
N SER E 51 -35.41 -44.34 17.83
CA SER E 51 -36.57 -44.88 18.53
C SER E 51 -37.81 -44.01 18.34
N GLN E 52 -37.63 -42.70 18.18
CA GLN E 52 -38.76 -41.78 18.17
C GLN E 52 -39.10 -41.22 16.79
N LEU E 53 -38.13 -41.19 15.85
CA LEU E 53 -38.58 -40.51 14.63
C LEU E 53 -39.08 -41.50 13.60
N PRO E 54 -40.04 -41.08 12.76
CA PRO E 54 -40.63 -42.01 11.77
C PRO E 54 -39.66 -42.43 10.68
N GLU E 55 -40.20 -43.06 9.64
CA GLU E 55 -39.35 -43.67 8.61
C GLU E 55 -38.74 -42.62 7.70
N LYS E 56 -39.56 -41.69 7.19
CA LYS E 56 -39.09 -40.80 6.13
C LYS E 56 -37.98 -39.86 6.61
N VAL E 57 -37.95 -39.54 7.89
CA VAL E 57 -36.94 -38.61 8.39
C VAL E 57 -35.64 -39.37 8.59
N GLY E 58 -34.60 -38.92 7.92
CA GLY E 58 -33.30 -39.56 8.00
C GLY E 58 -32.50 -39.06 9.19
N VAL E 59 -31.36 -39.69 9.39
CA VAL E 59 -30.52 -39.43 10.55
C VAL E 59 -29.06 -39.44 10.11
N GLY E 60 -28.27 -38.54 10.65
CA GLY E 60 -26.85 -38.51 10.35
C GLY E 60 -26.06 -37.97 11.52
N LEU E 61 -24.75 -38.18 11.44
CA LEU E 61 -23.83 -37.66 12.44
C LEU E 61 -23.21 -36.36 11.97
N GLN E 62 -22.85 -35.50 12.92
CA GLN E 62 -22.33 -34.19 12.58
C GLN E 62 -20.90 -34.26 12.05
N ASN E 63 -20.12 -35.24 12.50
CA ASN E 63 -18.77 -35.44 11.97
C ASN E 63 -18.26 -36.79 12.43
N ILE E 64 -17.66 -37.53 11.50
CA ILE E 64 -16.91 -38.75 11.83
C ILE E 64 -15.50 -38.59 11.31
N THR E 65 -14.78 -39.69 11.15
CA THR E 65 -13.39 -39.65 10.72
C THR E 65 -13.19 -40.49 9.47
N PHE E 66 -12.35 -39.98 8.58
CA PHE E 66 -12.04 -40.66 7.33
C PHE E 66 -11.21 -41.92 7.54
N TYR E 67 -10.49 -42.00 8.66
CA TYR E 67 -9.68 -43.18 8.94
C TYR E 67 -10.56 -44.42 9.02
N ASP E 68 -10.11 -45.51 8.38
CA ASP E 68 -10.87 -46.73 8.50
C ASP E 68 -10.69 -47.33 9.89
N ASP E 69 -11.51 -48.33 10.21
CA ASP E 69 -11.57 -48.85 11.56
C ASP E 69 -10.22 -49.40 12.00
N GLY E 70 -9.74 -48.94 13.16
CA GLY E 70 -8.44 -49.33 13.65
C GLY E 70 -8.10 -48.76 15.02
N ALA E 71 -6.95 -48.10 15.12
CA ALA E 71 -6.44 -47.59 16.39
C ALA E 71 -6.43 -46.07 16.34
N TYR E 72 -7.58 -45.48 16.70
CA TYR E 72 -7.74 -44.02 16.76
C TYR E 72 -8.73 -43.72 17.89
N THR E 73 -8.18 -43.40 19.06
CA THR E 73 -8.98 -43.20 20.28
C THR E 73 -9.84 -41.94 20.13
N GLY E 74 -11.16 -42.12 20.01
CA GLY E 74 -12.08 -41.01 20.00
C GLY E 74 -12.73 -40.69 18.66
N GLU E 75 -12.59 -41.55 17.66
CA GLU E 75 -13.15 -41.29 16.34
C GLU E 75 -14.10 -42.39 15.91
N ILE E 76 -15.01 -42.01 15.00
CA ILE E 76 -16.10 -42.86 14.55
C ILE E 76 -15.92 -43.12 13.06
N SER E 77 -16.26 -44.33 12.63
CA SER E 77 -16.07 -44.76 11.26
C SER E 77 -17.39 -44.76 10.50
N ALA E 78 -17.34 -45.22 9.25
CA ALA E 78 -18.50 -45.18 8.37
C ALA E 78 -19.50 -46.28 8.70
N ARG E 79 -19.02 -47.48 9.03
CA ARG E 79 -19.92 -48.57 9.37
C ARG E 79 -20.72 -48.27 10.64
N LEU E 81 -21.90 -45.51 11.36
CA LEU E 81 -23.07 -44.86 10.81
C LEU E 81 -23.99 -45.88 10.13
N GLU E 82 -23.41 -46.78 9.35
CA GLU E 82 -24.14 -47.77 8.58
C GLU E 82 -24.68 -48.92 9.43
N ASP E 83 -24.50 -48.86 10.76
CA ASP E 83 -24.97 -49.93 11.63
C ASP E 83 -26.01 -49.48 12.65
N ILE E 84 -26.11 -48.18 12.95
CA ILE E 84 -27.11 -47.68 13.88
C ILE E 84 -28.02 -46.73 13.10
N GLY E 85 -28.15 -46.97 11.79
CA GLY E 85 -29.14 -46.30 10.98
C GLY E 85 -28.77 -44.93 10.46
N CYS E 86 -27.63 -44.38 10.87
CA CYS E 86 -27.23 -43.03 10.47
C CYS E 86 -27.18 -42.90 8.95
N ASP E 87 -28.27 -42.44 8.35
CA ASP E 87 -28.37 -42.37 6.89
C ASP E 87 -27.48 -41.27 6.32
N TYR E 88 -27.26 -40.19 7.06
CA TYR E 88 -26.57 -39.01 6.54
C TYR E 88 -25.25 -38.79 7.26
N LEU E 89 -24.57 -37.70 6.88
CA LEU E 89 -23.30 -37.32 7.49
C LEU E 89 -22.90 -35.90 7.07
N LEU E 90 -22.68 -35.02 8.05
CA LEU E 90 -22.18 -33.67 7.80
C LEU E 90 -20.67 -33.71 7.69
N ILE E 91 -20.13 -33.16 6.59
CA ILE E 91 -18.69 -33.19 6.33
C ILE E 91 -18.23 -31.77 5.99
N GLY E 92 -17.34 -31.24 6.82
CA GLY E 92 -16.67 -29.99 6.51
C GLY E 92 -17.39 -28.74 6.96
N HIS E 93 -18.02 -28.79 8.14
CA HIS E 93 -18.73 -27.64 8.65
C HIS E 93 -17.76 -26.50 8.97
N SER E 94 -18.33 -25.31 9.20
CA SER E 94 -17.51 -24.15 9.56
C SER E 94 -16.67 -24.44 10.80
N GLU E 95 -17.25 -25.08 11.81
CA GLU E 95 -16.51 -25.38 13.04
C GLU E 95 -15.46 -26.45 12.81
N ARG E 96 -15.60 -27.28 11.79
CA ARG E 96 -14.59 -28.27 11.45
C ARG E 96 -13.34 -27.61 10.89
N ARG E 97 -13.52 -26.72 9.91
CA ARG E 97 -12.38 -26.09 9.25
C ARG E 97 -11.69 -25.09 10.15
N SER E 98 -12.43 -24.40 11.02
CA SER E 98 -11.87 -23.33 11.82
C SER E 98 -11.33 -23.82 13.16
N LEU E 99 -12.22 -24.32 14.01
CA LEU E 99 -11.84 -24.71 15.37
C LEU E 99 -11.13 -26.06 15.44
N PHE E 100 -11.12 -26.82 14.34
CA PHE E 100 -10.47 -28.13 14.32
C PHE E 100 -9.62 -28.34 13.08
N ALA E 101 -9.41 -27.30 12.28
CA ALA E 101 -8.45 -27.31 11.17
C ALA E 101 -8.70 -28.44 10.18
N GLU E 102 -9.96 -28.82 10.00
CA GLU E 102 -10.28 -29.83 9.00
C GLU E 102 -10.00 -29.27 7.60
N SER E 103 -9.17 -29.98 6.84
CA SER E 103 -8.72 -29.51 5.54
C SER E 103 -9.56 -30.12 4.43
N ASP E 104 -9.34 -29.61 3.21
CA ASP E 104 -10.03 -30.15 2.05
C ASP E 104 -9.56 -31.56 1.71
N GLU E 105 -8.43 -31.99 2.26
CA GLU E 105 -8.03 -33.39 2.18
C GLU E 105 -8.77 -34.25 3.18
N ASP E 106 -9.36 -33.64 4.21
CA ASP E 106 -10.15 -34.40 5.17
C ASP E 106 -11.58 -34.59 4.68
N VAL E 107 -12.14 -33.59 4.00
CA VAL E 107 -13.48 -33.76 3.45
C VAL E 107 -13.46 -34.76 2.31
N PHE E 108 -12.38 -34.80 1.54
CA PHE E 108 -12.29 -35.76 0.44
C PHE E 108 -12.14 -37.18 0.98
N LYS E 109 -11.16 -37.40 1.86
CA LYS E 109 -10.95 -38.72 2.44
C LYS E 109 -12.19 -39.18 3.20
N LYS E 110 -13.01 -38.26 3.68
CA LYS E 110 -14.27 -38.62 4.30
C LYS E 110 -15.38 -38.80 3.26
N LEU E 111 -15.33 -38.06 2.16
CA LEU E 111 -16.32 -38.21 1.10
C LEU E 111 -15.97 -39.36 0.18
N ASN E 112 -14.69 -39.52 -0.18
CA ASN E 112 -14.24 -40.72 -0.87
C ASN E 112 -14.06 -41.90 0.07
N LYS E 113 -15.00 -42.06 1.00
CA LYS E 113 -15.14 -43.21 1.89
C LYS E 113 -16.58 -43.69 2.01
N ILE E 114 -17.58 -42.84 1.74
CA ILE E 114 -18.98 -43.24 1.81
C ILE E 114 -19.76 -42.88 0.56
N ILE E 115 -19.10 -42.36 -0.48
CA ILE E 115 -19.83 -41.94 -1.68
C ILE E 115 -20.48 -43.14 -2.35
N ASP E 116 -19.80 -44.27 -2.37
CA ASP E 116 -20.32 -45.47 -3.01
C ASP E 116 -21.12 -46.36 -2.06
N THR E 117 -21.02 -46.13 -0.76
CA THR E 117 -21.69 -46.97 0.24
C THR E 117 -23.17 -46.62 0.42
N THR E 118 -23.71 -45.72 -0.41
CA THR E 118 -25.11 -45.29 -0.35
C THR E 118 -25.49 -44.68 1.00
N ILE E 119 -24.50 -44.18 1.74
CA ILE E 119 -24.76 -43.39 2.94
C ILE E 119 -24.62 -41.94 2.51
N THR E 120 -25.75 -41.35 2.09
CA THR E 120 -25.78 -40.02 1.51
C THR E 120 -25.13 -38.99 2.42
N PRO E 121 -23.95 -38.48 2.07
CA PRO E 121 -23.31 -37.47 2.93
C PRO E 121 -23.80 -36.09 2.61
N VAL E 122 -23.40 -35.11 3.42
CA VAL E 122 -23.66 -33.71 3.12
C VAL E 122 -22.37 -32.93 3.34
N VAL E 123 -21.87 -32.28 2.29
CA VAL E 123 -20.60 -31.57 2.35
C VAL E 123 -20.86 -30.08 2.56
N CYS E 124 -20.11 -29.46 3.47
CA CYS E 124 -20.27 -28.06 3.81
C CYS E 124 -19.07 -27.27 3.30
N ILE E 125 -19.35 -26.17 2.60
CA ILE E 125 -18.34 -25.21 2.16
C ILE E 125 -18.83 -23.82 2.53
N GLY E 126 -17.89 -22.88 2.60
CA GLY E 126 -18.27 -21.55 3.03
C GLY E 126 -17.20 -20.53 2.72
N GLU E 127 -17.59 -19.26 2.84
CA GLU E 127 -16.72 -18.12 2.60
C GLU E 127 -16.80 -17.20 3.81
N SER E 128 -15.64 -16.85 4.37
CA SER E 128 -15.62 -15.90 5.46
C SER E 128 -15.61 -14.47 4.92
N LEU E 129 -15.92 -13.51 5.80
CA LEU E 129 -15.82 -12.12 5.40
C LEU E 129 -14.39 -11.73 5.05
N ASP E 130 -13.42 -12.35 5.71
CA ASP E 130 -12.02 -12.14 5.33
C ASP E 130 -11.79 -12.54 3.88
N ASP E 131 -12.40 -13.63 3.43
CA ASP E 131 -12.28 -14.03 2.04
C ASP E 131 -12.94 -13.03 1.10
N ARG E 132 -14.03 -12.41 1.53
CA ARG E 132 -14.71 -11.43 0.69
C ARG E 132 -13.92 -10.12 0.64
N GLN E 133 -13.53 -9.60 1.80
CA GLN E 133 -12.80 -8.33 1.86
C GLN E 133 -11.37 -8.45 1.33
N SER E 134 -10.87 -9.67 1.13
CA SER E 134 -9.58 -9.89 0.48
C SER E 134 -9.73 -10.24 -0.99
N GLY E 135 -10.96 -10.37 -1.49
CA GLY E 135 -11.18 -10.65 -2.90
C GLY E 135 -10.78 -12.04 -3.33
N LYS E 136 -11.02 -13.05 -2.48
CA LYS E 136 -10.71 -14.43 -2.83
C LYS E 136 -11.92 -15.33 -2.66
N LEU E 137 -13.14 -14.78 -2.70
CA LEU E 137 -14.33 -15.60 -2.54
C LEU E 137 -14.43 -16.66 -3.65
N LYS E 138 -13.96 -16.32 -4.85
CA LYS E 138 -13.95 -17.30 -5.93
C LYS E 138 -12.95 -18.41 -5.65
N GLN E 139 -11.76 -18.06 -5.16
CA GLN E 139 -10.75 -19.08 -4.88
C GLN E 139 -11.13 -19.92 -3.67
N VAL E 140 -11.72 -19.30 -2.65
CA VAL E 140 -12.01 -20.00 -1.41
C VAL E 140 -13.07 -21.08 -1.64
N LEU E 141 -14.13 -20.76 -2.36
CA LEU E 141 -15.18 -21.73 -2.60
C LEU E 141 -14.72 -22.83 -3.57
N ALA E 142 -13.98 -22.45 -4.61
CA ALA E 142 -13.54 -23.43 -5.59
C ALA E 142 -12.49 -24.37 -5.03
N THR E 143 -11.67 -23.91 -4.08
CA THR E 143 -10.66 -24.78 -3.48
C THR E 143 -11.30 -25.91 -2.71
N GLN E 144 -12.39 -25.64 -1.99
CA GLN E 144 -13.07 -26.68 -1.23
C GLN E 144 -13.74 -27.70 -2.13
N LEU E 145 -13.94 -27.37 -3.40
CA LEU E 145 -14.46 -28.32 -4.38
C LEU E 145 -13.42 -28.76 -5.39
N SER E 146 -12.23 -28.14 -5.40
CA SER E 146 -11.21 -28.47 -6.39
C SER E 146 -10.84 -29.95 -6.33
N LEU E 147 -10.65 -30.46 -5.12
CA LEU E 147 -10.34 -31.87 -4.93
C LEU E 147 -11.60 -32.73 -4.81
N ILE E 148 -12.77 -32.12 -4.85
CA ILE E 148 -14.03 -32.83 -4.90
C ILE E 148 -14.57 -32.92 -6.32
N LEU E 149 -14.44 -31.85 -7.10
CA LEU E 149 -14.94 -31.81 -8.48
C LEU E 149 -13.98 -32.44 -9.47
N GLU E 150 -13.07 -33.31 -9.02
CA GLU E 150 -12.14 -33.94 -9.95
C GLU E 150 -11.75 -35.35 -9.51
N ASN E 151 -12.50 -35.98 -8.61
CA ASN E 151 -12.11 -37.26 -8.05
C ASN E 151 -13.26 -38.23 -7.80
N LEU E 152 -14.50 -37.87 -8.15
CA LEU E 152 -15.64 -38.73 -7.92
C LEU E 152 -16.30 -39.09 -9.25
N SER E 153 -16.81 -40.31 -9.33
CA SER E 153 -17.52 -40.75 -10.53
C SER E 153 -18.78 -39.94 -10.69
N VAL E 154 -19.03 -39.47 -11.93
CA VAL E 154 -20.17 -38.59 -12.19
C VAL E 154 -21.49 -39.28 -11.87
N GLU E 155 -21.55 -40.59 -12.08
CA GLU E 155 -22.78 -41.33 -11.79
C GLU E 155 -23.12 -41.35 -10.31
N GLN E 156 -22.14 -41.07 -9.44
CA GLN E 156 -22.40 -40.93 -8.02
C GLN E 156 -21.81 -39.65 -7.42
N LEU E 157 -21.16 -38.81 -8.24
CA LEU E 157 -20.89 -37.45 -7.84
C LEU E 157 -22.18 -36.68 -7.57
N ALA E 158 -23.29 -37.12 -8.17
CA ALA E 158 -24.59 -36.56 -7.91
C ALA E 158 -25.19 -37.16 -6.65
N LYS E 159 -26.38 -36.68 -6.28
CA LYS E 159 -27.11 -37.15 -5.10
C LYS E 159 -26.26 -37.05 -3.83
N VAL E 160 -25.40 -36.05 -3.77
CA VAL E 160 -24.70 -35.67 -2.55
C VAL E 160 -25.14 -34.26 -2.19
N VAL E 161 -25.35 -34.02 -0.89
CA VAL E 161 -25.90 -32.75 -0.44
C VAL E 161 -24.75 -31.78 -0.23
N ILE E 162 -24.67 -30.77 -1.09
CA ILE E 162 -23.71 -29.68 -0.90
C ILE E 162 -24.41 -28.58 -0.13
N ALA E 163 -23.94 -28.30 1.08
CA ALA E 163 -24.51 -27.29 1.94
C ALA E 163 -23.60 -26.07 1.96
N TYR E 164 -24.18 -24.89 1.75
CA TYR E 164 -23.45 -23.64 1.82
C TYR E 164 -23.93 -22.84 3.02
N GLU E 165 -23.03 -22.63 3.97
CA GLU E 165 -23.30 -21.75 5.10
C GLU E 165 -22.45 -20.50 4.98
N PRO E 166 -23.02 -19.31 5.07
CA PRO E 166 -22.23 -18.09 4.89
C PRO E 166 -21.46 -17.75 6.16
N VAL E 167 -20.15 -18.03 6.16
CA VAL E 167 -19.33 -17.84 7.36
C VAL E 167 -19.43 -16.41 7.87
N TRP E 168 -19.52 -15.45 6.95
CA TRP E 168 -19.61 -14.05 7.35
C TRP E 168 -20.98 -13.69 7.91
N ALA E 169 -22.05 -14.33 7.42
CA ALA E 169 -23.39 -14.01 7.90
C ALA E 169 -23.69 -14.64 9.25
N ILE E 170 -22.97 -15.69 9.63
CA ILE E 170 -23.16 -16.35 10.92
C ILE E 170 -22.31 -15.64 11.96
N GLY E 171 -22.95 -15.21 13.04
CA GLY E 171 -22.23 -14.62 14.15
C GLY E 171 -21.84 -13.17 13.94
N THR E 172 -20.99 -12.92 12.94
CA THR E 172 -20.52 -11.57 12.68
C THR E 172 -21.70 -10.65 12.38
N GLY E 173 -21.54 -9.37 12.75
CA GLY E 173 -22.61 -8.40 12.59
C GLY E 173 -22.97 -8.10 11.14
N VAL E 174 -23.08 -9.14 10.33
CA VAL E 174 -23.40 -9.02 8.91
C VAL E 174 -24.61 -9.88 8.60
N VAL E 175 -25.43 -9.43 7.67
CA VAL E 175 -26.62 -10.14 7.22
C VAL E 175 -26.51 -10.40 5.73
N ALA E 176 -26.88 -11.60 5.32
CA ALA E 176 -26.86 -11.99 3.91
C ALA E 176 -28.23 -11.67 3.30
N SER E 177 -28.26 -10.72 2.38
CA SER E 177 -29.50 -10.34 1.72
C SER E 177 -29.89 -11.40 0.68
N LEU E 178 -31.19 -11.45 0.39
CA LEU E 178 -31.71 -12.43 -0.56
C LEU E 178 -31.01 -12.34 -1.91
N GLU E 179 -30.47 -11.16 -2.25
CA GLU E 179 -29.74 -11.00 -3.50
C GLU E 179 -28.43 -11.78 -3.47
N GLN E 180 -27.63 -11.59 -2.41
CA GLN E 180 -26.32 -12.22 -2.36
C GLN E 180 -26.40 -13.71 -2.02
N ILE E 181 -27.47 -14.17 -1.36
CA ILE E 181 -27.64 -15.59 -1.12
C ILE E 181 -27.99 -16.32 -2.41
N GLN E 182 -28.92 -15.76 -3.19
CA GLN E 182 -29.33 -16.38 -4.43
C GLN E 182 -28.20 -16.41 -5.44
N GLU E 183 -27.47 -15.30 -5.57
CA GLU E 183 -26.42 -15.18 -6.58
C GLU E 183 -25.13 -15.88 -6.19
N THR E 184 -25.04 -16.44 -4.98
CA THR E 184 -23.86 -17.21 -4.60
C THR E 184 -24.06 -18.71 -4.87
N HIS E 185 -25.24 -19.24 -4.55
CA HIS E 185 -25.54 -20.62 -4.90
C HIS E 185 -25.42 -20.86 -6.39
N GLN E 186 -25.71 -19.83 -7.20
CA GLN E 186 -25.51 -19.93 -8.64
C GLN E 186 -24.05 -20.18 -8.97
N PHE E 187 -23.15 -19.43 -8.33
CA PHE E 187 -21.72 -19.64 -8.55
C PHE E 187 -21.29 -21.01 -8.04
N ILE E 188 -21.87 -21.46 -6.92
CA ILE E 188 -21.63 -22.82 -6.46
C ILE E 188 -22.20 -23.83 -7.46
N ARG E 189 -23.40 -23.54 -7.98
CA ARG E 189 -23.97 -24.39 -9.02
C ARG E 189 -23.16 -24.30 -10.31
N SER E 190 -22.64 -23.11 -10.63
CA SER E 190 -21.83 -22.95 -11.83
C SER E 190 -20.59 -23.82 -11.80
N LEU E 191 -20.05 -24.08 -10.61
CA LEU E 191 -18.87 -24.94 -10.51
C LEU E 191 -19.24 -26.40 -10.76
N LEU E 192 -20.38 -26.85 -10.24
CA LEU E 192 -20.85 -28.19 -10.55
C LEU E 192 -21.32 -28.29 -11.99
N ALA E 193 -22.00 -27.25 -12.49
CA ALA E 193 -22.43 -27.19 -13.88
C ALA E 193 -21.31 -26.80 -14.83
N LYS E 194 -20.08 -26.65 -14.32
CA LYS E 194 -18.94 -26.37 -15.21
C LYS E 194 -18.54 -27.59 -16.01
N VAL E 195 -18.76 -28.78 -15.46
CA VAL E 195 -18.43 -30.03 -16.14
C VAL E 195 -19.67 -30.70 -16.73
N ASP E 196 -20.81 -30.58 -16.06
CA ASP E 196 -22.04 -31.21 -16.54
C ASP E 196 -23.23 -30.51 -15.90
N GLU E 197 -24.21 -30.11 -16.72
CA GLU E 197 -25.46 -29.59 -16.18
C GLU E 197 -26.23 -30.68 -15.44
N ARG E 198 -26.21 -31.90 -15.97
CA ARG E 198 -26.66 -33.05 -15.19
C ARG E 198 -25.75 -33.21 -13.98
N LEU E 199 -26.29 -33.74 -12.90
CA LEU E 199 -25.59 -33.82 -11.63
C LEU E 199 -25.21 -32.45 -11.11
N ALA E 200 -25.89 -31.42 -11.60
CA ALA E 200 -25.72 -30.05 -11.12
C ALA E 200 -27.09 -29.42 -10.96
N LYS E 201 -27.81 -29.26 -12.08
CA LYS E 201 -29.18 -28.76 -12.01
C LYS E 201 -30.11 -29.77 -11.34
N ASN E 202 -29.72 -31.03 -11.26
CA ASN E 202 -30.55 -32.07 -10.66
C ASN E 202 -30.19 -32.35 -9.20
N ILE E 203 -29.01 -31.95 -8.76
CA ILE E 203 -28.55 -32.20 -7.40
C ILE E 203 -28.88 -30.97 -6.54
N LYS E 204 -29.00 -31.18 -5.24
CA LYS E 204 -29.56 -30.17 -4.34
C LYS E 204 -28.43 -29.44 -3.60
N ILE E 205 -28.39 -28.12 -3.75
CA ILE E 205 -27.50 -27.24 -2.99
C ILE E 205 -28.32 -26.59 -1.89
N VAL E 206 -27.72 -26.43 -0.72
CA VAL E 206 -28.45 -26.14 0.52
C VAL E 206 -27.85 -24.92 1.20
N TYR E 207 -28.71 -24.04 1.71
CA TYR E 207 -28.27 -22.93 2.54
C TYR E 207 -28.05 -23.40 3.97
N GLY E 208 -26.89 -23.06 4.54
CA GLY E 208 -26.53 -23.46 5.88
C GLY E 208 -26.55 -22.32 6.87
N GLY E 209 -25.95 -22.57 8.03
CA GLY E 209 -25.90 -21.58 9.09
C GLY E 209 -27.06 -21.70 10.05
N SER E 210 -28.04 -20.81 9.93
CA SER E 210 -29.23 -20.86 10.77
C SER E 210 -30.35 -20.14 10.05
N LEU E 211 -31.47 -20.82 9.86
CA LEU E 211 -32.66 -20.25 9.21
C LEU E 211 -33.73 -20.03 10.26
N LYS E 212 -34.19 -18.79 10.38
CA LYS E 212 -35.19 -18.44 11.37
C LYS E 212 -36.60 -18.61 10.81
N ALA E 213 -37.60 -18.28 11.64
CA ALA E 213 -38.98 -18.57 11.30
C ALA E 213 -39.47 -17.75 10.12
N GLU E 214 -39.36 -16.42 10.23
CA GLU E 214 -39.78 -15.54 9.13
C GLU E 214 -38.81 -15.64 7.96
N ASN E 215 -37.51 -15.82 8.23
CA ASN E 215 -36.55 -16.04 7.16
C ASN E 215 -36.78 -17.37 6.46
N ALA E 216 -37.49 -18.31 7.09
CA ALA E 216 -37.80 -19.57 6.45
C ALA E 216 -38.56 -19.35 5.14
N LYS E 217 -39.60 -18.50 5.18
CA LYS E 217 -40.44 -18.31 4.00
C LYS E 217 -39.62 -17.74 2.85
N ASP E 218 -38.82 -16.72 3.12
CA ASP E 218 -38.03 -16.06 2.09
C ASP E 218 -36.72 -16.78 1.78
N ILE E 219 -36.60 -18.06 2.15
CA ILE E 219 -35.38 -18.82 1.85
C ILE E 219 -35.76 -20.19 1.31
N LEU E 220 -37.01 -20.62 1.55
CA LEU E 220 -37.46 -21.89 0.99
C LEU E 220 -37.50 -21.82 -0.54
N SER E 221 -38.02 -20.71 -1.08
CA SER E 221 -38.29 -20.60 -2.50
C SER E 221 -36.97 -20.52 -3.27
N LEU E 222 -36.32 -19.34 -3.21
CA LEU E 222 -35.11 -18.93 -3.92
C LEU E 222 -34.72 -19.89 -5.03
N PRO E 223 -35.03 -19.54 -6.31
CA PRO E 223 -34.86 -20.48 -7.44
C PRO E 223 -33.66 -21.38 -7.35
N ASP E 224 -32.54 -20.85 -6.86
CA ASP E 224 -31.31 -21.63 -6.69
C ASP E 224 -31.08 -22.00 -5.22
N VAL E 225 -32.10 -22.56 -4.58
CA VAL E 225 -31.98 -23.13 -3.25
C VAL E 225 -32.82 -24.40 -3.21
N ASP E 226 -32.19 -25.53 -2.90
CA ASP E 226 -32.84 -26.83 -2.93
C ASP E 226 -32.94 -27.44 -1.54
N GLY E 227 -33.22 -26.62 -0.54
CA GLY E 227 -33.36 -27.06 0.83
C GLY E 227 -32.55 -26.22 1.78
N GLY E 228 -32.61 -26.62 3.05
CA GLY E 228 -31.94 -25.87 4.10
C GLY E 228 -31.31 -26.79 5.12
N LEU E 229 -30.20 -26.33 5.69
CA LEU E 229 -29.49 -27.02 6.76
C LEU E 229 -29.64 -26.17 8.02
N ILE E 230 -30.76 -26.35 8.70
CA ILE E 230 -31.08 -25.54 9.88
C ILE E 230 -30.14 -25.94 11.02
N GLY E 231 -29.42 -24.95 11.56
CA GLY E 231 -28.54 -25.19 12.67
C GLY E 231 -29.17 -24.82 14.00
N GLY E 232 -29.77 -23.64 14.07
CA GLY E 232 -30.39 -23.18 15.31
C GLY E 232 -31.85 -23.55 15.43
N ALA E 233 -32.55 -23.61 14.30
CA ALA E 233 -33.97 -23.96 14.32
C ALA E 233 -34.19 -25.39 14.82
N SER E 234 -33.20 -26.26 14.64
CA SER E 234 -33.31 -27.65 15.04
C SER E 234 -33.13 -27.87 16.53
N LEU E 235 -32.92 -26.79 17.30
CA LEU E 235 -32.83 -26.90 18.75
C LEU E 235 -34.17 -26.72 19.44
N LYS E 236 -35.17 -26.18 18.75
CA LYS E 236 -36.51 -26.02 19.28
C LYS E 236 -37.47 -26.90 18.49
N ALA E 237 -38.23 -27.74 19.20
CA ALA E 237 -39.12 -28.68 18.52
C ALA E 237 -40.26 -27.95 17.80
N ALA E 238 -40.77 -26.87 18.40
CA ALA E 238 -41.84 -26.12 17.76
C ALA E 238 -41.31 -25.29 16.59
N GLU E 239 -40.16 -24.65 16.77
CA GLU E 239 -39.57 -23.87 15.69
C GLU E 239 -39.19 -24.74 14.51
N PHE E 240 -38.77 -25.99 14.78
CA PHE E 240 -38.27 -26.85 13.71
C PHE E 240 -39.39 -27.27 12.77
N ASN E 241 -40.41 -27.95 13.29
CA ASN E 241 -41.48 -28.40 12.41
C ASN E 241 -42.20 -27.24 11.73
N GLU E 242 -42.16 -26.04 12.33
CA GLU E 242 -42.76 -24.88 11.70
C GLU E 242 -42.11 -24.56 10.37
N ILE E 243 -40.77 -24.60 10.30
CA ILE E 243 -40.10 -24.39 9.02
C ILE E 243 -40.46 -25.50 8.05
N ILE E 244 -40.70 -26.71 8.55
CA ILE E 244 -41.09 -27.81 7.67
C ILE E 244 -42.52 -27.62 7.19
N ASN E 245 -43.41 -27.14 8.07
CA ASN E 245 -44.78 -26.89 7.68
C ASN E 245 -44.84 -25.87 6.54
N GLN E 246 -44.05 -24.80 6.63
CA GLN E 246 -43.96 -23.86 5.52
C GLN E 246 -43.11 -24.43 4.39
N ALA E 247 -42.14 -25.29 4.69
CA ALA E 247 -41.47 -26.03 3.64
C ALA E 247 -42.33 -27.14 3.07
N ASN E 248 -43.45 -27.46 3.70
CA ASN E 248 -44.37 -28.49 3.22
C ASN E 248 -45.29 -27.93 2.12
N LYS E 249 -46.01 -26.84 2.38
CA LYS E 249 -46.99 -26.31 1.45
C LYS E 249 -46.83 -24.82 1.13
N ILE E 250 -46.19 -24.02 2.00
CA ILE E 250 -45.71 -22.72 1.56
C ILE E 250 -44.49 -22.82 0.67
N CYS E 251 -43.98 -24.04 0.47
CA CYS E 251 -42.90 -24.33 -0.47
C CYS E 251 -43.33 -25.24 -1.60
N THR E 252 -44.06 -26.32 -1.28
CA THR E 252 -44.47 -27.29 -2.30
C THR E 252 -45.98 -27.27 -2.51
N GLU E 253 -46.57 -28.45 -2.72
CA GLU E 253 -47.97 -28.60 -3.08
C GLU E 253 -48.27 -27.88 -4.40
N GLN F 2 -32.44 -18.28 29.95
CA GLN F 2 -33.91 -18.31 29.87
C GLN F 2 -34.51 -18.79 31.19
N LYS F 3 -33.73 -18.69 32.26
CA LYS F 3 -34.16 -19.09 33.60
C LYS F 3 -34.07 -17.89 34.54
N LEU F 4 -34.44 -18.13 35.80
CA LEU F 4 -34.45 -17.06 36.80
C LEU F 4 -34.17 -17.65 38.17
N ILE F 5 -33.29 -16.98 38.93
CA ILE F 5 -32.92 -17.42 40.27
C ILE F 5 -32.85 -16.19 41.17
N GLY F 7 -32.98 -14.52 45.55
CA GLY F 7 -32.59 -14.70 46.93
C GLY F 7 -33.55 -14.07 47.91
N ASN F 8 -34.01 -14.86 48.89
CA ASN F 8 -35.04 -14.45 49.82
C ASN F 8 -34.45 -14.37 51.23
N TRP F 9 -33.55 -13.40 51.43
CA TRP F 9 -32.99 -13.16 52.75
C TRP F 9 -34.10 -12.97 53.77
N LYS F 10 -35.10 -12.17 53.43
CA LYS F 10 -36.39 -12.14 54.12
C LYS F 10 -36.33 -11.48 55.50
N ASN F 12 -32.77 -11.19 57.27
CA ASN F 12 -31.37 -11.27 57.64
C ASN F 12 -30.61 -10.10 57.03
N GLY F 13 -29.64 -9.58 57.76
CA GLY F 13 -28.83 -8.47 57.30
C GLY F 13 -28.34 -7.63 58.45
N ASN F 14 -27.42 -6.71 58.12
CA ASN F 14 -26.83 -5.79 59.08
C ASN F 14 -26.28 -4.58 58.34
N SER F 15 -26.55 -3.38 58.90
CA SER F 15 -26.29 -2.12 58.18
C SER F 15 -24.88 -2.03 57.64
N THR F 16 -23.94 -2.78 58.20
CA THR F 16 -22.59 -2.84 57.64
C THR F 16 -22.37 -4.10 56.82
N SER F 17 -23.15 -5.16 57.07
CA SER F 17 -23.04 -6.42 56.35
C SER F 17 -23.98 -6.52 55.16
N ILE F 18 -24.35 -5.41 54.51
CA ILE F 18 -25.23 -5.49 53.35
C ILE F 18 -24.41 -5.58 52.07
N LYS F 19 -23.48 -4.63 51.92
CA LYS F 19 -22.63 -4.67 50.74
C LYS F 19 -21.72 -5.91 50.73
N GLU F 20 -21.62 -6.64 51.84
CA GLU F 20 -20.87 -7.88 51.82
C GLU F 20 -21.48 -8.87 50.84
N LEU F 21 -22.77 -8.77 50.55
CA LEU F 21 -23.38 -9.51 49.47
C LEU F 21 -23.31 -8.79 48.13
N CYS F 22 -22.71 -7.60 48.07
CA CYS F 22 -22.62 -6.92 46.78
C CYS F 22 -21.52 -7.52 45.92
N SER F 23 -20.42 -8.00 46.51
CA SER F 23 -19.26 -8.31 45.69
C SER F 23 -19.47 -9.56 44.84
N GLY F 24 -20.48 -10.37 45.15
CA GLY F 24 -20.73 -11.57 44.39
C GLY F 24 -21.48 -11.35 43.08
N ILE F 25 -20.81 -10.77 42.10
CA ILE F 25 -21.34 -10.74 40.73
C ILE F 25 -20.40 -11.50 39.81
N THR F 32 -23.27 -13.95 35.31
CA THR F 32 -24.69 -14.19 35.13
C THR F 32 -25.14 -13.73 33.74
N SER F 33 -24.98 -14.60 32.75
CA SER F 33 -25.30 -14.25 31.36
C SER F 33 -26.73 -14.66 31.02
N ARG F 34 -26.97 -15.96 30.90
CA ARG F 34 -28.28 -16.49 30.49
C ARG F 34 -29.11 -16.92 31.70
N VAL F 35 -29.23 -16.03 32.68
CA VAL F 35 -30.04 -16.31 33.87
C VAL F 35 -30.45 -15.00 34.51
N ALA F 36 -31.76 -14.79 34.62
CA ALA F 36 -32.28 -13.62 35.32
C ALA F 36 -32.11 -13.80 36.81
N ILE F 37 -31.66 -12.75 37.47
CA ILE F 37 -31.39 -12.81 38.91
C ILE F 37 -32.12 -11.66 39.59
N ALA F 38 -32.57 -11.91 40.81
CA ALA F 38 -33.30 -10.93 41.60
C ALA F 38 -32.86 -11.02 43.05
N VAL F 39 -33.33 -10.06 43.85
CA VAL F 39 -33.06 -10.04 45.28
C VAL F 39 -34.20 -9.32 45.97
N PHE F 40 -34.49 -9.74 47.20
CA PHE F 40 -35.62 -9.23 47.97
C PHE F 40 -35.15 -8.97 49.39
N PRO F 41 -34.52 -7.81 49.63
CA PRO F 41 -34.00 -7.51 50.97
C PRO F 41 -35.10 -7.10 51.93
N SER F 42 -34.73 -6.62 53.10
CA SER F 42 -35.70 -6.12 54.05
C SER F 42 -36.22 -4.75 53.63
N SER F 43 -37.28 -4.30 54.29
CA SER F 43 -37.82 -2.98 54.01
C SER F 43 -36.86 -1.87 54.39
N VAL F 44 -36.22 -2.01 55.55
CA VAL F 44 -35.39 -0.93 56.08
C VAL F 44 -34.15 -0.69 55.22
N TYR F 45 -33.58 -1.76 54.65
CA TYR F 45 -32.30 -1.65 53.97
C TYR F 45 -32.43 -1.58 52.44
N VAL F 46 -33.65 -1.65 51.92
CA VAL F 46 -33.90 -1.68 50.48
C VAL F 46 -33.34 -0.42 49.81
N LYS F 47 -33.12 0.63 50.59
CA LYS F 47 -32.63 1.88 50.04
C LYS F 47 -31.20 1.74 49.53
N GLU F 48 -30.24 1.48 50.43
CA GLU F 48 -28.86 1.35 50.01
C GLU F 48 -28.59 0.07 49.24
N VAL F 49 -29.50 -0.91 49.30
CA VAL F 49 -29.29 -2.16 48.57
C VAL F 49 -29.17 -1.89 47.08
N ILE F 50 -30.09 -1.10 46.53
CA ILE F 50 -30.05 -0.78 45.11
C ILE F 50 -28.82 0.04 44.75
N SER F 51 -28.16 0.62 45.73
CA SER F 51 -26.94 1.38 45.51
C SER F 51 -25.69 0.51 45.58
N GLN F 52 -25.84 -0.82 45.57
CA GLN F 52 -24.69 -1.71 45.62
C GLN F 52 -24.57 -2.66 44.43
N LEU F 53 -25.67 -3.01 43.77
CA LEU F 53 -25.57 -3.90 42.62
C LEU F 53 -26.52 -3.54 41.47
N PRO F 54 -26.65 -2.27 41.07
CA PRO F 54 -27.58 -1.95 39.99
C PRO F 54 -27.05 -2.47 38.66
N GLU F 55 -27.97 -2.78 37.75
CA GLU F 55 -29.41 -2.67 37.97
C GLU F 55 -30.11 -3.93 37.45
N LYS F 56 -29.33 -4.81 36.81
CA LYS F 56 -29.90 -5.98 36.14
C LYS F 56 -30.60 -6.91 37.13
N VAL F 57 -30.07 -7.00 38.35
CA VAL F 57 -30.65 -7.84 39.40
C VAL F 57 -31.93 -7.20 39.91
N GLY F 58 -33.04 -7.92 39.86
CA GLY F 58 -34.32 -7.38 40.26
C GLY F 58 -34.51 -7.17 41.74
N VAL F 59 -34.48 -5.93 42.20
CA VAL F 59 -34.72 -5.61 43.61
C VAL F 59 -36.21 -5.76 43.91
N GLY F 60 -36.53 -6.39 45.03
CA GLY F 60 -37.91 -6.61 45.42
C GLY F 60 -38.12 -6.30 46.90
N LEU F 61 -39.37 -6.50 47.33
CA LEU F 61 -39.75 -6.25 48.72
C LEU F 61 -40.44 -7.49 49.27
N GLN F 62 -40.51 -7.56 50.60
CA GLN F 62 -41.10 -8.71 51.26
C GLN F 62 -42.62 -8.70 51.16
N ASN F 63 -43.26 -7.67 51.71
CA ASN F 63 -44.69 -7.68 51.92
C ASN F 63 -45.29 -6.31 51.64
N ILE F 64 -46.50 -6.30 51.06
CA ILE F 64 -47.31 -5.11 50.89
C ILE F 64 -48.76 -5.48 51.18
N THR F 65 -49.62 -4.46 51.21
CA THR F 65 -51.05 -4.64 51.31
C THR F 65 -51.74 -3.81 50.24
N PHE F 66 -53.00 -4.14 49.97
CA PHE F 66 -53.74 -3.50 48.89
C PHE F 66 -54.12 -2.05 49.19
N TYR F 67 -53.84 -1.55 50.39
CA TYR F 67 -54.08 -0.15 50.70
C TYR F 67 -53.00 0.70 50.03
N ASP F 68 -53.43 1.79 49.37
CA ASP F 68 -52.52 2.64 48.62
C ASP F 68 -52.70 4.09 49.02
N ASP F 69 -51.57 4.78 49.22
CA ASP F 69 -51.54 6.21 49.49
C ASP F 69 -52.47 6.59 50.64
N GLY F 70 -52.17 6.01 51.81
CA GLY F 70 -52.98 6.25 52.99
C GLY F 70 -52.17 6.34 54.26
N ALA F 71 -52.84 6.18 55.41
CA ALA F 71 -52.19 6.26 56.71
C ALA F 71 -52.52 5.04 57.55
N TYR F 72 -52.61 3.87 56.90
CA TYR F 72 -52.88 2.62 57.60
C TYR F 72 -51.57 2.10 58.17
N THR F 73 -51.33 2.44 59.43
CA THR F 73 -50.02 2.33 60.06
C THR F 73 -49.45 0.92 59.98
N GLY F 74 -48.13 0.82 59.90
CA GLY F 74 -47.40 -0.41 60.11
C GLY F 74 -47.06 -1.20 58.86
N GLU F 75 -47.12 -0.59 57.68
CA GLU F 75 -47.02 -1.33 56.44
C GLU F 75 -46.23 -0.48 55.43
N ILE F 76 -46.01 -1.04 54.24
CA ILE F 76 -45.37 -0.34 53.13
C ILE F 76 -46.23 -0.58 51.89
N SER F 77 -46.85 0.48 51.38
CA SER F 77 -47.77 0.34 50.27
C SER F 77 -47.02 0.04 48.97
N ALA F 78 -47.79 -0.28 47.93
CA ALA F 78 -47.20 -0.53 46.60
C ALA F 78 -46.81 0.76 45.91
N ARG F 79 -47.67 1.78 45.98
CA ARG F 79 -47.28 3.10 45.51
C ARG F 79 -46.15 3.67 46.35
N LEU F 81 -43.94 1.75 47.43
CA LEU F 81 -42.83 0.95 46.92
C LEU F 81 -42.30 1.47 45.59
N GLU F 82 -43.08 2.27 44.86
CA GLU F 82 -42.60 2.84 43.61
C GLU F 82 -41.47 3.84 43.84
N ASP F 83 -41.51 4.57 44.95
CA ASP F 83 -40.51 5.59 45.21
C ASP F 83 -39.13 4.97 45.45
N ILE F 84 -39.09 3.83 46.14
CA ILE F 84 -37.82 3.19 46.39
C ILE F 84 -37.27 2.47 45.16
N GLY F 85 -38.13 2.18 44.19
CA GLY F 85 -37.67 1.59 42.94
C GLY F 85 -37.30 0.14 43.05
N CYS F 86 -38.29 -0.73 43.28
CA CYS F 86 -38.09 -2.17 43.30
C CYS F 86 -38.56 -2.76 41.98
N ASP F 87 -37.83 -3.77 41.50
CA ASP F 87 -38.16 -4.38 40.22
C ASP F 87 -39.37 -5.29 40.33
N TYR F 88 -39.28 -6.32 41.17
CA TYR F 88 -40.35 -7.30 41.33
C TYR F 88 -40.92 -7.20 42.74
N LEU F 89 -41.85 -8.11 43.04
CA LEU F 89 -42.49 -8.18 44.35
C LEU F 89 -42.74 -9.63 44.70
N LEU F 90 -42.75 -9.92 46.00
CA LEU F 90 -42.98 -11.27 46.51
C LEU F 90 -44.34 -11.29 47.19
N ILE F 91 -45.27 -12.06 46.63
CA ILE F 91 -46.65 -12.09 47.09
C ILE F 91 -46.98 -13.50 47.58
N GLY F 92 -47.70 -13.57 48.70
CA GLY F 92 -48.16 -14.84 49.23
C GLY F 92 -47.05 -15.72 49.78
N HIS F 93 -46.23 -15.18 50.67
CA HIS F 93 -45.16 -15.95 51.26
C HIS F 93 -45.71 -16.87 52.35
N SER F 94 -45.22 -18.12 52.37
CA SER F 94 -45.77 -19.13 53.26
C SER F 94 -45.58 -18.76 54.72
N GLU F 95 -44.34 -18.43 55.10
CA GLU F 95 -44.05 -18.09 56.49
C GLU F 95 -44.86 -16.89 56.97
N ARG F 96 -45.43 -16.12 56.05
CA ARG F 96 -46.38 -15.05 56.37
C ARG F 96 -47.82 -15.46 56.15
N ARG F 97 -48.09 -16.28 55.13
CA ARG F 97 -49.41 -16.86 54.97
C ARG F 97 -49.81 -17.68 56.19
N SER F 98 -48.82 -18.31 56.85
CA SER F 98 -49.08 -19.19 57.97
C SER F 98 -49.00 -18.46 59.31
N LEU F 99 -48.12 -17.47 59.44
CA LEU F 99 -47.88 -16.81 60.72
C LEU F 99 -48.51 -15.44 60.84
N PHE F 100 -48.74 -14.74 59.73
CA PHE F 100 -49.36 -13.41 59.76
C PHE F 100 -50.78 -13.42 59.19
N ALA F 101 -51.37 -14.61 59.03
CA ALA F 101 -52.78 -14.77 58.69
C ALA F 101 -53.13 -14.05 57.37
N GLU F 102 -52.55 -14.58 56.29
CA GLU F 102 -52.85 -14.10 54.96
C GLU F 102 -53.90 -15.00 54.32
N SER F 103 -54.30 -14.66 53.09
CA SER F 103 -55.34 -15.40 52.40
C SER F 103 -55.13 -15.28 50.90
N ASP F 104 -55.80 -16.16 50.15
CA ASP F 104 -55.74 -16.10 48.69
C ASP F 104 -56.43 -14.86 48.14
N GLU F 105 -57.33 -14.25 48.91
CA GLU F 105 -57.95 -13.00 48.46
C GLU F 105 -56.97 -11.84 48.59
N ASP F 106 -56.21 -11.79 49.68
CA ASP F 106 -55.23 -10.73 49.86
C ASP F 106 -54.17 -10.75 48.76
N VAL F 107 -53.65 -11.94 48.45
CA VAL F 107 -52.52 -12.04 47.53
C VAL F 107 -52.93 -11.65 46.12
N PHE F 108 -54.18 -11.93 45.73
CA PHE F 108 -54.63 -11.53 44.40
C PHE F 108 -54.76 -10.02 44.30
N LYS F 109 -55.33 -9.39 45.33
CA LYS F 109 -55.43 -7.92 45.35
C LYS F 109 -54.06 -7.28 45.22
N LYS F 110 -53.10 -7.74 46.02
CA LYS F 110 -51.73 -7.26 45.89
C LYS F 110 -51.17 -7.54 44.51
N LEU F 111 -51.55 -8.66 43.90
CA LEU F 111 -51.12 -8.97 42.54
C LEU F 111 -51.89 -8.16 41.51
N ASN F 112 -53.21 -8.02 41.71
CA ASN F 112 -54.04 -7.28 40.75
C ASN F 112 -53.64 -5.82 40.64
N LYS F 113 -53.00 -5.26 41.68
CA LYS F 113 -52.57 -3.87 41.62
C LYS F 113 -51.40 -3.66 40.67
N ILE F 114 -50.62 -4.70 40.41
CA ILE F 114 -49.48 -4.58 39.50
C ILE F 114 -49.61 -5.62 38.38
N ILE F 115 -50.85 -5.93 37.99
CA ILE F 115 -51.06 -6.77 36.83
C ILE F 115 -50.78 -5.98 35.56
N ASP F 116 -51.39 -4.80 35.44
CA ASP F 116 -51.10 -3.92 34.31
C ASP F 116 -49.72 -3.29 34.44
N THR F 117 -49.37 -2.83 35.64
CA THR F 117 -48.00 -2.46 35.96
C THR F 117 -47.13 -3.72 35.95
N THR F 118 -46.68 -4.17 34.78
CA THR F 118 -46.09 -5.51 34.70
C THR F 118 -44.66 -5.53 35.27
N ILE F 119 -44.48 -4.96 36.46
CA ILE F 119 -43.38 -5.32 37.36
C ILE F 119 -43.77 -6.69 37.90
N THR F 120 -43.33 -7.73 37.22
CA THR F 120 -43.84 -9.07 37.45
C THR F 120 -43.62 -9.48 38.91
N PRO F 121 -44.66 -9.88 39.63
CA PRO F 121 -44.49 -10.25 41.03
C PRO F 121 -44.17 -11.73 41.22
N VAL F 122 -43.97 -12.14 42.46
CA VAL F 122 -43.69 -13.53 42.81
C VAL F 122 -44.83 -14.00 43.71
N VAL F 123 -45.86 -14.59 43.12
CA VAL F 123 -47.00 -15.11 43.87
C VAL F 123 -46.64 -16.54 44.27
N CYS F 124 -46.25 -16.72 45.53
CA CYS F 124 -45.75 -18.00 45.99
C CYS F 124 -46.88 -18.94 46.38
N ILE F 125 -46.70 -20.21 46.07
CA ILE F 125 -47.73 -21.24 46.25
C ILE F 125 -47.13 -22.40 47.04
N GLY F 126 -47.92 -23.00 47.91
CA GLY F 126 -47.43 -24.12 48.66
C GLY F 126 -48.54 -24.84 49.39
N GLU F 127 -48.15 -25.69 50.34
CA GLU F 127 -49.11 -26.43 51.15
C GLU F 127 -48.41 -26.89 52.41
N SER F 128 -49.16 -26.94 53.51
CA SER F 128 -48.63 -27.44 54.76
C SER F 128 -48.44 -28.95 54.69
N LEU F 129 -47.71 -29.48 55.68
CA LEU F 129 -47.56 -30.93 55.77
C LEU F 129 -48.89 -31.58 56.13
N ASP F 130 -49.68 -30.91 56.99
CA ASP F 130 -51.00 -31.44 57.33
C ASP F 130 -51.89 -31.55 56.10
N ASP F 131 -51.73 -30.64 55.13
CA ASP F 131 -52.47 -30.76 53.88
C ASP F 131 -52.08 -32.03 53.14
N ARG F 132 -50.79 -32.37 53.12
CA ARG F 132 -50.36 -33.61 52.48
C ARG F 132 -50.83 -34.82 53.26
N GLN F 133 -50.76 -34.75 54.60
CA GLN F 133 -51.28 -35.86 55.41
C GLN F 133 -52.78 -36.02 55.22
N SER F 134 -53.51 -34.92 55.09
CA SER F 134 -54.94 -34.94 54.86
C SER F 134 -55.30 -35.06 53.39
N GLY F 135 -54.38 -35.52 52.55
CA GLY F 135 -54.67 -35.74 51.14
C GLY F 135 -55.17 -34.51 50.41
N LYS F 136 -54.67 -33.33 50.77
CA LYS F 136 -55.02 -32.09 50.08
C LYS F 136 -53.73 -31.54 49.47
N LEU F 137 -53.33 -32.15 48.34
CA LEU F 137 -52.16 -31.72 47.59
C LEU F 137 -52.55 -31.01 46.31
N LYS F 138 -53.23 -31.69 45.40
CA LYS F 138 -53.63 -31.12 44.13
C LYS F 138 -54.89 -30.26 44.23
N GLN F 139 -55.37 -29.99 45.44
CA GLN F 139 -56.49 -29.07 45.67
C GLN F 139 -56.08 -27.81 46.41
N VAL F 140 -55.17 -27.92 47.38
CA VAL F 140 -54.63 -26.74 48.04
C VAL F 140 -53.92 -25.86 47.03
N LEU F 141 -53.00 -26.46 46.26
CA LEU F 141 -52.34 -25.70 45.20
C LEU F 141 -53.36 -25.16 44.20
N ALA F 142 -54.39 -25.95 43.89
CA ALA F 142 -55.37 -25.53 42.89
C ALA F 142 -56.21 -24.36 43.40
N THR F 143 -56.67 -24.43 44.65
CA THR F 143 -57.47 -23.36 45.23
C THR F 143 -56.62 -22.21 45.76
N GLN F 144 -55.30 -22.30 45.67
CA GLN F 144 -54.42 -21.18 45.99
C GLN F 144 -54.16 -20.28 44.80
N LEU F 145 -54.59 -20.66 43.60
CA LEU F 145 -54.43 -19.87 42.40
C LEU F 145 -55.72 -19.72 41.61
N SER F 146 -56.86 -20.09 42.20
CA SER F 146 -58.12 -20.08 41.46
C SER F 146 -58.48 -18.68 40.99
N LEU F 147 -58.35 -17.68 41.88
CA LEU F 147 -58.69 -16.31 41.52
C LEU F 147 -57.69 -15.74 40.51
N ILE F 148 -56.40 -15.94 40.77
CA ILE F 148 -55.37 -15.34 39.92
C ILE F 148 -55.40 -15.96 38.53
N LEU F 149 -55.67 -17.26 38.44
CA LEU F 149 -55.75 -17.95 37.15
C LEU F 149 -57.09 -17.76 36.46
N GLU F 150 -57.95 -16.88 36.96
CA GLU F 150 -59.27 -16.65 36.40
C GLU F 150 -59.47 -15.22 35.93
N ASN F 151 -59.25 -14.24 36.80
CA ASN F 151 -59.51 -12.84 36.49
C ASN F 151 -58.44 -12.22 35.61
N LEU F 152 -57.53 -13.02 35.06
CA LEU F 152 -56.45 -12.52 34.23
C LEU F 152 -56.57 -13.12 32.84
N SER F 153 -56.43 -12.27 31.81
CA SER F 153 -56.45 -12.73 30.43
C SER F 153 -55.17 -13.52 30.13
N VAL F 154 -55.06 -13.99 28.89
CA VAL F 154 -53.92 -14.81 28.49
C VAL F 154 -52.62 -14.02 28.64
N GLU F 155 -52.59 -12.81 28.09
CA GLU F 155 -51.41 -11.97 28.25
C GLU F 155 -51.32 -11.37 29.65
N GLN F 156 -52.47 -11.19 30.31
CA GLN F 156 -52.43 -10.78 31.72
C GLN F 156 -51.85 -11.90 32.58
N LEU F 157 -52.16 -13.16 32.26
CA LEU F 157 -51.51 -14.28 32.91
C LEU F 157 -50.08 -14.46 32.43
N ALA F 158 -49.73 -13.90 31.28
CA ALA F 158 -48.35 -13.91 30.82
C ALA F 158 -47.52 -12.89 31.58
N LYS F 159 -46.20 -13.06 31.53
CA LYS F 159 -45.25 -12.21 32.25
C LYS F 159 -45.53 -12.24 33.75
N VAL F 160 -45.86 -13.41 34.28
CA VAL F 160 -46.11 -13.62 35.70
C VAL F 160 -45.21 -14.73 36.19
N VAL F 161 -44.75 -14.62 37.43
CA VAL F 161 -43.82 -15.58 38.04
C VAL F 161 -44.55 -16.31 39.15
N ILE F 162 -44.42 -17.64 39.17
CA ILE F 162 -44.98 -18.50 40.20
C ILE F 162 -43.84 -19.15 40.96
N ALA F 163 -43.91 -19.10 42.29
CA ALA F 163 -42.96 -19.77 43.16
C ALA F 163 -43.65 -20.82 43.99
N TYR F 164 -42.97 -21.95 44.21
CA TYR F 164 -43.52 -23.05 44.99
C TYR F 164 -42.88 -23.07 46.37
N GLU F 165 -43.70 -23.37 47.38
CA GLU F 165 -43.25 -23.42 48.78
C GLU F 165 -43.51 -24.81 49.35
N PRO F 166 -42.51 -25.69 49.37
CA PRO F 166 -42.72 -27.05 49.92
C PRO F 166 -42.69 -27.09 51.43
N VAL F 167 -43.65 -26.40 52.06
CA VAL F 167 -43.74 -26.37 53.52
C VAL F 167 -43.90 -27.78 54.10
N TRP F 168 -44.41 -28.72 53.32
CA TRP F 168 -44.46 -30.11 53.75
C TRP F 168 -43.06 -30.66 54.02
N ALA F 169 -42.06 -30.10 53.36
CA ALA F 169 -40.66 -30.48 53.60
C ALA F 169 -39.90 -29.44 54.41
N ILE F 170 -40.23 -28.16 54.26
CA ILE F 170 -39.54 -27.11 55.02
C ILE F 170 -40.06 -27.14 56.45
N GLY F 171 -39.20 -27.48 57.40
CA GLY F 171 -39.57 -27.55 58.79
C GLY F 171 -40.07 -28.89 59.26
N THR F 172 -40.13 -29.89 58.39
CA THR F 172 -40.58 -31.23 58.73
C THR F 172 -39.46 -32.23 58.49
N GLY F 173 -39.69 -33.46 58.94
CA GLY F 173 -38.72 -34.53 58.74
C GLY F 173 -38.57 -35.01 57.33
N VAL F 174 -39.26 -34.38 56.37
CA VAL F 174 -39.19 -34.77 54.97
C VAL F 174 -38.20 -33.88 54.25
N VAL F 175 -37.45 -34.46 53.32
CA VAL F 175 -36.48 -33.74 52.52
C VAL F 175 -36.91 -33.84 51.05
N ALA F 176 -36.31 -32.99 50.23
CA ALA F 176 -36.65 -32.89 48.81
C ALA F 176 -36.38 -34.19 48.07
N SER F 177 -37.43 -34.97 47.82
CA SER F 177 -37.35 -36.11 46.92
C SER F 177 -37.50 -35.61 45.50
N LEU F 178 -36.42 -35.68 44.72
CA LEU F 178 -36.40 -35.08 43.40
C LEU F 178 -37.44 -35.68 42.46
N GLU F 179 -37.88 -36.92 42.71
CA GLU F 179 -38.89 -37.54 41.87
C GLU F 179 -40.25 -36.85 41.99
N GLN F 180 -40.49 -36.13 43.08
CA GLN F 180 -41.77 -35.45 43.29
C GLN F 180 -41.74 -33.98 42.92
N ILE F 181 -40.56 -33.34 42.96
CA ILE F 181 -40.48 -31.92 42.63
C ILE F 181 -40.86 -31.69 41.17
N GLN F 182 -40.44 -32.60 40.28
CA GLN F 182 -40.92 -32.54 38.90
C GLN F 182 -42.35 -33.07 38.79
N GLU F 183 -42.68 -34.09 39.58
CA GLU F 183 -44.05 -34.60 39.62
C GLU F 183 -45.02 -33.54 40.11
N THR F 184 -44.55 -32.61 40.95
CA THR F 184 -45.38 -31.50 41.39
C THR F 184 -45.38 -30.38 40.36
N HIS F 185 -44.23 -30.11 39.74
CA HIS F 185 -44.10 -28.96 38.86
C HIS F 185 -44.87 -29.14 37.55
N GLN F 186 -44.96 -30.37 37.04
CA GLN F 186 -45.72 -30.58 35.81
C GLN F 186 -47.22 -30.46 36.05
N PHE F 187 -47.69 -30.82 37.25
CA PHE F 187 -49.12 -30.73 37.53
C PHE F 187 -49.58 -29.29 37.63
N ILE F 188 -48.81 -28.45 38.34
CA ILE F 188 -49.18 -27.04 38.42
C ILE F 188 -49.03 -26.38 37.05
N ARG F 189 -48.12 -26.89 36.22
CA ARG F 189 -48.08 -26.46 34.82
C ARG F 189 -49.38 -26.81 34.10
N SER F 190 -49.95 -27.97 34.43
CA SER F 190 -51.24 -28.35 33.87
C SER F 190 -52.36 -27.44 34.34
N LEU F 191 -52.20 -26.80 35.50
CA LEU F 191 -53.17 -25.79 35.92
C LEU F 191 -53.16 -24.59 34.98
N LEU F 192 -51.97 -24.17 34.55
CA LEU F 192 -51.82 -23.10 33.57
C LEU F 192 -51.98 -23.59 32.14
N ALA F 193 -52.37 -24.86 31.95
CA ALA F 193 -52.68 -25.39 30.63
C ALA F 193 -54.17 -25.53 30.38
N LYS F 194 -54.99 -25.61 31.42
CA LYS F 194 -56.44 -25.68 31.24
C LYS F 194 -56.99 -24.36 30.71
N VAL F 195 -56.31 -23.25 30.98
CA VAL F 195 -56.65 -22.00 30.32
C VAL F 195 -56.26 -22.06 28.84
N ASP F 196 -55.03 -22.46 28.57
CA ASP F 196 -54.51 -22.73 27.23
C ASP F 196 -53.14 -23.37 27.38
N GLU F 197 -52.82 -24.29 26.46
CA GLU F 197 -51.60 -25.07 26.58
C GLU F 197 -50.34 -24.25 26.40
N ARG F 198 -50.41 -23.10 25.74
CA ARG F 198 -49.22 -22.33 25.45
C ARG F 198 -48.74 -21.49 26.62
N LEU F 199 -49.63 -21.15 27.57
CA LEU F 199 -49.22 -20.36 28.71
C LEU F 199 -48.40 -21.16 29.71
N ALA F 200 -48.47 -22.48 29.66
CA ALA F 200 -47.58 -23.31 30.47
C ALA F 200 -46.13 -23.06 30.12
N LYS F 201 -45.83 -22.93 28.83
CA LYS F 201 -44.50 -22.50 28.40
C LYS F 201 -44.20 -21.09 28.86
N ASN F 202 -45.18 -20.19 28.74
CA ASN F 202 -44.98 -18.76 28.98
C ASN F 202 -45.21 -18.36 30.44
N ILE F 203 -44.95 -19.25 31.39
CA ILE F 203 -45.06 -18.93 32.81
C ILE F 203 -43.84 -19.49 33.52
N LYS F 204 -43.38 -18.77 34.55
CA LYS F 204 -42.17 -19.14 35.28
C LYS F 204 -42.58 -19.78 36.60
N ILE F 205 -42.49 -21.11 36.66
CA ILE F 205 -42.87 -21.87 37.86
C ILE F 205 -41.59 -22.10 38.65
N VAL F 206 -41.30 -21.19 39.57
CA VAL F 206 -40.08 -21.29 40.36
C VAL F 206 -40.33 -22.19 41.57
N TYR F 207 -39.23 -22.71 42.11
CA TYR F 207 -39.23 -23.55 43.30
C TYR F 207 -38.55 -22.81 44.44
N GLY F 208 -39.07 -22.96 45.66
CA GLY F 208 -38.57 -22.21 46.77
C GLY F 208 -38.37 -23.00 48.05
N GLY F 209 -37.70 -24.15 47.95
CA GLY F 209 -37.43 -24.98 49.10
C GLY F 209 -36.18 -24.56 49.84
N SER F 210 -35.50 -25.54 50.44
CA SER F 210 -34.26 -25.30 51.17
C SER F 210 -33.07 -25.59 50.26
N LEU F 211 -32.87 -24.68 49.31
CA LEU F 211 -31.85 -24.84 48.27
C LEU F 211 -30.48 -24.45 48.83
N LYS F 212 -29.66 -25.46 49.14
CA LYS F 212 -28.37 -25.20 49.75
C LYS F 212 -27.19 -25.60 48.85
N ALA F 213 -26.89 -26.89 48.78
CA ALA F 213 -25.66 -27.34 48.15
C ALA F 213 -25.91 -28.25 46.95
N GLU F 214 -26.21 -29.52 47.23
CA GLU F 214 -26.44 -30.47 46.13
C GLU F 214 -27.69 -30.11 45.34
N ASN F 215 -28.80 -29.82 46.04
CA ASN F 215 -30.03 -29.39 45.39
C ASN F 215 -29.75 -28.38 44.29
N ALA F 216 -28.97 -27.34 44.62
CA ALA F 216 -28.74 -26.21 43.73
C ALA F 216 -28.35 -26.65 42.32
N LYS F 217 -27.30 -27.44 42.20
CA LYS F 217 -26.81 -27.83 40.88
C LYS F 217 -27.79 -28.75 40.17
N ASP F 218 -28.37 -29.70 40.88
CA ASP F 218 -29.17 -30.74 40.23
C ASP F 218 -30.59 -30.27 39.94
N ILE F 219 -31.31 -29.79 40.96
CA ILE F 219 -32.74 -29.53 40.81
C ILE F 219 -33.01 -28.41 39.81
N LEU F 220 -32.05 -27.52 39.57
CA LEU F 220 -32.27 -26.36 38.73
C LEU F 220 -32.34 -26.68 37.24
N SER F 221 -32.37 -27.96 36.87
CA SER F 221 -32.15 -28.36 35.48
C SER F 221 -33.39 -28.92 34.79
N LEU F 222 -34.34 -29.50 35.52
CA LEU F 222 -35.43 -30.24 34.91
C LEU F 222 -36.44 -29.28 34.27
N PRO F 223 -37.15 -29.74 33.21
CA PRO F 223 -37.86 -28.80 32.33
C PRO F 223 -39.16 -28.24 32.87
N ASP F 224 -39.42 -28.35 34.17
CA ASP F 224 -40.63 -27.79 34.75
C ASP F 224 -40.40 -27.03 36.04
N VAL F 225 -39.18 -27.00 36.55
CA VAL F 225 -38.81 -26.16 37.69
C VAL F 225 -38.11 -24.94 37.11
N ASP F 226 -38.79 -23.79 37.10
CA ASP F 226 -38.27 -22.59 36.46
C ASP F 226 -37.44 -21.79 37.45
N GLY F 227 -36.27 -22.35 37.77
CA GLY F 227 -35.35 -21.72 38.68
C GLY F 227 -35.59 -22.10 40.12
N GLY F 228 -34.89 -21.39 41.01
CA GLY F 228 -34.95 -21.67 42.42
C GLY F 228 -35.16 -20.39 43.23
N LEU F 229 -35.34 -20.60 44.54
CA LEU F 229 -35.53 -19.50 45.48
C LEU F 229 -35.20 -20.00 46.88
N ILE F 230 -34.38 -19.25 47.59
CA ILE F 230 -33.91 -19.66 48.92
C ILE F 230 -33.30 -18.45 49.61
N GLY F 231 -33.39 -18.39 50.94
CA GLY F 231 -32.76 -17.31 51.67
C GLY F 231 -31.92 -17.77 52.83
N GLY F 232 -32.34 -18.87 53.47
CA GLY F 232 -31.54 -19.44 54.54
C GLY F 232 -30.20 -19.96 54.07
N ALA F 233 -30.12 -20.41 52.82
CA ALA F 233 -28.88 -20.90 52.25
C ALA F 233 -28.31 -20.01 51.15
N SER F 234 -29.12 -19.12 50.58
CA SER F 234 -28.62 -18.07 49.71
C SER F 234 -28.18 -16.84 50.50
N LEU F 235 -28.07 -16.95 51.82
CA LEU F 235 -27.49 -15.87 52.63
C LEU F 235 -26.08 -15.53 52.14
N LYS F 236 -25.30 -16.54 51.76
CA LYS F 236 -23.88 -16.38 51.50
C LYS F 236 -23.68 -16.10 50.01
N ALA F 237 -22.96 -15.01 49.72
CA ALA F 237 -22.63 -14.70 48.33
C ALA F 237 -21.80 -15.80 47.69
N ALA F 238 -20.95 -16.46 48.47
CA ALA F 238 -20.20 -17.60 47.95
C ALA F 238 -21.13 -18.75 47.59
N GLU F 239 -22.16 -18.98 48.40
CA GLU F 239 -23.11 -20.05 48.11
C GLU F 239 -24.18 -19.61 47.12
N PHE F 240 -24.60 -18.34 47.16
CA PHE F 240 -25.66 -17.87 46.29
C PHE F 240 -25.16 -17.69 44.86
N ASN F 241 -24.17 -16.80 44.67
CA ASN F 241 -23.61 -16.57 43.34
C ASN F 241 -23.03 -17.85 42.75
N GLU F 242 -22.71 -18.84 43.59
CA GLU F 242 -22.40 -20.17 43.10
C GLU F 242 -23.52 -20.69 42.23
N ILE F 243 -24.71 -20.86 42.82
CA ILE F 243 -25.86 -21.51 42.17
C ILE F 243 -26.15 -20.94 40.79
N ILE F 244 -25.78 -19.68 40.54
CA ILE F 244 -26.15 -19.03 39.30
C ILE F 244 -25.45 -19.68 38.11
N ASN F 245 -24.21 -20.11 38.29
CA ASN F 245 -23.46 -20.72 37.19
C ASN F 245 -24.08 -22.04 36.74
N GLN F 246 -24.69 -22.77 37.67
CA GLN F 246 -25.38 -24.01 37.37
C GLN F 246 -26.77 -23.78 36.81
N ALA F 247 -27.23 -22.53 36.80
CA ALA F 247 -28.41 -22.13 36.03
C ALA F 247 -28.04 -21.32 34.80
N ASN F 248 -26.81 -20.78 34.74
CA ASN F 248 -26.35 -20.03 33.58
C ASN F 248 -26.15 -20.95 32.39
N LYS F 249 -25.21 -21.90 32.51
CA LYS F 249 -24.79 -22.71 31.39
C LYS F 249 -25.18 -24.17 31.47
N ILE F 250 -25.66 -24.65 32.62
CA ILE F 250 -26.04 -26.06 32.69
C ILE F 250 -27.35 -26.30 31.95
N CYS F 251 -28.23 -25.31 31.91
CA CYS F 251 -29.48 -25.41 31.16
C CYS F 251 -29.57 -24.40 30.02
N THR F 252 -29.30 -23.13 30.30
CA THR F 252 -29.30 -22.10 29.27
C THR F 252 -27.88 -21.88 28.77
N GLU F 253 -27.67 -20.82 28.00
CA GLU F 253 -26.35 -20.46 27.46
C GLU F 253 -25.69 -21.62 26.72
#